data_3KSA
#
_entry.id   3KSA
#
_cell.length_a   116.911
_cell.length_b   116.911
_cell.length_c   183.759
_cell.angle_alpha   90.00
_cell.angle_beta   90.00
_cell.angle_gamma   120.00
#
_symmetry.space_group_name_H-M   'P 32'
#
loop_
_entity.id
_entity.type
_entity.pdbx_description
1 polymer 'DNA topoisomerase 4 subunit A'
2 polymer 'DNA topoisomerase 4 subunit B'
3 polymer "5'-D(*AP*CP*CP*AP*AP*GP*GP*T*CP*AP*TP*GP*AP*AP*T)-3'"
4 polymer "5'-D(P*AP*GP*TP*CP*AP*TP*TP*CP*AP*TP*GP*AP*CP*CP*TP*TP*GP*GP*T)-3'"
5 polymer "5'-D(*CP*TP*GP*TP*TP*TP*TP*A*CP*GP*TP*GP*CP*AP*T)-3'"
6 polymer "5'-D(P*GP*AP*CP*TP*AP*TP*GP*CP*AP*CP*GP*TP*AP*AP*AP*AP*CP*AP*G)-3'"
7 non-polymer 'MAGNESIUM ION'
8 water water
#
loop_
_entity_poly.entity_id
_entity_poly.type
_entity_poly.pdbx_seq_one_letter_code
_entity_poly.pdbx_strand_id
1 'polypeptide(L)'
;MSNIQNMSLEDIMGERFGRYSKYIIQDRALPDIRDGLKPVQRRILYSMNKDSNTFDKSYRKSAKSVGNIMGNFHPHGDSS
IYDAMVRMSQNWKNREILVEMHGNNGSMDGDPPAAMRYTEARLSEIAGYLLQDIEKKTVPFAWNFDDTEKEPTVLPAAFP
NLLVNGSTGISAGYATDIPPHNLAEVIDAAVYMIDHPTAKIDKLMEFLPGPDFPTGAIIQGRDEIKKAYETGKGRVVVRS
KTEIEKLKGGKEQIVITEIPYEINKANLVKKIDDVRVNNKVAGIAEVRDESDRDGLRIAIELKKDANTELVLNYLFKYTD
LQINYNFNMVAIDNFTPRQVGIVPILSSYIAHRREVILARSRFDKEKAEKRLHIVEGLIRVISILDEVIALIRASENKAD
AKENLKVSYDFTEEQAEAIVTLQLYRLTNTDVVVLQEEEAELREKIAMLAAIIGDERTMYNLMKKELREVKKKFATPRLS
SLEDTAKALEHHHHHH
;
A,B
2 'polypeptide(L)'
;MGHHHHHHHHHHSSGHIDDDDKHMKNKKDKGLLSGKLTPAQSKNPAKNELYLVEGDSAGGSAKQGRDRKFQAILPLRGKV
INTAKAKMADILKNEEINTMIYTIGAGVGADFSIEDANYDKIIIMTDADTDGAHIQTLLLTFFYRYMRPLVEAGHVYIAL
PPLYKMSKGKGKKEEVAYAWTDGELEELRKQFGKGATLQRYKGLGEMNADQLWETTMNPETRTLIRVTIEDLARAERRVN
VLMGDKVEPRRKWIEDNVKFTLEEATVF
;
C,D
3 'polydeoxyribonucleotide' (DA)(DC)(DC)(DA)(DA)(DG)(DG)(DT)(DC)(DA)(DT)(DG)(DA)(DA)(DT) E
4 'polydeoxyribonucleotide' (DA)(DG)(DT)(DC)(DA)(DT)(DT)(DC)(DA)(DT)(DG)(DA)(DC)(DC)(DT)(DT)(DG)(DG)(DT) F
5 'polydeoxyribonucleotide' (DC)(DT)(DG)(DT)(DT)(DT)(DT)(DA)(DC)(DG)(DT)(DG)(DC)(DA)(DT) G
6 'polydeoxyribonucleotide' (DG)(DA)(DC)(DT)(DA)(DT)(DG)(DC)(DA)(DC)(DG)(DT)(DA)(DA)(DA)(DA)(DC)(DA)(DG) H
#
# COMPACT_ATOMS: atom_id res chain seq x y z
N ASN A 3 -8.12 39.15 12.21
CA ASN A 3 -9.13 38.23 12.75
C ASN A 3 -8.54 37.33 13.81
N ILE A 4 -9.25 37.21 14.92
CA ILE A 4 -8.81 36.42 16.05
C ILE A 4 -10.01 36.08 16.94
N GLN A 5 -10.15 34.80 17.29
CA GLN A 5 -11.16 34.40 18.26
C GLN A 5 -10.44 34.05 19.56
N ASN A 6 -10.99 34.58 20.64
CA ASN A 6 -10.32 34.55 21.91
C ASN A 6 -11.03 33.45 22.70
N MET A 7 -10.29 32.45 23.14
CA MET A 7 -10.90 31.36 23.88
C MET A 7 -10.12 31.05 25.14
N SER A 8 -10.80 30.52 26.15
CA SER A 8 -10.11 30.22 27.39
C SER A 8 -9.29 28.94 27.27
N LEU A 9 -8.70 28.52 28.38
CA LEU A 9 -7.85 27.36 28.40
C LEU A 9 -8.71 26.21 28.84
N GLU A 10 -9.62 26.52 29.77
CA GLU A 10 -10.50 25.51 30.35
C GLU A 10 -11.39 24.96 29.26
N ASP A 11 -12.10 25.87 28.59
CA ASP A 11 -13.04 25.52 27.53
C ASP A 11 -12.38 24.83 26.32
N ILE A 12 -11.30 25.43 25.82
CA ILE A 12 -10.55 24.81 24.74
C ILE A 12 -10.10 23.39 25.07
N MET A 13 -9.53 23.21 26.26
CA MET A 13 -9.07 21.91 26.73
C MET A 13 -10.25 20.96 26.84
N GLY A 14 -11.38 21.52 27.27
CA GLY A 14 -12.66 20.81 27.31
C GLY A 14 -13.07 20.20 25.98
N GLU A 15 -13.38 21.03 24.97
CA GLU A 15 -13.75 20.51 23.65
C GLU A 15 -12.71 19.54 23.13
N ARG A 16 -11.48 20.01 23.01
CA ARG A 16 -10.44 19.20 22.39
C ARG A 16 -10.30 17.84 23.06
N PHE A 17 -10.46 17.77 24.38
CA PHE A 17 -10.39 16.45 24.98
C PHE A 17 -11.60 15.60 24.62
N GLY A 18 -12.79 16.16 24.84
CA GLY A 18 -14.04 15.48 24.55
C GLY A 18 -14.11 14.88 23.15
N ARG A 19 -13.63 15.63 22.16
CA ARG A 19 -13.59 15.10 20.81
C ARG A 19 -12.79 13.83 20.77
N TYR A 20 -11.53 13.92 21.16
CA TYR A 20 -10.63 12.78 21.11
C TYR A 20 -11.13 11.62 21.97
N SER A 21 -11.48 11.89 23.20
CA SER A 21 -11.87 10.81 24.11
C SER A 21 -12.97 9.98 23.47
N LYS A 22 -13.94 10.68 22.90
CA LYS A 22 -15.05 10.07 22.22
C LYS A 22 -14.58 9.24 21.01
N TYR A 23 -13.87 9.85 20.07
CA TYR A 23 -13.44 9.14 18.86
C TYR A 23 -12.70 7.87 19.18
N ILE A 24 -11.85 7.93 20.21
CA ILE A 24 -11.04 6.80 20.65
C ILE A 24 -11.93 5.66 21.10
N ILE A 25 -12.88 5.99 21.98
CA ILE A 25 -13.77 5.00 22.55
C ILE A 25 -14.63 4.28 21.50
N GLN A 26 -15.40 5.04 20.74
CA GLN A 26 -16.23 4.48 19.69
C GLN A 26 -15.37 3.95 18.55
N ASP A 27 -14.73 4.86 17.85
CA ASP A 27 -14.02 4.57 16.61
C ASP A 27 -12.69 3.83 16.63
N ARG A 28 -11.94 3.82 17.73
CA ARG A 28 -10.67 3.09 17.70
C ARG A 28 -10.60 1.78 18.48
N ALA A 29 -10.73 1.88 19.80
CA ALA A 29 -10.29 0.79 20.67
C ALA A 29 -11.34 -0.24 20.94
N LEU A 30 -12.52 0.24 21.31
CA LEU A 30 -13.54 -0.66 21.83
C LEU A 30 -14.37 -1.30 20.73
N PRO A 31 -14.57 -2.61 20.87
CA PRO A 31 -15.34 -3.47 19.97
C PRO A 31 -16.83 -3.19 20.06
N ASP A 32 -17.54 -3.37 18.94
CA ASP A 32 -18.99 -3.28 18.99
C ASP A 32 -19.49 -4.53 19.68
N ILE A 33 -20.47 -4.36 20.55
CA ILE A 33 -21.01 -5.50 21.28
C ILE A 33 -21.78 -6.44 20.36
N ARG A 34 -22.01 -6.02 19.12
CA ARG A 34 -22.85 -6.77 18.18
C ARG A 34 -22.09 -7.74 17.28
N ASP A 35 -20.96 -7.29 16.73
CA ASP A 35 -20.14 -8.14 15.88
C ASP A 35 -18.78 -8.32 16.52
N GLY A 36 -18.63 -7.74 17.71
CA GLY A 36 -17.40 -7.84 18.48
C GLY A 36 -16.16 -7.40 17.76
N LEU A 37 -16.28 -6.44 16.86
CA LEU A 37 -15.13 -5.93 16.11
C LEU A 37 -14.78 -4.47 16.39
N LYS A 38 -13.48 -4.17 16.38
CA LYS A 38 -13.04 -2.78 16.28
C LYS A 38 -13.06 -2.39 14.81
N PRO A 39 -13.29 -1.10 14.53
CA PRO A 39 -13.33 -0.49 13.20
C PRO A 39 -12.27 -1.01 12.22
N VAL A 40 -11.00 -0.98 12.59
CA VAL A 40 -9.96 -1.46 11.69
C VAL A 40 -10.30 -2.87 11.29
N GLN A 41 -10.59 -3.72 12.27
CA GLN A 41 -10.98 -5.09 11.95
C GLN A 41 -12.08 -5.12 10.91
N ARG A 42 -13.19 -4.45 11.20
CA ARG A 42 -14.34 -4.42 10.31
C ARG A 42 -13.96 -3.97 8.91
N ARG A 43 -13.23 -2.87 8.80
CA ARG A 43 -12.82 -2.33 7.50
C ARG A 43 -11.93 -3.27 6.72
N ILE A 44 -11.01 -3.94 7.41
CA ILE A 44 -10.23 -4.98 6.78
C ILE A 44 -11.16 -6.02 6.20
N LEU A 45 -11.99 -6.61 7.07
CA LEU A 45 -12.91 -7.65 6.63
C LEU A 45 -13.75 -7.26 5.43
N TYR A 46 -14.46 -6.14 5.55
CA TYR A 46 -15.33 -5.68 4.48
C TYR A 46 -14.52 -5.48 3.21
N SER A 47 -13.43 -4.73 3.30
CA SER A 47 -12.64 -4.42 2.12
C SER A 47 -12.15 -5.68 1.44
N MET A 48 -11.52 -6.57 2.19
CA MET A 48 -10.98 -7.80 1.61
C MET A 48 -12.10 -8.53 0.90
N ASN A 49 -13.22 -8.71 1.59
CA ASN A 49 -14.34 -9.42 1.02
C ASN A 49 -14.95 -8.78 -0.24
N LYS A 50 -15.12 -7.47 -0.21
CA LYS A 50 -15.59 -6.72 -1.36
C LYS A 50 -14.67 -6.92 -2.55
N ASP A 51 -13.37 -6.89 -2.31
CA ASP A 51 -12.36 -7.17 -3.33
C ASP A 51 -12.26 -8.67 -3.68
N SER A 52 -13.33 -9.41 -3.42
CA SER A 52 -13.33 -10.87 -3.27
C SER A 52 -11.99 -11.59 -3.07
N ASN A 53 -11.45 -11.36 -1.88
CA ASN A 53 -10.22 -11.97 -1.39
C ASN A 53 -10.58 -13.06 -0.38
N THR A 54 -11.09 -14.19 -0.86
CA THR A 54 -11.75 -15.14 0.04
C THR A 54 -11.15 -16.54 0.11
N PHE A 55 -11.37 -17.17 1.27
CA PHE A 55 -10.77 -18.46 1.62
C PHE A 55 -10.68 -19.45 0.47
N ASP A 56 -11.62 -19.36 -0.46
CA ASP A 56 -11.74 -20.38 -1.49
C ASP A 56 -10.86 -20.03 -2.69
N LYS A 57 -10.46 -18.77 -2.79
CA LYS A 57 -9.65 -18.36 -3.92
C LYS A 57 -8.22 -18.05 -3.47
N SER A 58 -7.33 -17.90 -4.46
CA SER A 58 -5.91 -17.66 -4.21
C SER A 58 -5.65 -16.53 -3.21
N TYR A 59 -4.48 -16.56 -2.58
CA TYR A 59 -4.07 -15.50 -1.67
C TYR A 59 -3.77 -14.21 -2.43
N ARG A 60 -3.52 -13.14 -1.70
CA ARG A 60 -3.19 -11.86 -2.34
C ARG A 60 -2.25 -11.01 -1.49
N LYS A 61 -1.16 -10.59 -2.13
CA LYS A 61 -0.17 -9.66 -1.59
C LYS A 61 -0.69 -8.71 -0.51
N SER A 62 -0.50 -9.05 0.76
CA SER A 62 -0.96 -8.19 1.85
C SER A 62 -0.93 -6.69 1.51
N ALA A 63 0.20 -6.19 1.01
CA ALA A 63 0.34 -4.75 0.77
C ALA A 63 -0.72 -4.15 -0.18
N LYS A 64 -1.11 -4.90 -1.20
CA LYS A 64 -2.22 -4.51 -2.06
C LYS A 64 -3.48 -4.37 -1.23
N SER A 65 -3.78 -5.39 -0.43
CA SER A 65 -4.88 -5.32 0.52
C SER A 65 -4.82 -4.06 1.39
N VAL A 66 -3.65 -3.81 1.98
CA VAL A 66 -3.50 -2.68 2.91
C VAL A 66 -3.77 -1.36 2.19
N GLY A 67 -3.22 -1.22 1.00
CA GLY A 67 -3.38 0.00 0.24
C GLY A 67 -4.84 0.30 -0.02
N ASN A 68 -5.59 -0.72 -0.41
CA ASN A 68 -6.98 -0.50 -0.71
C ASN A 68 -7.77 -0.08 0.53
N ILE A 69 -7.55 -0.75 1.64
CA ILE A 69 -8.20 -0.37 2.87
C ILE A 69 -7.95 1.10 3.22
N MET A 70 -6.68 1.46 3.23
CA MET A 70 -6.26 2.84 3.47
C MET A 70 -6.96 3.80 2.52
N GLY A 71 -6.94 3.46 1.23
CA GLY A 71 -7.44 4.34 0.19
C GLY A 71 -8.94 4.57 0.23
N ASN A 72 -9.70 3.49 0.38
CA ASN A 72 -11.15 3.56 0.42
C ASN A 72 -11.74 3.88 1.77
N PHE A 73 -11.42 3.07 2.77
CA PHE A 73 -12.08 3.20 4.08
C PHE A 73 -11.35 3.86 5.24
N HIS A 74 -10.05 3.60 5.39
CA HIS A 74 -9.37 3.80 6.67
C HIS A 74 -8.16 4.75 6.67
N PRO A 75 -8.40 6.02 7.04
CA PRO A 75 -7.45 7.12 6.87
C PRO A 75 -6.34 7.14 7.91
N HIS A 76 -5.48 6.13 7.92
CA HIS A 76 -4.43 6.06 8.94
C HIS A 76 -3.20 5.33 8.45
N GLY A 77 -2.31 5.00 9.37
CA GLY A 77 -1.05 4.38 9.04
C GLY A 77 -1.26 3.02 8.41
N ASP A 78 -0.36 2.65 7.51
CA ASP A 78 -0.40 1.30 6.99
C ASP A 78 -0.07 0.34 8.11
N SER A 79 0.99 0.64 8.86
CA SER A 79 1.42 -0.27 9.91
C SER A 79 0.30 -0.59 10.88
N SER A 80 -0.47 0.43 11.28
CA SER A 80 -1.59 0.22 12.19
C SER A 80 -2.54 -0.83 11.62
N ILE A 81 -2.87 -0.65 10.35
CA ILE A 81 -3.76 -1.53 9.59
C ILE A 81 -3.22 -2.96 9.44
N TYR A 82 -2.05 -3.08 8.83
CA TYR A 82 -1.45 -4.38 8.57
C TYR A 82 -1.13 -5.15 9.83
N ASP A 83 -0.65 -4.43 10.83
CA ASP A 83 -0.37 -5.03 12.12
C ASP A 83 -1.65 -5.68 12.63
N ALA A 84 -2.74 -4.94 12.53
CA ALA A 84 -4.05 -5.41 12.97
C ALA A 84 -4.50 -6.60 12.14
N MET A 85 -4.28 -6.51 10.83
CA MET A 85 -4.64 -7.58 9.92
C MET A 85 -3.91 -8.84 10.33
N VAL A 86 -2.63 -8.70 10.58
CA VAL A 86 -1.80 -9.80 11.04
C VAL A 86 -2.29 -10.43 12.36
N ARG A 87 -2.73 -9.62 13.32
CA ARG A 87 -3.21 -10.21 14.56
C ARG A 87 -4.32 -11.19 14.24
N MET A 88 -5.20 -10.79 13.33
CA MET A 88 -6.35 -11.60 12.94
C MET A 88 -5.97 -12.95 12.30
N SER A 89 -4.69 -13.10 11.93
CA SER A 89 -4.14 -14.34 11.38
C SER A 89 -3.40 -15.22 12.38
N GLN A 90 -3.53 -14.90 13.66
CA GLN A 90 -2.72 -15.54 14.70
C GLN A 90 -3.46 -16.54 15.58
N ASN A 91 -3.39 -17.83 15.23
CA ASN A 91 -4.06 -18.87 16.02
C ASN A 91 -3.77 -18.94 17.52
N TRP A 92 -2.54 -18.66 17.95
CA TRP A 92 -2.30 -18.55 19.40
C TRP A 92 -2.97 -17.34 20.05
N LYS A 93 -3.33 -16.34 19.25
CA LYS A 93 -4.11 -15.20 19.75
C LYS A 93 -5.65 -15.32 19.65
N ASN A 94 -6.16 -15.57 18.45
CA ASN A 94 -7.61 -15.79 18.25
C ASN A 94 -8.05 -17.27 18.27
N ARG A 95 -9.23 -17.56 18.83
CA ARG A 95 -9.71 -18.94 18.84
C ARG A 95 -10.05 -19.34 17.43
N GLU A 96 -10.94 -18.56 16.84
CA GLU A 96 -11.33 -18.78 15.45
C GLU A 96 -10.81 -17.64 14.58
N ILE A 97 -9.72 -17.92 13.88
CA ILE A 97 -9.01 -16.98 13.00
C ILE A 97 -9.89 -16.37 11.90
N LEU A 98 -9.79 -15.05 11.67
CA LEU A 98 -10.56 -14.47 10.56
C LEU A 98 -9.71 -14.10 9.35
N VAL A 99 -8.44 -14.45 9.36
CA VAL A 99 -7.61 -14.14 8.22
C VAL A 99 -6.56 -15.20 8.10
N GLU A 100 -6.34 -15.72 6.90
CA GLU A 100 -5.26 -16.67 6.75
C GLU A 100 -4.12 -16.01 6.02
N MET A 101 -2.94 -16.06 6.62
CA MET A 101 -1.79 -15.42 6.04
C MET A 101 -0.72 -16.47 5.72
N HIS A 102 -0.13 -16.36 4.54
CA HIS A 102 0.85 -17.33 4.08
C HIS A 102 2.22 -16.66 4.11
N GLY A 103 3.13 -17.28 4.85
CA GLY A 103 4.43 -16.70 5.13
C GLY A 103 4.63 -16.56 6.63
N ASN A 104 5.52 -15.66 7.03
CA ASN A 104 5.82 -15.47 8.45
C ASN A 104 4.97 -14.39 9.10
N ASN A 105 4.05 -14.79 9.98
CA ASN A 105 3.23 -13.83 10.70
C ASN A 105 3.52 -13.88 12.18
N GLY A 106 4.79 -13.96 12.55
CA GLY A 106 5.17 -14.04 13.95
C GLY A 106 5.00 -15.44 14.52
N SER A 107 4.96 -15.54 15.85
CA SER A 107 4.71 -16.81 16.54
C SER A 107 4.57 -16.65 18.06
N MET A 108 4.61 -17.77 18.77
CA MET A 108 4.59 -17.75 20.23
C MET A 108 5.90 -17.25 20.84
N ASP A 109 7.02 -17.61 20.22
CA ASP A 109 8.32 -17.11 20.66
C ASP A 109 8.34 -15.58 20.57
N GLY A 110 7.32 -15.02 19.92
CA GLY A 110 7.17 -13.58 19.86
C GLY A 110 7.87 -12.93 18.67
N ASP A 111 8.61 -13.73 17.90
CA ASP A 111 9.28 -13.20 16.70
C ASP A 111 8.33 -12.32 15.90
N PRO A 112 8.86 -11.21 15.34
CA PRO A 112 8.05 -10.20 14.66
C PRO A 112 7.62 -10.71 13.32
N PRO A 113 6.38 -10.40 12.93
CA PRO A 113 5.74 -10.77 11.67
C PRO A 113 6.54 -10.22 10.51
N ALA A 114 6.56 -10.94 9.41
CA ALA A 114 7.31 -10.50 8.25
C ALA A 114 6.72 -9.22 7.69
N ALA A 115 7.58 -8.32 7.21
CA ALA A 115 7.13 -7.08 6.61
C ALA A 115 6.02 -7.35 5.61
N MET A 116 5.11 -6.38 5.48
CA MET A 116 3.93 -6.58 4.68
C MET A 116 4.26 -6.87 3.22
N ARG A 117 5.33 -6.27 2.70
CA ARG A 117 5.67 -6.53 1.28
C ARG A 117 6.00 -7.98 1.03
N TYR A 118 6.28 -8.72 2.09
CA TYR A 118 6.64 -10.11 1.93
C TYR A 118 5.40 -11.02 1.91
N THR A 119 4.37 -10.72 2.70
CA THR A 119 3.34 -11.71 2.96
C THR A 119 2.14 -11.64 2.03
N GLU A 120 1.27 -12.65 2.12
CA GLU A 120 0.06 -12.78 1.30
C GLU A 120 -1.09 -13.16 2.21
N ALA A 121 -2.30 -12.67 1.92
CA ALA A 121 -3.42 -12.96 2.82
C ALA A 121 -4.78 -13.11 2.15
N ARG A 122 -5.66 -13.87 2.77
CA ARG A 122 -7.06 -13.95 2.38
C ARG A 122 -7.97 -14.02 3.59
N LEU A 123 -9.28 -13.93 3.37
CA LEU A 123 -10.20 -14.05 4.51
C LEU A 123 -10.41 -15.54 4.74
N SER A 124 -10.66 -15.90 5.99
CA SER A 124 -10.87 -17.31 6.29
C SER A 124 -12.29 -17.71 5.96
N GLU A 125 -12.66 -18.93 6.28
CA GLU A 125 -13.97 -19.40 5.88
C GLU A 125 -15.03 -18.81 6.78
N ILE A 126 -14.88 -18.98 8.09
CA ILE A 126 -15.87 -18.49 9.04
C ILE A 126 -16.09 -16.98 8.92
N ALA A 127 -15.08 -16.27 8.42
CA ALA A 127 -15.16 -14.83 8.26
C ALA A 127 -16.30 -14.46 7.32
N GLY A 128 -16.50 -15.28 6.30
CA GLY A 128 -17.55 -15.06 5.33
C GLY A 128 -18.87 -14.97 6.04
N TYR A 129 -19.02 -15.82 7.04
CA TYR A 129 -20.20 -15.82 7.89
C TYR A 129 -20.41 -14.49 8.60
N LEU A 130 -19.34 -13.85 9.06
CA LEU A 130 -19.49 -12.50 9.56
C LEU A 130 -20.12 -11.56 8.52
N LEU A 131 -19.71 -11.71 7.26
CA LEU A 131 -20.24 -10.91 6.16
C LEU A 131 -21.54 -11.40 5.51
N GLN A 132 -21.95 -12.65 5.76
CA GLN A 132 -23.13 -13.23 5.08
C GLN A 132 -24.35 -12.34 5.14
N ASP A 133 -24.93 -12.05 3.97
CA ASP A 133 -26.16 -11.26 3.86
C ASP A 133 -25.88 -9.75 3.73
N ILE A 134 -24.62 -9.37 3.90
CA ILE A 134 -24.22 -7.97 3.83
C ILE A 134 -24.85 -7.28 2.61
N GLU A 135 -24.86 -7.99 1.48
CA GLU A 135 -25.25 -7.44 0.19
C GLU A 135 -26.75 -7.32 0.01
N LYS A 136 -27.52 -7.78 0.98
CA LYS A 136 -28.98 -7.71 0.86
C LYS A 136 -29.51 -6.72 1.92
N LYS A 137 -28.95 -5.51 1.91
CA LYS A 137 -29.38 -4.39 2.77
C LYS A 137 -29.76 -4.81 4.18
N THR A 138 -28.84 -5.44 4.87
CA THR A 138 -29.14 -6.09 6.14
C THR A 138 -28.67 -5.23 7.27
N VAL A 139 -27.97 -4.17 6.90
CA VAL A 139 -27.16 -3.45 7.88
C VAL A 139 -26.98 -1.99 7.48
N PRO A 140 -26.93 -1.10 8.47
CA PRO A 140 -26.72 0.34 8.27
C PRO A 140 -25.36 0.69 7.65
N PHE A 141 -25.38 1.45 6.57
CA PHE A 141 -24.14 1.97 5.98
C PHE A 141 -23.92 3.45 6.28
N ALA A 142 -22.67 3.89 6.17
CA ALA A 142 -22.31 5.30 6.27
C ALA A 142 -21.40 5.61 5.10
N TRP A 143 -21.10 6.89 4.89
CA TRP A 143 -20.19 7.25 3.83
C TRP A 143 -18.78 7.06 4.36
N ASN A 144 -17.83 6.82 3.48
CA ASN A 144 -16.43 6.85 3.90
C ASN A 144 -15.95 8.29 4.06
N PHE A 145 -14.74 8.47 4.56
CA PHE A 145 -14.25 9.83 4.81
C PHE A 145 -14.36 10.76 3.61
N ASP A 146 -14.38 10.22 2.39
CA ASP A 146 -14.33 11.06 1.20
C ASP A 146 -15.70 11.30 0.55
N ASP A 147 -16.69 10.51 0.97
CA ASP A 147 -18.05 10.51 0.39
C ASP A 147 -18.06 9.80 -0.95
N THR A 148 -17.01 9.03 -1.20
CA THR A 148 -16.86 8.36 -2.48
C THR A 148 -17.51 6.99 -2.50
N GLU A 149 -17.57 6.34 -1.35
CA GLU A 149 -18.09 4.97 -1.28
C GLU A 149 -18.66 4.66 0.10
N LYS A 150 -19.54 3.67 0.16
CA LYS A 150 -20.25 3.39 1.41
C LYS A 150 -19.72 2.16 2.17
N GLU A 151 -19.76 2.27 3.50
CA GLU A 151 -19.05 1.39 4.40
C GLU A 151 -20.02 0.93 5.48
N PRO A 152 -19.98 -0.36 5.85
CA PRO A 152 -20.85 -0.92 6.89
C PRO A 152 -20.52 -0.35 8.25
N THR A 153 -21.52 -0.12 9.09
CA THR A 153 -21.26 0.39 10.44
C THR A 153 -21.16 -0.75 11.44
N VAL A 154 -21.59 -1.92 11.01
CA VAL A 154 -21.43 -3.13 11.77
C VAL A 154 -21.61 -4.24 10.77
N LEU A 155 -21.21 -5.45 11.12
CA LEU A 155 -21.39 -6.54 10.18
C LEU A 155 -22.64 -7.32 10.53
N PRO A 156 -23.12 -8.15 9.60
CA PRO A 156 -24.25 -9.04 9.85
C PRO A 156 -24.01 -9.96 11.04
N ALA A 157 -22.94 -10.76 11.00
CA ALA A 157 -22.52 -11.57 12.16
C ALA A 157 -23.27 -12.88 12.34
N ALA A 158 -22.96 -13.85 11.51
CA ALA A 158 -23.58 -15.15 11.59
C ALA A 158 -23.31 -15.83 12.93
N PHE A 159 -22.18 -15.50 13.55
CA PHE A 159 -21.87 -16.04 14.89
C PHE A 159 -21.42 -14.94 15.82
N PRO A 160 -21.51 -15.19 17.15
CA PRO A 160 -21.22 -14.22 18.22
C PRO A 160 -19.73 -13.95 18.45
N ASN A 161 -19.10 -13.38 17.43
CA ASN A 161 -17.66 -13.13 17.41
C ASN A 161 -17.09 -12.52 18.68
N LEU A 162 -17.87 -11.67 19.36
CA LEU A 162 -17.37 -10.94 20.53
C LEU A 162 -16.80 -11.89 21.59
N LEU A 163 -17.63 -12.83 22.05
CA LEU A 163 -17.19 -13.83 23.03
C LEU A 163 -16.18 -14.81 22.45
N VAL A 164 -16.40 -15.20 21.20
CA VAL A 164 -15.56 -16.19 20.56
C VAL A 164 -14.08 -15.80 20.53
N ASN A 165 -13.77 -14.68 19.86
CA ASN A 165 -12.39 -14.21 19.78
C ASN A 165 -11.97 -13.17 20.82
N GLY A 166 -12.81 -12.95 21.82
CA GLY A 166 -12.52 -11.94 22.84
C GLY A 166 -12.07 -10.62 22.22
N SER A 167 -11.38 -9.80 22.99
CA SER A 167 -10.82 -8.55 22.48
C SER A 167 -10.21 -7.66 23.55
N THR A 168 -9.20 -6.89 23.16
CA THR A 168 -8.57 -5.89 24.02
C THR A 168 -8.01 -4.78 23.11
N GLY A 169 -8.00 -3.50 23.51
CA GLY A 169 -8.60 -2.97 24.74
C GLY A 169 -7.95 -1.78 25.48
N ILE A 170 -7.51 -0.72 24.80
CA ILE A 170 -7.04 0.48 25.53
C ILE A 170 -7.49 1.82 24.92
N SER A 171 -8.32 2.54 25.66
CA SER A 171 -8.84 3.80 25.18
C SER A 171 -8.68 4.85 26.27
N ALA A 172 -9.19 6.05 26.02
CA ALA A 172 -9.32 7.07 27.06
C ALA A 172 -10.44 6.76 28.07
N GLY A 173 -10.08 6.62 29.34
CA GLY A 173 -11.05 6.33 30.39
C GLY A 173 -11.46 4.87 30.46
N TYR A 174 -11.37 4.16 29.35
CA TYR A 174 -11.76 2.77 29.35
C TYR A 174 -10.71 1.86 28.74
N ALA A 175 -10.62 0.65 29.27
CA ALA A 175 -9.82 -0.39 28.64
C ALA A 175 -10.69 -1.64 28.58
N THR A 176 -10.34 -2.58 27.71
CA THR A 176 -11.11 -3.81 27.62
C THR A 176 -10.23 -5.03 27.53
N ASP A 177 -10.63 -6.10 28.23
CA ASP A 177 -10.08 -7.43 28.03
C ASP A 177 -11.22 -8.45 28.05
N ILE A 178 -11.35 -9.22 26.97
CA ILE A 178 -12.39 -10.24 26.87
C ILE A 178 -11.83 -11.58 26.37
N PRO A 179 -11.85 -12.59 27.24
CA PRO A 179 -11.17 -13.85 26.92
C PRO A 179 -11.91 -14.52 25.79
N PRO A 180 -11.19 -15.26 24.95
CA PRO A 180 -11.80 -16.03 23.87
C PRO A 180 -12.74 -17.07 24.42
N HIS A 181 -13.69 -17.52 23.62
CA HIS A 181 -14.62 -18.57 24.06
C HIS A 181 -14.82 -19.64 22.98
N ASN A 182 -15.28 -20.81 23.43
CA ASN A 182 -15.59 -21.95 22.54
C ASN A 182 -16.81 -21.77 21.64
N LEU A 183 -16.59 -21.42 20.37
CA LEU A 183 -17.70 -21.16 19.45
C LEU A 183 -18.92 -22.04 19.69
N ALA A 184 -18.72 -23.36 19.84
CA ALA A 184 -19.83 -24.28 20.13
C ALA A 184 -20.62 -23.84 21.36
N GLU A 185 -19.96 -23.89 22.50
CA GLU A 185 -20.57 -23.52 23.77
C GLU A 185 -21.25 -22.14 23.73
N VAL A 186 -20.66 -21.19 23.04
CA VAL A 186 -21.28 -19.86 23.03
C VAL A 186 -22.64 -19.94 22.38
N ILE A 187 -22.68 -20.49 21.18
CA ILE A 187 -23.91 -20.58 20.43
C ILE A 187 -24.98 -21.32 21.23
N ASP A 188 -24.57 -22.33 21.99
CA ASP A 188 -25.50 -23.03 22.89
C ASP A 188 -26.19 -22.01 23.79
N ALA A 189 -25.38 -21.18 24.42
CA ALA A 189 -25.89 -20.16 25.32
C ALA A 189 -26.89 -19.30 24.56
N ALA A 190 -26.48 -18.84 23.40
CA ALA A 190 -27.32 -17.99 22.56
C ALA A 190 -28.67 -18.63 22.32
N VAL A 191 -28.67 -19.84 21.78
CA VAL A 191 -29.92 -20.50 21.47
C VAL A 191 -30.78 -20.64 22.73
N TYR A 192 -30.18 -21.03 23.84
CA TYR A 192 -30.97 -21.18 25.05
C TYR A 192 -31.67 -19.88 25.38
N MET A 193 -30.92 -18.79 25.40
CA MET A 193 -31.50 -17.46 25.66
C MET A 193 -32.59 -17.11 24.66
N ILE A 194 -32.38 -17.46 23.39
CA ILE A 194 -33.37 -17.17 22.36
C ILE A 194 -34.74 -17.70 22.78
N ASP A 195 -34.76 -18.92 23.32
CA ASP A 195 -35.97 -19.50 23.87
C ASP A 195 -36.38 -18.95 25.25
N HIS A 196 -35.52 -19.12 26.27
CA HIS A 196 -35.74 -18.56 27.62
C HIS A 196 -35.02 -17.24 27.93
N PRO A 197 -35.52 -16.11 27.41
CA PRO A 197 -34.85 -14.82 27.53
C PRO A 197 -34.52 -14.39 28.95
N THR A 198 -35.44 -14.64 29.87
CA THR A 198 -35.27 -14.24 31.26
C THR A 198 -34.24 -15.10 31.97
N ALA A 199 -33.24 -15.57 31.23
CA ALA A 199 -32.30 -16.57 31.72
C ALA A 199 -31.35 -16.04 32.78
N LYS A 200 -31.16 -16.85 33.82
CA LYS A 200 -30.22 -16.52 34.88
C LYS A 200 -28.83 -17.03 34.53
N ILE A 201 -27.80 -16.36 35.03
CA ILE A 201 -26.42 -16.74 34.73
C ILE A 201 -26.09 -18.18 35.07
N ASP A 202 -26.54 -18.64 36.22
CA ASP A 202 -26.26 -20.02 36.64
C ASP A 202 -26.58 -21.02 35.54
N LYS A 203 -27.78 -20.92 34.96
CA LYS A 203 -28.17 -21.82 33.88
C LYS A 203 -27.34 -21.59 32.62
N LEU A 204 -27.09 -20.34 32.28
CA LEU A 204 -26.32 -20.05 31.07
C LEU A 204 -24.94 -20.68 31.18
N MET A 205 -24.41 -20.69 32.40
CA MET A 205 -23.10 -21.24 32.70
C MET A 205 -22.99 -22.72 32.36
N GLU A 206 -24.10 -23.43 32.49
CA GLU A 206 -24.18 -24.82 32.05
C GLU A 206 -23.78 -24.93 30.57
N PHE A 207 -24.18 -23.95 29.78
CA PHE A 207 -23.70 -23.85 28.39
C PHE A 207 -22.31 -23.19 28.22
N LEU A 208 -22.20 -21.88 28.42
CA LEU A 208 -20.91 -21.18 28.45
C LEU A 208 -20.29 -21.22 29.86
N PRO A 209 -19.42 -22.21 30.13
CA PRO A 209 -18.79 -22.44 31.44
C PRO A 209 -17.49 -21.70 31.63
N GLY A 210 -17.25 -20.61 30.90
CA GLY A 210 -15.98 -19.92 31.02
C GLY A 210 -15.13 -20.02 29.78
N PRO A 211 -14.06 -19.23 29.73
CA PRO A 211 -13.19 -18.99 28.56
C PRO A 211 -12.64 -20.25 27.92
N ASP A 212 -12.32 -20.17 26.64
CA ASP A 212 -11.54 -21.22 25.97
C ASP A 212 -10.33 -20.60 25.25
N PHE A 213 -9.15 -20.72 25.85
CA PHE A 213 -7.94 -20.14 25.25
C PHE A 213 -7.39 -21.03 24.14
N PRO A 214 -7.00 -20.41 23.03
CA PRO A 214 -6.48 -21.12 21.85
C PRO A 214 -5.17 -21.80 22.22
N THR A 215 -4.56 -21.34 23.30
CA THR A 215 -3.28 -21.84 23.73
C THR A 215 -3.46 -22.99 24.69
N GLY A 216 -4.69 -23.49 24.78
CA GLY A 216 -5.01 -24.55 25.71
C GLY A 216 -4.98 -24.06 27.15
N ALA A 217 -4.28 -24.79 28.01
CA ALA A 217 -4.05 -24.40 29.40
C ALA A 217 -5.15 -24.79 30.39
N ILE A 218 -4.88 -24.59 31.67
CA ILE A 218 -5.81 -24.95 32.73
C ILE A 218 -6.35 -23.71 33.42
N ILE A 219 -7.67 -23.65 33.58
CA ILE A 219 -8.31 -22.48 34.16
C ILE A 219 -9.02 -22.85 35.43
N GLN A 220 -8.62 -22.24 36.53
CA GLN A 220 -9.20 -22.56 37.82
C GLN A 220 -9.73 -21.28 38.44
N GLY A 221 -11.01 -21.29 38.77
CA GLY A 221 -11.63 -20.15 39.42
C GLY A 221 -13.10 -20.04 39.10
N ARG A 222 -13.82 -21.15 39.24
CA ARG A 222 -15.25 -21.14 38.99
C ARG A 222 -15.92 -19.90 39.58
N ASP A 223 -15.66 -19.64 40.86
CA ASP A 223 -16.34 -18.58 41.61
C ASP A 223 -16.17 -17.20 40.96
N GLU A 224 -14.93 -16.78 40.77
CA GLU A 224 -14.66 -15.49 40.12
C GLU A 224 -15.12 -15.42 38.64
N ILE A 225 -15.17 -16.55 37.95
CA ILE A 225 -15.68 -16.58 36.58
C ILE A 225 -17.13 -16.16 36.52
N LYS A 226 -17.91 -16.66 37.47
CA LYS A 226 -19.29 -16.21 37.61
C LYS A 226 -19.27 -14.69 37.82
N LYS A 227 -18.46 -14.22 38.77
CA LYS A 227 -18.40 -12.80 39.08
C LYS A 227 -18.22 -12.02 37.78
N ALA A 228 -17.27 -12.47 36.97
CA ALA A 228 -16.97 -11.87 35.69
C ALA A 228 -18.19 -11.87 34.78
N TYR A 229 -18.79 -13.04 34.59
CA TYR A 229 -19.97 -13.18 33.75
C TYR A 229 -21.17 -12.33 34.20
N GLU A 230 -21.35 -12.16 35.51
CA GLU A 230 -22.38 -11.24 36.02
C GLU A 230 -21.97 -9.76 35.91
N THR A 231 -20.90 -9.38 36.59
CA THR A 231 -20.46 -7.99 36.70
C THR A 231 -19.75 -7.41 35.47
N GLY A 232 -18.85 -8.20 34.89
CA GLY A 232 -18.02 -7.72 33.79
C GLY A 232 -16.54 -7.67 34.14
N LYS A 233 -16.24 -7.67 35.44
CA LYS A 233 -14.88 -7.72 35.96
C LYS A 233 -14.70 -8.98 36.80
N GLY A 234 -13.54 -9.61 36.68
CA GLY A 234 -13.20 -10.78 37.50
C GLY A 234 -11.74 -11.18 37.34
N ARG A 235 -11.19 -11.87 38.32
CA ARG A 235 -9.85 -12.43 38.14
C ARG A 235 -9.85 -13.94 38.25
N VAL A 236 -9.15 -14.58 37.31
CA VAL A 236 -9.15 -16.02 37.15
C VAL A 236 -7.71 -16.51 37.18
N VAL A 237 -7.50 -17.78 37.52
CA VAL A 237 -6.14 -18.31 37.51
C VAL A 237 -5.94 -19.27 36.34
N VAL A 238 -4.78 -19.15 35.70
CA VAL A 238 -4.47 -19.94 34.52
C VAL A 238 -3.14 -20.62 34.75
N ARG A 239 -3.11 -21.94 34.61
CA ARG A 239 -1.87 -22.67 34.85
C ARG A 239 -1.48 -23.50 33.64
N SER A 240 -0.22 -23.36 33.26
CA SER A 240 0.36 -24.19 32.21
C SER A 240 0.14 -25.67 32.56
N LYS A 241 0.17 -26.53 31.55
CA LYS A 241 -0.21 -27.92 31.72
C LYS A 241 1.03 -28.79 31.79
N THR A 242 1.15 -29.55 32.87
CA THR A 242 2.42 -30.19 33.21
C THR A 242 2.33 -31.71 33.20
N GLU A 243 3.44 -32.33 32.79
CA GLU A 243 3.61 -33.77 32.79
C GLU A 243 5.01 -34.12 33.34
N ILE A 244 5.14 -35.24 34.04
CA ILE A 244 6.47 -35.65 34.52
C ILE A 244 6.98 -36.91 33.81
N GLU A 245 8.17 -36.80 33.23
CA GLU A 245 8.77 -37.89 32.46
C GLU A 245 9.99 -38.37 33.22
N LYS A 246 10.23 -39.68 33.18
CA LYS A 246 11.31 -40.29 33.96
C LYS A 246 12.28 -41.08 33.07
N GLN A 253 11.95 -35.22 35.22
CA GLN A 253 11.82 -34.25 34.12
C GLN A 253 10.41 -33.66 34.00
N ILE A 254 10.34 -32.35 33.83
CA ILE A 254 9.06 -31.66 33.74
C ILE A 254 8.82 -31.22 32.31
N VAL A 255 7.68 -31.62 31.76
CA VAL A 255 7.36 -31.33 30.37
C VAL A 255 6.21 -30.34 30.31
N ILE A 256 6.38 -29.30 29.50
CA ILE A 256 5.36 -28.26 29.40
C ILE A 256 4.80 -28.26 28.00
N THR A 257 3.48 -28.37 27.87
CA THR A 257 2.90 -28.50 26.54
C THR A 257 1.74 -27.56 26.30
N GLU A 258 1.54 -26.62 27.22
CA GLU A 258 0.52 -25.58 27.06
C GLU A 258 0.94 -24.46 28.00
N ILE A 259 0.79 -23.22 27.59
CA ILE A 259 1.11 -22.11 28.48
C ILE A 259 -0.02 -21.08 28.51
N PRO A 260 0.02 -20.19 29.51
CA PRO A 260 -1.05 -19.21 29.72
C PRO A 260 -1.20 -18.20 28.59
N TYR A 261 -2.38 -18.18 27.99
CA TYR A 261 -2.78 -17.15 27.03
C TYR A 261 -2.09 -15.79 27.19
N GLU A 262 -1.71 -15.21 26.07
CA GLU A 262 -1.13 -13.87 26.05
C GLU A 262 0.24 -13.83 26.71
N ILE A 263 0.86 -15.00 26.86
CA ILE A 263 2.14 -15.09 27.50
C ILE A 263 3.22 -15.45 26.47
N ASN A 264 4.43 -14.97 26.67
CA ASN A 264 5.53 -15.07 25.69
C ASN A 264 6.49 -16.25 25.81
N LYS A 265 6.16 -17.38 25.19
CA LYS A 265 7.01 -18.58 25.32
C LYS A 265 8.50 -18.31 25.44
N ALA A 266 9.02 -17.43 24.59
CA ALA A 266 10.46 -17.17 24.57
C ALA A 266 10.97 -16.66 25.91
N ASN A 267 10.48 -15.50 26.31
CA ASN A 267 10.85 -14.91 27.60
C ASN A 267 10.51 -15.84 28.74
N LEU A 268 9.34 -16.48 28.67
CA LEU A 268 8.93 -17.42 29.70
C LEU A 268 10.06 -18.41 29.96
N VAL A 269 10.64 -18.94 28.89
CA VAL A 269 11.77 -19.84 29.01
C VAL A 269 13.00 -19.19 29.66
N LYS A 270 13.40 -18.01 29.20
CA LYS A 270 14.54 -17.33 29.84
C LYS A 270 14.29 -17.15 31.34
N LYS A 271 13.13 -16.61 31.69
CA LYS A 271 12.80 -16.35 33.07
C LYS A 271 12.92 -17.58 33.95
N ILE A 272 12.59 -18.74 33.38
CA ILE A 272 12.77 -20.01 34.11
C ILE A 272 14.23 -20.35 34.35
N ASP A 273 15.03 -20.35 33.29
CA ASP A 273 16.46 -20.62 33.40
C ASP A 273 17.16 -19.61 34.31
N ASP A 274 16.69 -18.38 34.29
CA ASP A 274 17.19 -17.35 35.19
C ASP A 274 17.02 -17.81 36.65
N VAL A 275 15.93 -18.52 36.91
CA VAL A 275 15.71 -19.13 38.23
C VAL A 275 16.84 -20.08 38.57
N ARG A 276 17.18 -20.96 37.64
CA ARG A 276 18.29 -21.87 37.85
C ARG A 276 19.60 -21.15 38.15
N VAL A 277 20.03 -20.27 37.25
CA VAL A 277 21.30 -19.56 37.41
C VAL A 277 21.40 -18.76 38.70
N ASN A 278 20.35 -18.00 39.01
CA ASN A 278 20.27 -17.34 40.30
C ASN A 278 20.10 -18.36 41.44
N ASN A 279 20.03 -19.65 41.08
CA ASN A 279 19.75 -20.71 42.05
C ASN A 279 18.76 -20.25 43.12
N LYS A 280 17.68 -19.62 42.67
CA LYS A 280 16.67 -19.07 43.57
C LYS A 280 15.87 -20.18 44.23
N VAL A 281 15.89 -21.37 43.63
CA VAL A 281 15.26 -22.53 44.24
C VAL A 281 16.11 -23.79 44.14
N ALA A 282 15.73 -24.80 44.92
CA ALA A 282 16.50 -26.03 45.06
C ALA A 282 16.90 -26.71 43.75
N GLY A 283 16.20 -27.79 43.44
CA GLY A 283 16.61 -28.70 42.36
C GLY A 283 16.67 -28.17 40.94
N ILE A 284 16.58 -26.84 40.78
CA ILE A 284 16.74 -26.25 39.45
C ILE A 284 17.92 -26.93 38.81
N ALA A 285 17.78 -27.35 37.56
CA ALA A 285 18.81 -28.18 36.98
C ALA A 285 19.30 -27.70 35.61
N VAL A 287 17.06 -26.08 32.08
CA VAL A 287 15.88 -25.67 31.29
C VAL A 287 16.18 -25.56 29.78
N ARG A 288 15.48 -26.36 28.98
CA ARG A 288 15.68 -26.40 27.53
C ARG A 288 14.34 -26.25 26.78
N ASP A 289 14.36 -25.57 25.64
CA ASP A 289 13.15 -25.51 24.81
C ASP A 289 13.41 -26.30 23.55
N GLU A 290 12.60 -27.34 23.34
CA GLU A 290 12.73 -28.15 22.14
C GLU A 290 11.39 -28.18 21.42
N SER A 291 11.09 -27.08 20.74
CA SER A 291 9.81 -26.93 20.09
C SER A 291 9.99 -26.75 18.59
N ASP A 292 9.19 -27.46 17.82
CA ASP A 292 9.26 -27.35 16.36
C ASP A 292 7.87 -27.17 15.76
N ARG A 293 7.84 -26.72 14.51
CA ARG A 293 6.61 -26.64 13.74
C ARG A 293 5.72 -27.87 13.94
N ASP A 294 4.79 -27.78 14.90
CA ASP A 294 3.81 -28.82 15.27
C ASP A 294 3.99 -29.42 16.68
N GLY A 295 3.86 -28.58 17.70
CA GLY A 295 3.93 -29.03 19.07
C GLY A 295 4.76 -28.14 19.96
N LEU A 296 4.30 -27.94 21.20
CA LEU A 296 5.03 -27.13 22.16
C LEU A 296 5.65 -28.06 23.19
N ARG A 297 6.94 -27.89 23.44
CA ARG A 297 7.65 -28.72 24.41
C ARG A 297 8.72 -27.90 25.14
N ILE A 298 8.57 -27.76 26.46
CA ILE A 298 9.60 -27.13 27.26
C ILE A 298 9.99 -28.10 28.34
N ALA A 299 11.29 -28.41 28.40
CA ALA A 299 11.79 -29.45 29.28
C ALA A 299 12.56 -28.85 30.44
N ILE A 300 12.10 -29.17 31.64
CA ILE A 300 12.81 -28.79 32.84
C ILE A 300 13.23 -30.07 33.50
N GLU A 301 14.50 -30.44 33.32
CA GLU A 301 15.00 -31.75 33.72
C GLU A 301 15.80 -31.56 34.98
N LEU A 302 15.51 -32.38 35.99
CA LEU A 302 15.88 -32.06 37.36
C LEU A 302 17.08 -32.86 37.85
N LYS A 303 17.64 -32.44 38.99
CA LYS A 303 18.97 -32.91 39.39
C LYS A 303 18.92 -34.12 40.32
N LYS A 304 19.24 -33.93 41.59
CA LYS A 304 19.31 -35.05 42.52
C LYS A 304 18.09 -35.08 43.44
N ASP A 305 18.11 -34.24 44.48
CA ASP A 305 16.97 -34.06 45.36
C ASP A 305 15.76 -33.62 44.53
N ALA A 306 14.97 -34.59 44.10
CA ALA A 306 13.80 -34.35 43.27
C ALA A 306 12.67 -33.70 44.07
N ASN A 307 13.00 -32.61 44.75
CA ASN A 307 12.02 -31.74 45.37
C ASN A 307 11.07 -31.19 44.31
N THR A 308 10.84 -31.95 43.26
CA THR A 308 10.10 -31.50 42.08
C THR A 308 8.81 -30.75 42.41
N GLU A 309 8.00 -31.27 43.32
CA GLU A 309 6.75 -30.62 43.69
C GLU A 309 6.95 -29.20 44.23
N LEU A 310 7.96 -29.05 45.10
CA LEU A 310 8.38 -27.74 45.58
C LEU A 310 8.90 -26.87 44.44
N VAL A 311 9.67 -27.46 43.53
CA VAL A 311 10.23 -26.73 42.37
C VAL A 311 9.12 -26.23 41.43
N LEU A 312 8.20 -27.13 41.09
CA LEU A 312 7.05 -26.80 40.25
C LEU A 312 6.17 -25.76 40.93
N ASN A 313 5.81 -26.03 42.18
CA ASN A 313 4.98 -25.10 42.96
C ASN A 313 5.64 -23.73 43.05
N TYR A 314 6.97 -23.70 43.16
CA TYR A 314 7.70 -22.44 43.14
C TYR A 314 7.57 -21.77 41.78
N LEU A 315 7.91 -22.51 40.73
CA LEU A 315 7.85 -21.96 39.38
C LEU A 315 6.50 -21.30 39.11
N PHE A 316 5.41 -21.95 39.52
CA PHE A 316 4.09 -21.36 39.36
C PHE A 316 4.03 -19.97 40.01
N LYS A 317 4.42 -19.89 41.27
CA LYS A 317 4.39 -18.62 41.98
C LYS A 317 5.34 -17.59 41.33
N TYR A 318 6.63 -17.91 41.34
CA TYR A 318 7.69 -16.99 40.90
C TYR A 318 7.82 -16.66 39.40
N THR A 319 7.21 -17.46 38.52
CA THR A 319 7.23 -17.16 37.08
C THR A 319 5.85 -17.17 36.44
N ASP A 320 5.84 -16.90 35.12
CA ASP A 320 4.58 -16.77 34.40
C ASP A 320 4.07 -18.10 33.87
N LEU A 321 4.49 -19.20 34.47
CA LEU A 321 3.90 -20.52 34.19
C LEU A 321 2.47 -20.57 34.71
N GLN A 322 2.21 -19.82 35.76
CA GLN A 322 0.87 -19.60 36.23
C GLN A 322 0.71 -18.11 36.44
N ILE A 323 -0.34 -17.56 35.84
CA ILE A 323 -0.67 -16.15 35.96
C ILE A 323 -2.14 -16.06 36.24
N ASN A 324 -2.62 -14.84 36.40
CA ASN A 324 -4.06 -14.64 36.39
C ASN A 324 -4.50 -13.81 35.20
N TYR A 325 -5.67 -14.14 34.70
CA TYR A 325 -6.24 -13.42 33.59
C TYR A 325 -7.36 -12.60 34.14
N ASN A 326 -7.47 -11.38 33.65
CA ASN A 326 -8.46 -10.48 34.20
C ASN A 326 -9.54 -10.17 33.21
N PHE A 327 -10.76 -10.07 33.73
CA PHE A 327 -11.90 -9.84 32.89
C PHE A 327 -12.23 -8.39 33.04
N ASN A 328 -12.28 -7.71 31.90
CA ASN A 328 -12.80 -6.37 31.86
C ASN A 328 -13.63 -6.26 30.62
N MET A 329 -14.88 -6.68 30.71
CA MET A 329 -15.62 -6.84 29.49
C MET A 329 -16.39 -5.57 29.27
N VAL A 330 -15.88 -4.83 28.29
CA VAL A 330 -16.37 -3.54 27.96
C VAL A 330 -16.53 -3.46 26.47
N ALA A 331 -17.75 -3.20 26.02
CA ALA A 331 -17.96 -3.04 24.59
C ALA A 331 -18.79 -1.80 24.31
N ILE A 332 -18.93 -1.51 23.03
CA ILE A 332 -19.75 -0.40 22.63
C ILE A 332 -21.14 -0.88 22.30
N ASP A 333 -22.10 -0.44 23.12
CA ASP A 333 -23.53 -0.66 22.86
C ASP A 333 -24.19 0.70 22.79
N ASN A 334 -25.08 0.87 21.83
CA ASN A 334 -25.77 2.13 21.67
C ASN A 334 -24.81 3.31 21.53
N PHE A 335 -23.75 3.11 20.76
CA PHE A 335 -22.78 4.17 20.52
C PHE A 335 -22.02 4.56 21.78
N THR A 336 -22.12 3.76 22.83
CA THR A 336 -21.46 4.10 24.10
C THR A 336 -20.79 2.95 24.86
N PRO A 337 -19.76 3.28 25.68
CA PRO A 337 -19.01 2.31 26.49
C PRO A 337 -19.87 1.72 27.57
N ARG A 338 -20.06 0.42 27.55
CA ARG A 338 -20.69 -0.29 28.68
C ARG A 338 -19.75 -1.37 29.18
N GLN A 339 -19.71 -1.56 30.49
CA GLN A 339 -19.07 -2.73 31.02
C GLN A 339 -20.18 -3.73 31.25
N VAL A 340 -20.09 -4.86 30.56
CA VAL A 340 -21.22 -5.76 30.45
C VAL A 340 -20.84 -7.18 30.78
N GLY A 341 -21.83 -7.93 31.27
CA GLY A 341 -21.65 -9.35 31.53
C GLY A 341 -22.01 -10.20 30.33
N ILE A 342 -22.19 -11.50 30.57
CA ILE A 342 -22.53 -12.39 29.48
C ILE A 342 -23.94 -12.11 28.98
N VAL A 343 -24.86 -11.90 29.91
CA VAL A 343 -26.26 -11.70 29.57
C VAL A 343 -26.54 -10.54 28.61
N PRO A 344 -25.96 -9.36 28.88
CA PRO A 344 -26.07 -8.23 27.95
C PRO A 344 -25.43 -8.53 26.60
N ILE A 345 -24.24 -9.14 26.59
CA ILE A 345 -23.58 -9.45 25.33
C ILE A 345 -24.45 -10.37 24.51
N LEU A 346 -24.79 -11.51 25.10
CA LEU A 346 -25.62 -12.50 24.42
C LEU A 346 -26.93 -11.88 23.94
N SER A 347 -27.61 -11.20 24.84
CA SER A 347 -28.88 -10.60 24.47
C SER A 347 -28.74 -9.65 23.31
N SER A 348 -27.83 -8.69 23.45
CA SER A 348 -27.68 -7.66 22.43
C SER A 348 -27.31 -8.28 21.09
N TYR A 349 -26.52 -9.34 21.12
CA TYR A 349 -26.20 -10.07 19.88
C TYR A 349 -27.47 -10.65 19.26
N ILE A 350 -28.26 -11.33 20.09
CA ILE A 350 -29.52 -11.89 19.65
C ILE A 350 -30.42 -10.86 18.98
N ALA A 351 -30.65 -9.74 19.68
CA ALA A 351 -31.53 -8.70 19.17
C ALA A 351 -31.00 -8.15 17.85
N HIS A 352 -29.68 -8.21 17.69
CA HIS A 352 -29.05 -7.77 16.44
C HIS A 352 -29.44 -8.71 15.35
N ARG A 353 -29.20 -9.99 15.59
CA ARG A 353 -29.54 -10.98 14.59
C ARG A 353 -30.99 -10.82 14.17
N ARG A 354 -31.85 -10.36 15.08
CA ARG A 354 -33.27 -10.16 14.75
C ARG A 354 -33.46 -9.08 13.71
N GLU A 355 -32.88 -7.92 13.96
CA GLU A 355 -32.90 -6.84 12.98
C GLU A 355 -32.34 -7.37 11.67
N VAL A 356 -31.24 -8.12 11.73
CA VAL A 356 -30.62 -8.59 10.50
C VAL A 356 -31.60 -9.44 9.71
N ILE A 357 -32.13 -10.47 10.37
CA ILE A 357 -33.04 -11.39 9.71
C ILE A 357 -34.22 -10.66 9.09
N LEU A 358 -34.90 -9.83 9.88
CA LEU A 358 -36.03 -9.05 9.37
C LEU A 358 -35.65 -8.15 8.19
N ALA A 359 -34.56 -7.42 8.31
CA ALA A 359 -34.12 -6.54 7.24
C ALA A 359 -33.82 -7.34 5.98
N ARG A 360 -33.15 -8.47 6.17
CA ARG A 360 -32.83 -9.36 5.07
C ARG A 360 -34.09 -9.76 4.35
N SER A 361 -35.02 -10.36 5.10
CA SER A 361 -36.25 -10.84 4.50
C SER A 361 -36.99 -9.73 3.77
N ARG A 362 -37.05 -8.54 4.36
CA ARG A 362 -37.71 -7.42 3.70
C ARG A 362 -37.13 -7.16 2.32
N PHE A 363 -35.80 -7.19 2.23
CA PHE A 363 -35.10 -7.03 0.96
C PHE A 363 -35.41 -8.16 0.00
N ASP A 364 -35.38 -9.40 0.49
CA ASP A 364 -35.66 -10.57 -0.32
C ASP A 364 -37.08 -10.55 -0.91
N LYS A 365 -38.01 -10.10 -0.08
CA LYS A 365 -39.41 -10.01 -0.45
C LYS A 365 -39.59 -9.05 -1.61
N GLU A 366 -39.07 -7.83 -1.47
CA GLU A 366 -39.17 -6.85 -2.57
C GLU A 366 -38.66 -7.46 -3.88
N LYS A 367 -37.47 -8.04 -3.83
CA LYS A 367 -36.89 -8.66 -5.03
C LYS A 367 -37.84 -9.71 -5.59
N ALA A 368 -38.36 -10.56 -4.72
CA ALA A 368 -39.32 -11.57 -5.16
C ALA A 368 -40.49 -10.89 -5.88
N GLU A 369 -41.14 -9.97 -5.20
CA GLU A 369 -42.30 -9.27 -5.74
C GLU A 369 -42.03 -8.63 -7.10
N LYS A 370 -40.84 -8.07 -7.30
CA LYS A 370 -40.50 -7.43 -8.57
C LYS A 370 -40.49 -8.43 -9.72
N ARG A 371 -39.63 -9.46 -9.62
CA ARG A 371 -39.54 -10.46 -10.68
C ARG A 371 -40.89 -11.11 -10.87
N LEU A 372 -41.61 -11.30 -9.78
CA LEU A 372 -42.95 -11.88 -9.82
C LEU A 372 -43.84 -11.03 -10.70
N HIS A 373 -43.87 -9.73 -10.47
CA HIS A 373 -44.65 -8.83 -11.31
C HIS A 373 -44.23 -8.95 -12.78
N ILE A 374 -42.93 -9.05 -13.00
CA ILE A 374 -42.38 -9.26 -14.35
C ILE A 374 -42.76 -10.61 -14.98
N VAL A 375 -42.65 -11.69 -14.22
CA VAL A 375 -43.09 -13.01 -14.66
C VAL A 375 -44.58 -13.05 -14.93
N GLU A 376 -45.34 -12.45 -14.04
CA GLU A 376 -46.77 -12.35 -14.24
C GLU A 376 -46.94 -11.75 -15.64
N GLY A 377 -46.06 -10.81 -15.97
CA GLY A 377 -46.10 -10.09 -17.23
C GLY A 377 -45.80 -10.93 -18.47
N LEU A 378 -44.64 -11.56 -18.50
CA LEU A 378 -44.27 -12.42 -19.62
C LEU A 378 -45.30 -13.51 -19.87
N ILE A 379 -45.87 -14.06 -18.80
CA ILE A 379 -46.93 -15.05 -18.94
C ILE A 379 -48.09 -14.50 -19.78
N ARG A 380 -48.50 -13.27 -19.51
CA ARG A 380 -49.52 -12.64 -20.34
C ARG A 380 -49.04 -12.55 -21.78
N VAL A 381 -47.83 -12.04 -21.98
CA VAL A 381 -47.30 -11.83 -23.32
C VAL A 381 -47.25 -13.08 -24.17
N ILE A 382 -46.78 -14.18 -23.60
CA ILE A 382 -46.61 -15.40 -24.38
C ILE A 382 -47.91 -15.75 -25.13
N SER A 383 -49.05 -15.34 -24.59
CA SER A 383 -50.36 -15.50 -25.26
C SER A 383 -50.63 -14.55 -26.44
N ILE A 384 -50.06 -13.36 -26.39
CA ILE A 384 -50.25 -12.32 -27.42
C ILE A 384 -49.02 -12.15 -28.32
N LEU A 385 -48.04 -13.05 -28.19
CA LEU A 385 -46.74 -12.89 -28.84
C LEU A 385 -46.83 -12.36 -30.24
N ASP A 386 -47.67 -12.98 -31.05
CA ASP A 386 -47.76 -12.57 -32.44
C ASP A 386 -48.02 -11.05 -32.50
N GLU A 387 -49.19 -10.62 -32.05
CA GLU A 387 -49.60 -9.21 -32.10
C GLU A 387 -48.61 -8.27 -31.41
N VAL A 388 -48.00 -8.75 -30.32
CA VAL A 388 -47.01 -7.95 -29.59
C VAL A 388 -45.81 -7.60 -30.46
N ILE A 389 -45.18 -8.62 -31.05
CA ILE A 389 -44.05 -8.38 -31.92
C ILE A 389 -44.46 -7.44 -33.05
N ALA A 390 -45.61 -7.75 -33.67
CA ALA A 390 -46.11 -6.94 -34.77
C ALA A 390 -46.17 -5.47 -34.40
N LEU A 391 -46.64 -5.20 -33.19
CA LEU A 391 -46.64 -3.85 -32.64
C LEU A 391 -45.24 -3.27 -32.60
N ILE A 392 -44.30 -4.03 -32.01
CA ILE A 392 -42.94 -3.54 -31.81
C ILE A 392 -42.30 -3.11 -33.13
N ARG A 393 -42.56 -3.91 -34.17
CA ARG A 393 -42.06 -3.61 -35.50
C ARG A 393 -42.68 -2.32 -36.05
N ALA A 394 -44.00 -2.22 -35.91
CA ALA A 394 -44.72 -1.00 -36.28
C ALA A 394 -44.37 0.20 -35.38
N SER A 395 -43.36 0.06 -34.54
CA SER A 395 -42.99 1.15 -33.64
C SER A 395 -41.73 1.87 -34.11
N GLU A 396 -41.61 3.13 -33.73
CA GLU A 396 -40.54 3.98 -34.25
C GLU A 396 -39.22 3.82 -33.50
N ASN A 397 -39.27 4.06 -32.18
CA ASN A 397 -38.10 4.04 -31.29
C ASN A 397 -38.24 2.95 -30.23
N LYS A 398 -37.15 2.54 -29.57
CA LYS A 398 -37.28 1.60 -28.45
C LYS A 398 -38.31 2.15 -27.48
N ALA A 399 -38.09 3.41 -27.11
CA ALA A 399 -38.98 4.14 -26.23
C ALA A 399 -40.42 4.17 -26.78
N ASP A 400 -40.58 4.55 -28.05
CA ASP A 400 -41.92 4.53 -28.65
C ASP A 400 -42.49 3.12 -28.56
N ALA A 401 -41.64 2.13 -28.83
CA ALA A 401 -42.03 0.74 -28.72
C ALA A 401 -42.70 0.49 -27.37
N LYS A 402 -41.99 0.85 -26.30
CA LYS A 402 -42.48 0.71 -24.93
C LYS A 402 -43.83 1.42 -24.73
N GLU A 403 -43.86 2.72 -25.06
CA GLU A 403 -45.06 3.55 -24.89
C GLU A 403 -46.30 3.00 -25.60
N ASN A 404 -46.10 2.34 -26.74
CA ASN A 404 -47.21 1.72 -27.46
C ASN A 404 -47.80 0.51 -26.72
N LEU A 405 -46.96 -0.35 -26.13
CA LEU A 405 -47.48 -1.51 -25.38
C LEU A 405 -48.24 -1.07 -24.15
N LYS A 406 -47.69 -0.10 -23.44
CA LYS A 406 -48.36 0.45 -22.27
C LYS A 406 -49.75 0.99 -22.65
N VAL A 407 -49.83 1.78 -23.71
CA VAL A 407 -51.11 2.30 -24.19
C VAL A 407 -52.10 1.20 -24.60
N SER A 408 -51.68 0.34 -25.52
CA SER A 408 -52.54 -0.72 -26.05
C SER A 408 -52.91 -1.86 -25.07
N TYR A 409 -51.94 -2.70 -24.74
CA TYR A 409 -52.16 -3.83 -23.82
C TYR A 409 -51.99 -3.50 -22.34
N ASP A 410 -52.12 -2.22 -21.99
CA ASP A 410 -51.89 -1.74 -20.63
C ASP A 410 -50.94 -2.61 -19.79
N PHE A 411 -49.74 -2.84 -20.32
CA PHE A 411 -48.65 -3.43 -19.56
C PHE A 411 -48.09 -2.32 -18.69
N THR A 412 -47.26 -2.66 -17.70
CA THR A 412 -46.67 -1.61 -16.87
C THR A 412 -45.36 -1.09 -17.47
N GLU A 413 -44.63 -0.32 -16.68
CA GLU A 413 -43.39 0.28 -17.16
C GLU A 413 -42.28 -0.77 -17.21
N GLU A 414 -41.97 -1.35 -16.06
CA GLU A 414 -40.92 -2.37 -15.96
C GLU A 414 -41.27 -3.59 -16.81
N GLN A 415 -42.55 -3.95 -16.83
CA GLN A 415 -43.01 -5.08 -17.65
C GLN A 415 -42.59 -4.83 -19.09
N ALA A 416 -42.82 -3.61 -19.56
CA ALA A 416 -42.44 -3.19 -20.89
C ALA A 416 -40.92 -3.30 -21.17
N GLU A 417 -40.09 -2.68 -20.33
CA GLU A 417 -38.66 -2.79 -20.56
C GLU A 417 -38.29 -4.26 -20.68
N ALA A 418 -38.81 -5.09 -19.77
CA ALA A 418 -38.51 -6.52 -19.78
C ALA A 418 -38.92 -7.23 -21.08
N ILE A 419 -40.12 -6.96 -21.57
CA ILE A 419 -40.52 -7.56 -22.83
C ILE A 419 -39.64 -7.05 -23.96
N VAL A 420 -39.50 -5.73 -24.04
CA VAL A 420 -38.74 -5.09 -25.09
C VAL A 420 -37.25 -5.49 -25.17
N THR A 421 -36.58 -5.55 -24.03
CA THR A 421 -35.17 -5.90 -23.99
C THR A 421 -34.88 -7.38 -24.15
N LEU A 422 -35.90 -8.22 -23.98
CA LEU A 422 -35.76 -9.65 -24.24
C LEU A 422 -34.94 -9.84 -25.50
N GLN A 423 -33.94 -10.72 -25.47
CA GLN A 423 -33.18 -10.94 -26.70
C GLN A 423 -34.06 -11.78 -27.62
N LEU A 424 -33.50 -12.35 -28.69
CA LEU A 424 -34.34 -13.03 -29.67
C LEU A 424 -34.52 -14.51 -29.43
N TYR A 425 -33.42 -15.19 -29.08
CA TYR A 425 -33.47 -16.62 -28.82
C TYR A 425 -34.38 -16.88 -27.64
N ARG A 426 -34.71 -15.85 -26.88
CA ARG A 426 -35.66 -16.01 -25.80
C ARG A 426 -37.05 -16.45 -26.33
N LEU A 427 -37.34 -16.08 -27.56
CA LEU A 427 -38.56 -16.51 -28.26
C LEU A 427 -38.52 -18.02 -28.55
N THR A 428 -37.32 -18.56 -28.58
CA THR A 428 -37.13 -20.00 -28.75
C THR A 428 -37.83 -20.75 -27.62
N ASN A 429 -37.99 -20.07 -26.49
CA ASN A 429 -38.65 -20.64 -25.31
C ASN A 429 -40.00 -19.98 -25.00
N THR A 430 -41.03 -20.35 -25.76
CA THR A 430 -42.38 -19.91 -25.49
C THR A 430 -43.12 -21.04 -24.77
N ASP A 431 -43.30 -20.89 -23.46
CA ASP A 431 -43.77 -22.00 -22.63
C ASP A 431 -44.29 -21.58 -21.26
N VAL A 432 -45.50 -21.05 -21.21
CA VAL A 432 -46.14 -20.66 -19.95
C VAL A 432 -46.03 -21.65 -18.76
N VAL A 433 -45.77 -22.93 -19.03
CA VAL A 433 -45.50 -23.87 -17.95
C VAL A 433 -44.29 -23.49 -17.08
N VAL A 434 -43.15 -23.24 -17.72
CA VAL A 434 -41.92 -22.92 -17.01
C VAL A 434 -42.05 -21.67 -16.16
N LEU A 435 -42.59 -20.62 -16.76
CA LEU A 435 -42.79 -19.38 -16.05
C LEU A 435 -43.71 -19.61 -14.87
N GLN A 436 -44.78 -20.37 -15.08
CA GLN A 436 -45.72 -20.71 -14.01
C GLN A 436 -45.01 -21.45 -12.87
N GLU A 437 -44.03 -22.29 -13.22
CA GLU A 437 -43.23 -22.96 -12.21
C GLU A 437 -42.53 -21.97 -11.29
N GLU A 438 -41.82 -21.01 -11.89
CA GLU A 438 -41.16 -19.94 -11.12
C GLU A 438 -42.20 -19.11 -10.36
N GLU A 439 -43.33 -18.83 -11.01
CA GLU A 439 -44.38 -18.05 -10.37
C GLU A 439 -44.80 -18.68 -9.05
N ALA A 440 -45.01 -20.00 -9.06
CA ALA A 440 -45.31 -20.71 -7.82
C ALA A 440 -44.19 -20.44 -6.84
N GLU A 441 -42.97 -20.66 -7.30
CA GLU A 441 -41.80 -20.60 -6.45
C GLU A 441 -41.79 -19.27 -5.73
N LEU A 442 -41.96 -18.20 -6.48
CA LEU A 442 -41.95 -16.86 -5.92
C LEU A 442 -43.06 -16.71 -4.90
N ARG A 443 -44.28 -17.03 -5.29
CA ARG A 443 -45.42 -16.80 -4.41
C ARG A 443 -45.21 -17.51 -3.07
N GLU A 444 -44.74 -18.74 -3.12
CA GLU A 444 -44.38 -19.49 -1.91
C GLU A 444 -43.26 -18.80 -1.09
N LYS A 445 -42.20 -18.31 -1.73
CA LYS A 445 -41.17 -17.57 -0.98
C LYS A 445 -41.75 -16.31 -0.31
N ILE A 446 -42.51 -15.53 -1.06
CA ILE A 446 -43.06 -14.30 -0.54
C ILE A 446 -43.88 -14.58 0.70
N ALA A 447 -44.79 -15.54 0.60
CA ALA A 447 -45.66 -15.88 1.72
C ALA A 447 -44.88 -16.43 2.91
N MET A 448 -43.85 -17.23 2.65
CA MET A 448 -42.94 -17.65 3.71
C MET A 448 -42.35 -16.44 4.42
N LEU A 449 -41.78 -15.51 3.64
CA LEU A 449 -41.13 -14.30 4.16
C LEU A 449 -42.08 -13.43 4.97
N ALA A 450 -43.23 -13.14 4.38
CA ALA A 450 -44.20 -12.27 5.03
C ALA A 450 -44.46 -12.80 6.43
N ALA A 451 -44.44 -14.12 6.57
CA ALA A 451 -44.54 -14.74 7.88
C ALA A 451 -43.44 -14.24 8.81
N ILE A 452 -42.18 -14.57 8.49
CA ILE A 452 -41.06 -14.17 9.32
C ILE A 452 -41.16 -12.71 9.73
N ILE A 453 -41.46 -11.86 8.76
CA ILE A 453 -41.58 -10.43 8.99
C ILE A 453 -42.56 -10.06 10.12
N GLY A 454 -43.74 -10.68 10.14
CA GLY A 454 -44.71 -10.37 11.17
C GLY A 454 -45.18 -11.57 11.98
N ASP A 455 -44.24 -12.42 12.38
CA ASP A 455 -44.60 -13.70 13.01
C ASP A 455 -43.76 -14.03 14.22
N GLU A 456 -43.25 -13.01 14.88
CA GLU A 456 -42.13 -13.08 15.83
C GLU A 456 -41.50 -14.45 16.21
N ARG A 457 -42.31 -15.47 16.52
CA ARG A 457 -41.70 -16.78 16.83
C ARG A 457 -41.14 -17.48 15.58
N THR A 458 -41.83 -17.38 14.45
CA THR A 458 -41.32 -17.91 13.19
C THR A 458 -39.95 -17.28 12.90
N MET A 459 -39.80 -15.99 13.24
CA MET A 459 -38.52 -15.31 13.10
C MET A 459 -37.44 -15.93 13.98
N TYR A 460 -37.74 -16.07 15.27
CA TYR A 460 -36.78 -16.60 16.25
C TYR A 460 -36.33 -18.00 15.93
N ASN A 461 -37.25 -18.82 15.44
CA ASN A 461 -36.93 -20.17 15.01
C ASN A 461 -35.87 -20.17 13.92
N LEU A 462 -36.09 -19.40 12.86
CA LEU A 462 -35.09 -19.23 11.79
C LEU A 462 -33.72 -18.83 12.37
N MET A 463 -33.72 -17.92 13.35
CA MET A 463 -32.48 -17.59 14.04
C MET A 463 -31.85 -18.83 14.61
N LYS A 464 -32.64 -19.59 15.38
CA LYS A 464 -32.14 -20.78 16.04
C LYS A 464 -31.54 -21.73 15.00
N LYS A 465 -32.25 -21.95 13.90
CA LYS A 465 -31.75 -22.85 12.86
C LYS A 465 -30.39 -22.38 12.35
N GLU A 466 -30.33 -21.18 11.80
CA GLU A 466 -29.09 -20.71 11.22
C GLU A 466 -27.95 -20.87 12.23
N LEU A 467 -28.23 -20.51 13.49
CA LEU A 467 -27.21 -20.61 14.52
C LEU A 467 -26.72 -22.03 14.68
N ARG A 468 -27.66 -22.98 14.72
CA ARG A 468 -27.32 -24.38 14.84
C ARG A 468 -26.49 -24.85 13.64
N GLU A 469 -26.89 -24.43 12.44
CA GLU A 469 -26.14 -24.74 11.22
C GLU A 469 -24.68 -24.23 11.32
N VAL A 470 -24.51 -23.03 11.87
CA VAL A 470 -23.18 -22.49 12.07
C VAL A 470 -22.36 -23.29 13.09
N LYS A 471 -23.01 -23.71 14.17
CA LYS A 471 -22.35 -24.54 15.17
C LYS A 471 -21.86 -25.85 14.54
N LYS A 472 -22.74 -26.50 13.78
CA LYS A 472 -22.37 -27.75 13.12
C LYS A 472 -21.14 -27.57 12.22
N LYS A 473 -21.16 -26.55 11.37
CA LYS A 473 -20.02 -26.30 10.48
C LYS A 473 -18.73 -26.04 11.27
N PHE A 474 -18.72 -24.99 12.07
CA PHE A 474 -17.46 -24.54 12.65
C PHE A 474 -17.06 -25.02 14.05
N ALA A 475 -17.85 -25.89 14.67
CA ALA A 475 -17.60 -26.25 16.06
C ALA A 475 -16.33 -27.07 16.24
N THR A 476 -15.62 -26.83 17.33
CA THR A 476 -14.40 -27.60 17.67
C THR A 476 -14.29 -27.88 19.15
N PRO A 477 -13.65 -29.01 19.50
CA PRO A 477 -13.45 -29.45 20.88
C PRO A 477 -12.87 -28.34 21.75
N ARG A 478 -13.01 -28.44 23.07
CA ARG A 478 -12.40 -27.46 23.96
C ARG A 478 -10.90 -27.62 23.98
N LEU A 479 -10.19 -26.52 24.13
CA LEU A 479 -8.75 -26.59 24.17
C LEU A 479 -8.31 -26.37 25.62
N SER A 480 -9.02 -25.48 26.30
CA SER A 480 -8.73 -25.13 27.70
C SER A 480 -9.60 -25.94 28.70
N SER A 481 -9.01 -26.29 29.83
CA SER A 481 -9.66 -27.18 30.81
C SER A 481 -10.06 -26.43 32.07
N LEU A 482 -11.04 -26.96 32.81
CA LEU A 482 -11.58 -26.22 33.94
C LEU A 482 -11.41 -26.93 35.28
N GLU A 483 -10.76 -26.24 36.23
CA GLU A 483 -10.55 -26.75 37.59
C GLU A 483 -10.99 -25.71 38.62
N ASN B 3 22.86 -35.10 0.11
CA ASN B 3 22.97 -34.44 -1.20
C ASN B 3 23.75 -33.14 -1.10
N ILE B 4 24.66 -32.97 -2.04
CA ILE B 4 25.53 -31.81 -2.07
C ILE B 4 26.11 -31.64 -3.48
N GLN B 5 26.02 -30.43 -4.03
CA GLN B 5 26.69 -30.13 -5.29
C GLN B 5 27.88 -29.24 -4.99
N ASN B 6 29.00 -29.61 -5.58
CA ASN B 6 30.27 -29.02 -5.23
C ASN B 6 30.58 -28.05 -6.35
N MET B 7 30.77 -26.79 -6.01
CA MET B 7 31.04 -25.78 -7.02
C MET B 7 32.23 -24.93 -6.65
N SER B 8 32.93 -24.39 -7.66
CA SER B 8 34.09 -23.57 -7.34
C SER B 8 33.67 -22.18 -6.89
N LEU B 9 34.65 -21.32 -6.68
CA LEU B 9 34.41 -19.99 -6.18
C LEU B 9 34.36 -19.09 -7.39
N GLU B 10 35.21 -19.40 -8.35
CA GLU B 10 35.33 -18.61 -9.57
C GLU B 10 34.01 -18.68 -10.33
N ASP B 11 33.59 -19.91 -10.61
CA ASP B 11 32.37 -20.18 -11.37
C ASP B 11 31.09 -19.67 -10.67
N ILE B 12 30.95 -19.99 -9.39
CA ILE B 12 29.82 -19.47 -8.62
C ILE B 12 29.75 -17.96 -8.63
N MET B 13 30.88 -17.30 -8.40
CA MET B 13 30.97 -15.84 -8.42
C MET B 13 30.62 -15.33 -9.81
N GLY B 14 31.06 -16.07 -10.82
CA GLY B 14 30.72 -15.81 -12.21
C GLY B 14 29.21 -15.75 -12.48
N GLU B 15 28.50 -16.86 -12.33
CA GLU B 15 27.04 -16.86 -12.53
C GLU B 15 26.37 -15.79 -11.71
N ARG B 16 26.55 -15.86 -10.39
CA ARG B 16 25.86 -14.96 -9.50
C ARG B 16 26.08 -13.50 -9.88
N PHE B 17 27.28 -13.13 -10.31
CA PHE B 17 27.44 -11.75 -10.73
C PHE B 17 26.67 -11.46 -12.01
N GLY B 18 26.90 -12.30 -13.03
CA GLY B 18 26.26 -12.14 -14.32
C GLY B 18 24.76 -11.98 -14.25
N ARG B 19 24.12 -12.77 -13.38
CA ARG B 19 22.68 -12.65 -13.20
C ARG B 19 22.33 -11.23 -12.77
N TYR B 20 22.90 -10.82 -11.65
CA TYR B 20 22.61 -9.51 -11.11
C TYR B 20 22.97 -8.38 -12.07
N SER B 21 24.19 -8.40 -12.59
CA SER B 21 24.64 -7.29 -13.42
C SER B 21 23.64 -7.07 -14.53
N LYS B 22 23.22 -8.17 -15.15
CA LYS B 22 22.25 -8.14 -16.21
C LYS B 22 20.90 -7.55 -15.73
N TYR B 23 20.31 -8.14 -14.70
CA TYR B 23 18.99 -7.69 -14.22
C TYR B 23 18.98 -6.19 -13.93
N ILE B 24 20.06 -5.70 -13.34
CA ILE B 24 20.21 -4.30 -12.97
C ILE B 24 20.18 -3.43 -14.20
N ILE B 25 20.99 -3.78 -15.19
CA ILE B 25 21.10 -3.03 -16.42
C ILE B 25 19.79 -2.91 -17.19
N GLN B 26 19.22 -4.05 -17.56
CA GLN B 26 17.94 -4.07 -18.27
C GLN B 26 16.80 -3.63 -17.37
N ASP B 27 16.53 -4.44 -16.35
CA ASP B 27 15.37 -4.29 -15.49
C ASP B 27 15.31 -3.18 -14.44
N ARG B 28 16.43 -2.65 -13.97
CA ARG B 28 16.31 -1.58 -12.97
C ARG B 28 16.65 -0.17 -13.42
N ALA B 29 17.91 0.06 -13.75
CA ALA B 29 18.44 1.42 -13.83
C ALA B 29 18.23 2.09 -15.16
N LEU B 30 18.59 1.39 -16.21
CA LEU B 30 18.67 2.01 -17.52
C LEU B 30 17.34 2.03 -18.25
N PRO B 31 17.02 3.20 -18.82
CA PRO B 31 15.81 3.50 -19.57
C PRO B 31 15.78 2.79 -20.92
N ASP B 32 14.59 2.45 -21.41
CA ASP B 32 14.48 1.93 -22.75
C ASP B 32 14.66 3.09 -23.70
N ILE B 33 15.44 2.85 -24.75
CA ILE B 33 15.69 3.91 -25.73
C ILE B 33 14.43 4.29 -26.50
N ARG B 34 13.36 3.51 -26.34
CA ARG B 34 12.13 3.68 -27.13
C ARG B 34 11.08 4.56 -26.48
N ASP B 35 10.85 4.36 -25.19
CA ASP B 35 9.89 5.17 -24.45
C ASP B 35 10.60 5.92 -23.36
N GLY B 36 11.92 5.75 -23.32
CA GLY B 36 12.76 6.44 -22.37
C GLY B 36 12.38 6.24 -20.91
N LEU B 37 11.81 5.09 -20.59
CA LEU B 37 11.42 4.80 -19.21
C LEU B 37 12.19 3.65 -18.55
N LYS B 38 12.44 3.78 -17.25
CA LYS B 38 12.85 2.64 -16.45
C LYS B 38 11.58 1.88 -16.05
N PRO B 39 11.70 0.56 -15.87
CA PRO B 39 10.63 -0.36 -15.47
C PRO B 39 9.68 0.20 -14.41
N VAL B 40 10.20 0.69 -13.28
CA VAL B 40 9.32 1.20 -12.23
C VAL B 40 8.46 2.27 -12.82
N GLN B 41 9.07 3.22 -13.52
CA GLN B 41 8.29 4.25 -14.20
C GLN B 41 7.16 3.64 -15.01
N ARG B 42 7.52 2.76 -15.94
CA ARG B 42 6.55 2.13 -16.83
C ARG B 42 5.42 1.46 -16.05
N ARG B 43 5.75 0.68 -15.05
CA ARG B 43 4.75 -0.04 -14.26
C ARG B 43 3.83 0.88 -13.50
N ILE B 44 4.38 1.97 -12.96
CA ILE B 44 3.56 2.99 -12.37
C ILE B 44 2.56 3.52 -13.40
N LEU B 45 3.08 4.02 -14.51
CA LEU B 45 2.25 4.57 -15.56
C LEU B 45 1.13 3.62 -15.99
N TYR B 46 1.51 2.40 -16.37
CA TYR B 46 0.55 1.42 -16.84
C TYR B 46 -0.51 1.15 -15.77
N SER B 47 -0.05 0.82 -14.57
CA SER B 47 -0.96 0.50 -13.48
C SER B 47 -1.94 1.63 -13.21
N MET B 48 -1.43 2.83 -12.98
CA MET B 48 -2.29 3.97 -12.71
C MET B 48 -3.34 4.09 -13.80
N ASN B 49 -2.88 4.09 -15.04
CA ASN B 49 -3.78 4.23 -16.18
C ASN B 49 -4.83 3.12 -16.31
N LYS B 50 -4.39 1.87 -16.14
CA LYS B 50 -5.32 0.75 -16.14
C LYS B 50 -6.38 0.90 -15.06
N ASP B 51 -5.98 1.34 -13.88
CA ASP B 51 -6.90 1.66 -12.80
C ASP B 51 -7.69 2.97 -13.02
N SER B 52 -7.82 3.36 -14.28
CA SER B 52 -8.15 4.73 -14.70
C SER B 52 -8.02 5.87 -13.67
N ASN B 53 -6.76 6.14 -13.33
CA ASN B 53 -6.33 7.22 -12.46
C ASN B 53 -5.77 8.36 -13.31
N THR B 54 -6.64 9.10 -13.98
CA THR B 54 -6.19 10.00 -15.04
C THR B 54 -6.49 11.48 -14.87
N PHE B 55 -5.63 12.30 -15.48
CA PHE B 55 -5.61 13.75 -15.33
C PHE B 55 -7.00 14.38 -15.26
N ASP B 56 -7.97 13.76 -15.92
CA ASP B 56 -9.28 14.37 -16.08
C ASP B 56 -10.19 14.03 -14.93
N LYS B 57 -9.84 12.98 -14.20
CA LYS B 57 -10.67 12.56 -13.08
C LYS B 57 -9.97 12.84 -11.75
N SER B 58 -10.73 12.72 -10.66
CA SER B 58 -10.25 13.02 -9.32
C SER B 58 -8.93 12.34 -8.97
N TYR B 59 -8.20 12.90 -8.02
CA TYR B 59 -6.96 12.30 -7.55
C TYR B 59 -7.23 11.03 -6.76
N ARG B 60 -6.17 10.31 -6.41
CA ARG B 60 -6.33 9.09 -5.62
C ARG B 60 -5.14 8.82 -4.69
N LYS B 61 -5.47 8.63 -3.41
CA LYS B 61 -4.54 8.24 -2.35
C LYS B 61 -3.28 7.49 -2.82
N SER B 62 -2.18 8.20 -3.02
CA SER B 62 -0.95 7.55 -3.46
C SER B 62 -0.80 6.12 -2.96
N ALA B 63 -0.97 5.88 -1.66
CA ALA B 63 -0.71 4.55 -1.10
C ALA B 63 -1.56 3.41 -1.73
N LYS B 64 -2.80 3.70 -2.06
CA LYS B 64 -3.61 2.76 -2.82
C LYS B 64 -2.94 2.46 -4.15
N SER B 65 -2.54 3.50 -4.87
CA SER B 65 -1.77 3.34 -6.10
C SER B 65 -0.55 2.45 -5.89
N VAL B 66 0.22 2.74 -4.84
CA VAL B 66 1.46 2.01 -4.61
C VAL B 66 1.19 0.54 -4.36
N GLY B 67 0.17 0.27 -3.55
CA GLY B 67 -0.19 -1.09 -3.21
C GLY B 67 -0.50 -1.89 -4.45
N ASN B 68 -1.27 -1.29 -5.34
CA ASN B 68 -1.67 -2.01 -6.53
C ASN B 68 -0.47 -2.31 -7.43
N ILE B 69 0.38 -1.33 -7.65
CA ILE B 69 1.59 -1.59 -8.42
C ILE B 69 2.42 -2.75 -7.85
N MET B 70 2.70 -2.68 -6.55
CA MET B 70 3.41 -3.73 -5.85
C MET B 70 2.71 -5.09 -6.05
N GLY B 71 1.39 -5.11 -5.85
CA GLY B 71 0.65 -6.35 -5.87
C GLY B 71 0.56 -7.03 -7.23
N ASN B 72 0.26 -6.24 -8.26
CA ASN B 72 0.14 -6.75 -9.63
C ASN B 72 1.45 -6.87 -10.39
N PHE B 73 2.18 -5.77 -10.51
CA PHE B 73 3.36 -5.74 -11.38
C PHE B 73 4.77 -5.79 -10.75
N HIS B 74 4.97 -5.11 -9.64
CA HIS B 74 6.33 -4.74 -9.20
C HIS B 74 6.79 -5.24 -7.82
N PRO B 75 7.51 -6.38 -7.79
CA PRO B 75 7.81 -7.12 -6.57
C PRO B 75 8.94 -6.51 -5.75
N HIS B 76 8.74 -5.31 -5.20
CA HIS B 76 9.80 -4.65 -4.45
C HIS B 76 9.25 -3.72 -3.38
N GLY B 77 10.14 -2.90 -2.82
CA GLY B 77 9.77 -2.03 -1.73
C GLY B 77 8.72 -1.03 -2.16
N ASP B 78 7.87 -0.64 -1.23
CA ASP B 78 6.95 0.43 -1.50
C ASP B 78 7.75 1.72 -1.66
N SER B 79 8.68 1.99 -0.76
CA SER B 79 9.43 3.23 -0.82
C SER B 79 10.11 3.42 -2.17
N SER B 80 10.71 2.36 -2.70
CA SER B 80 11.37 2.44 -4.00
C SER B 80 10.38 2.94 -5.05
N ILE B 81 9.20 2.32 -5.07
CA ILE B 81 8.10 2.65 -5.97
C ILE B 81 7.58 4.08 -5.79
N TYR B 82 7.12 4.41 -4.59
CA TYR B 82 6.52 5.70 -4.32
C TYR B 82 7.49 6.85 -4.48
N ASP B 83 8.72 6.61 -4.07
CA ASP B 83 9.78 7.59 -4.23
C ASP B 83 9.90 7.91 -5.71
N ALA B 84 9.91 6.87 -6.53
CA ALA B 84 10.00 7.01 -7.98
C ALA B 84 8.80 7.72 -8.55
N MET B 85 7.62 7.36 -8.03
CA MET B 85 6.37 7.97 -8.46
C MET B 85 6.45 9.46 -8.20
N VAL B 86 6.89 9.80 -7.00
CA VAL B 86 7.09 11.20 -6.62
C VAL B 86 8.07 11.96 -7.52
N ARG B 87 9.17 11.35 -7.93
CA ARG B 87 10.09 12.06 -8.81
C ARG B 87 9.34 12.52 -10.05
N MET B 88 8.51 11.64 -10.57
CA MET B 88 7.74 11.91 -11.78
C MET B 88 6.76 13.09 -11.64
N SER B 89 6.52 13.52 -10.40
CA SER B 89 5.67 14.69 -10.10
C SER B 89 6.43 15.99 -9.85
N GLN B 90 7.72 15.99 -10.16
CA GLN B 90 8.59 17.09 -9.78
C GLN B 90 9.01 18.01 -10.93
N ASN B 91 8.28 19.11 -11.13
CA ASN B 91 8.61 20.06 -12.21
C ASN B 91 10.04 20.61 -12.26
N TRP B 92 10.69 20.86 -11.13
CA TRP B 92 12.10 21.22 -11.18
C TRP B 92 13.02 20.06 -11.62
N LYS B 93 12.54 18.84 -11.54
CA LYS B 93 13.27 17.69 -12.06
C LYS B 93 12.96 17.29 -13.52
N ASN B 94 11.69 17.03 -13.82
CA ASN B 94 11.25 16.73 -15.19
C ASN B 94 10.76 17.95 -16.00
N ARG B 95 11.04 17.98 -17.30
CA ARG B 95 10.56 19.10 -18.12
C ARG B 95 9.05 18.98 -18.24
N GLU B 96 8.62 17.83 -18.75
CA GLU B 96 7.20 17.55 -18.88
C GLU B 96 6.80 16.44 -17.91
N ILE B 97 6.22 16.85 -16.78
CA ILE B 97 5.76 15.96 -15.70
C ILE B 97 4.80 14.85 -16.13
N LEU B 98 5.00 13.62 -15.64
CA LEU B 98 4.05 12.56 -15.98
C LEU B 98 3.15 12.17 -14.83
N VAL B 99 3.21 12.88 -13.74
CA VAL B 99 2.33 12.56 -12.62
C VAL B 99 2.03 13.82 -11.88
N GLU B 100 0.76 14.07 -11.58
CA GLU B 100 0.45 15.23 -10.77
C GLU B 100 0.10 14.79 -9.36
N MET B 101 0.80 15.36 -8.40
CA MET B 101 0.60 14.99 -7.02
C MET B 101 0.11 16.19 -6.22
N HIS B 102 -0.90 15.97 -5.39
CA HIS B 102 -1.51 17.05 -4.62
C HIS B 102 -1.10 16.88 -3.17
N GLY B 103 -0.50 17.93 -2.62
CA GLY B 103 0.12 17.89 -1.31
C GLY B 103 1.60 18.21 -1.41
N ASN B 104 2.38 17.78 -0.41
CA ASN B 104 3.81 18.08 -0.39
C ASN B 104 4.66 16.98 -1.04
N ASN B 105 5.24 17.31 -2.19
CA ASN B 105 6.12 16.37 -2.86
C ASN B 105 7.54 16.90 -2.92
N GLY B 106 8.02 17.46 -1.82
CA GLY B 106 9.35 18.03 -1.79
C GLY B 106 9.42 19.39 -2.46
N SER B 107 10.64 19.83 -2.79
CA SER B 107 10.86 21.08 -3.51
C SER B 107 12.31 21.30 -3.92
N MET B 108 12.63 22.52 -4.33
CA MET B 108 14.01 22.88 -4.66
C MET B 108 14.90 23.02 -3.43
N ASP B 109 14.33 23.52 -2.33
CA ASP B 109 15.06 23.59 -1.08
C ASP B 109 15.47 22.18 -0.63
N GLY B 110 14.92 21.17 -1.30
CA GLY B 110 15.29 19.80 -1.03
C GLY B 110 14.47 19.12 0.05
N ASP B 111 13.59 19.87 0.69
CA ASP B 111 12.71 19.29 1.71
C ASP B 111 12.11 17.96 1.21
N PRO B 112 12.02 16.97 2.12
CA PRO B 112 11.60 15.62 1.78
C PRO B 112 10.11 15.60 1.52
N PRO B 113 9.68 14.82 0.52
CA PRO B 113 8.31 14.61 0.08
C PRO B 113 7.50 14.07 1.23
N ALA B 114 6.22 14.43 1.28
CA ALA B 114 5.37 13.96 2.36
C ALA B 114 5.16 12.46 2.26
N ALA B 115 5.09 11.81 3.42
CA ALA B 115 4.89 10.36 3.46
C ALA B 115 3.72 9.99 2.56
N MET B 116 3.79 8.78 2.00
CA MET B 116 2.83 8.38 1.00
C MET B 116 1.41 8.36 1.53
N ARG B 117 1.23 8.01 2.80
CA ARG B 117 -0.13 7.98 3.34
C ARG B 117 -0.79 9.34 3.33
N TYR B 118 0.02 10.38 3.18
CA TYR B 118 -0.52 11.73 3.17
C TYR B 118 -1.00 12.15 1.78
N THR B 119 -0.29 11.76 0.73
CA THR B 119 -0.48 12.41 -0.57
C THR B 119 -1.49 11.72 -1.49
N GLU B 120 -1.83 12.40 -2.59
CA GLU B 120 -2.79 11.91 -3.59
C GLU B 120 -2.21 12.14 -4.96
N ALA B 121 -2.47 11.24 -5.91
CA ALA B 121 -1.85 11.38 -7.23
C ALA B 121 -2.70 10.90 -8.39
N ARG B 122 -2.46 11.50 -9.55
CA ARG B 122 -3.03 11.02 -10.82
C ARG B 122 -2.03 11.11 -11.95
N LEU B 123 -2.37 10.56 -13.12
CA LEU B 123 -1.46 10.68 -14.26
C LEU B 123 -1.74 12.02 -14.89
N SER B 124 -0.70 12.62 -15.48
CA SER B 124 -0.88 13.91 -16.12
C SER B 124 -1.50 13.72 -17.49
N GLU B 125 -1.61 14.82 -18.23
CA GLU B 125 -2.31 14.73 -19.50
C GLU B 125 -1.41 14.09 -20.55
N ILE B 126 -0.21 14.65 -20.72
CA ILE B 126 0.72 14.14 -21.71
C ILE B 126 1.06 12.66 -21.51
N ALA B 127 0.95 12.21 -20.26
CA ALA B 127 1.22 10.82 -19.92
C ALA B 127 0.31 9.87 -20.68
N GLY B 128 -0.92 10.30 -20.88
CA GLY B 128 -1.91 9.51 -21.60
C GLY B 128 -1.38 9.20 -22.97
N TYR B 129 -0.73 10.19 -23.56
CA TYR B 129 -0.07 10.04 -24.84
C TYR B 129 1.00 8.95 -24.85
N LEU B 130 1.76 8.83 -23.77
CA LEU B 130 2.65 7.67 -23.65
C LEU B 130 1.89 6.34 -23.77
N LEU B 131 0.71 6.28 -23.16
CA LEU B 131 -0.14 5.09 -23.21
C LEU B 131 -1.06 4.95 -24.44
N GLN B 132 -1.26 6.02 -25.21
CA GLN B 132 -2.23 5.99 -26.32
C GLN B 132 -2.05 4.81 -27.25
N ASP B 133 -3.13 4.06 -27.46
CA ASP B 133 -3.16 2.92 -28.39
C ASP B 133 -2.76 1.62 -27.70
N ILE B 134 -2.33 1.71 -26.45
CA ILE B 134 -1.90 0.54 -25.69
C ILE B 134 -2.90 -0.61 -25.83
N GLU B 135 -4.19 -0.27 -25.80
CA GLU B 135 -5.28 -1.23 -25.74
C GLU B 135 -5.61 -1.88 -27.09
N LYS B 136 -4.93 -1.45 -28.14
CA LYS B 136 -5.19 -2.00 -29.45
C LYS B 136 -3.95 -2.78 -29.92
N LYS B 137 -3.51 -3.70 -29.07
CA LYS B 137 -2.41 -4.63 -29.36
C LYS B 137 -1.27 -4.00 -30.14
N THR B 138 -0.69 -2.94 -29.59
CA THR B 138 0.26 -2.12 -30.31
C THR B 138 1.63 -2.47 -29.88
N VAL B 139 1.72 -3.31 -28.86
CA VAL B 139 2.96 -3.44 -28.13
C VAL B 139 3.08 -4.82 -27.48
N PRO B 140 4.30 -5.36 -27.41
CA PRO B 140 4.59 -6.65 -26.78
C PRO B 140 4.29 -6.69 -25.28
N PHE B 141 3.52 -7.69 -24.87
CA PHE B 141 3.28 -7.92 -23.45
C PHE B 141 4.06 -9.13 -22.91
N ALA B 142 4.25 -9.16 -21.59
CA ALA B 142 4.83 -10.30 -20.90
C ALA B 142 3.93 -10.62 -19.73
N TRP B 143 4.19 -11.73 -19.04
CA TRP B 143 3.42 -12.06 -17.86
C TRP B 143 4.04 -11.31 -16.70
N ASN B 144 3.25 -11.02 -15.68
CA ASN B 144 3.82 -10.48 -14.46
C ASN B 144 4.48 -11.61 -13.67
N PHE B 145 5.15 -11.26 -12.58
CA PHE B 145 5.89 -12.27 -11.82
C PHE B 145 5.04 -13.48 -11.42
N ASP B 146 3.73 -13.32 -11.32
CA ASP B 146 2.87 -14.38 -10.79
C ASP B 146 2.17 -15.20 -11.87
N ASP B 147 2.19 -14.69 -13.11
CA ASP B 147 1.47 -15.27 -14.26
C ASP B 147 -0.02 -14.98 -14.18
N THR B 148 -0.37 -14.02 -13.33
CA THR B 148 -1.77 -13.69 -13.10
C THR B 148 -2.30 -12.65 -14.07
N GLU B 149 -1.43 -11.76 -14.55
CA GLU B 149 -1.86 -10.68 -15.40
C GLU B 149 -0.73 -10.20 -16.32
N LYS B 150 -1.08 -9.57 -17.43
CA LYS B 150 -0.09 -9.20 -18.44
C LYS B 150 0.30 -7.72 -18.42
N GLU B 151 1.57 -7.47 -18.72
CA GLU B 151 2.22 -6.21 -18.46
C GLU B 151 2.97 -5.81 -19.72
N PRO B 152 2.92 -4.51 -20.10
CA PRO B 152 3.62 -4.01 -21.31
C PRO B 152 5.11 -4.07 -21.12
N THR B 153 5.86 -4.37 -22.18
CA THR B 153 7.32 -4.39 -22.09
C THR B 153 7.93 -3.05 -22.52
N VAL B 154 7.10 -2.24 -23.15
CA VAL B 154 7.45 -0.88 -23.47
C VAL B 154 6.14 -0.19 -23.73
N LEU B 155 6.13 1.13 -23.72
CA LEU B 155 4.88 1.81 -24.00
C LEU B 155 4.81 2.23 -25.45
N PRO B 156 3.61 2.58 -25.92
CA PRO B 156 3.43 3.09 -27.28
C PRO B 156 4.28 4.33 -27.55
N ALA B 157 4.12 5.37 -26.74
CA ALA B 157 5.01 6.54 -26.81
C ALA B 157 4.68 7.55 -27.91
N ALA B 158 3.62 8.32 -27.68
CA ALA B 158 3.21 9.34 -28.63
C ALA B 158 4.29 10.39 -28.85
N PHE B 159 5.12 10.62 -27.82
CA PHE B 159 6.24 11.55 -27.96
C PHE B 159 7.53 10.93 -27.44
N PRO B 160 8.69 11.48 -27.88
CA PRO B 160 10.04 10.98 -27.58
C PRO B 160 10.52 11.28 -26.16
N ASN B 161 9.83 10.67 -25.19
CA ASN B 161 10.06 10.90 -23.76
C ASN B 161 11.52 10.85 -23.33
N LEU B 162 12.33 10.02 -23.98
CA LEU B 162 13.72 9.83 -23.58
C LEU B 162 14.49 11.15 -23.52
N LEU B 163 14.53 11.86 -24.65
CA LEU B 163 15.17 13.17 -24.70
C LEU B 163 14.43 14.24 -23.89
N VAL B 164 13.11 14.20 -23.94
CA VAL B 164 12.30 15.19 -23.26
C VAL B 164 12.59 15.29 -21.77
N ASN B 165 12.35 14.19 -21.04
CA ASN B 165 12.60 14.16 -19.60
C ASN B 165 13.96 13.63 -19.15
N GLY B 166 14.87 13.43 -20.10
CA GLY B 166 16.18 12.87 -19.78
C GLY B 166 16.06 11.64 -18.90
N SER B 167 17.13 11.32 -18.17
CA SER B 167 17.11 10.23 -17.20
C SER B 167 18.48 9.89 -16.63
N THR B 168 18.49 9.42 -15.38
CA THR B 168 19.69 8.92 -14.71
C THR B 168 19.26 7.85 -13.70
N GLY B 169 20.04 6.79 -13.44
CA GLY B 169 21.28 6.46 -14.12
C GLY B 169 22.44 5.77 -13.34
N ILE B 170 22.18 4.76 -12.51
CA ILE B 170 23.31 4.00 -11.91
C ILE B 170 23.12 2.49 -11.84
N SER B 171 23.94 1.76 -12.58
CA SER B 171 23.82 0.31 -12.65
C SER B 171 25.19 -0.31 -12.45
N ALA B 172 25.27 -1.63 -12.58
CA ALA B 172 26.55 -2.33 -12.64
C ALA B 172 27.26 -2.13 -13.99
N GLY B 173 28.45 -1.56 -13.97
CA GLY B 173 29.22 -1.32 -15.17
C GLY B 173 28.79 -0.09 -15.96
N TYR B 174 27.53 0.29 -15.82
CA TYR B 174 27.04 1.43 -16.57
C TYR B 174 26.30 2.43 -15.69
N ALA B 175 26.44 3.71 -16.03
CA ALA B 175 25.63 4.73 -15.43
C ALA B 175 25.04 5.58 -16.55
N THR B 176 23.99 6.34 -16.28
CA THR B 176 23.42 7.18 -17.32
C THR B 176 23.07 8.55 -16.79
N ASP B 177 23.33 9.57 -17.61
CA ASP B 177 22.80 10.91 -17.41
C ASP B 177 22.34 11.49 -18.73
N ILE B 178 21.08 11.87 -18.83
CA ILE B 178 20.52 12.44 -20.06
C ILE B 178 19.71 13.70 -19.78
N PRO B 179 20.19 14.85 -20.24
CA PRO B 179 19.58 16.13 -19.87
C PRO B 179 18.23 16.22 -20.52
N PRO B 180 17.29 16.90 -19.85
CA PRO B 180 15.95 17.10 -20.39
C PRO B 180 16.03 17.90 -21.67
N HIS B 181 15.01 17.80 -22.52
CA HIS B 181 14.96 18.58 -23.76
C HIS B 181 13.59 19.20 -24.01
N ASN B 182 13.57 20.25 -24.84
CA ASN B 182 12.35 20.94 -25.25
C ASN B 182 11.41 20.16 -26.15
N LEU B 183 10.35 19.57 -25.58
CA LEU B 183 9.42 18.75 -26.37
C LEU B 183 9.23 19.23 -27.80
N ALA B 184 8.97 20.52 -27.99
CA ALA B 184 8.81 21.10 -29.33
C ALA B 184 10.01 20.78 -30.23
N GLU B 185 11.16 21.33 -29.87
CA GLU B 185 12.39 21.13 -30.60
C GLU B 185 12.71 19.65 -30.87
N VAL B 186 12.44 18.78 -29.92
CA VAL B 186 12.75 17.38 -30.14
C VAL B 186 11.96 16.85 -31.32
N ILE B 187 10.65 17.02 -31.24
CA ILE B 187 9.77 16.51 -32.26
C ILE B 187 10.16 17.06 -33.63
N ASP B 188 10.60 18.32 -33.68
CA ASP B 188 11.11 18.89 -34.93
C ASP B 188 12.19 17.99 -35.51
N ALA B 189 13.16 17.65 -34.66
CA ALA B 189 14.26 16.80 -35.05
C ALA B 189 13.70 15.51 -35.61
N ALA B 190 12.80 14.90 -34.83
CA ALA B 190 12.17 13.64 -35.22
C ALA B 190 11.56 13.72 -36.62
N VAL B 191 10.67 14.68 -36.83
CA VAL B 191 10.03 14.81 -38.11
C VAL B 191 11.05 15.01 -39.22
N TYR B 192 12.06 15.85 -38.99
CA TYR B 192 13.04 16.06 -40.04
C TYR B 192 13.68 14.74 -40.42
N MET B 193 14.12 13.97 -39.43
CA MET B 193 14.72 12.66 -39.68
C MET B 193 13.76 11.72 -40.40
N ILE B 194 12.49 11.78 -40.03
CA ILE B 194 11.49 10.93 -40.67
C ILE B 194 11.55 11.10 -42.19
N ASP B 195 11.67 12.35 -42.63
CA ASP B 195 11.84 12.64 -44.06
C ASP B 195 13.27 12.37 -44.58
N HIS B 196 14.27 13.07 -44.04
CA HIS B 196 15.69 12.85 -44.38
C HIS B 196 16.50 11.96 -43.42
N PRO B 197 16.31 10.63 -43.47
CA PRO B 197 16.90 9.68 -42.52
C PRO B 197 18.42 9.78 -42.41
N THR B 198 19.09 9.95 -43.54
CA THR B 198 20.55 10.02 -43.58
C THR B 198 21.07 11.32 -42.98
N ALA B 199 20.36 11.85 -42.00
CA ALA B 199 20.61 13.20 -41.49
C ALA B 199 21.89 13.31 -40.68
N LYS B 200 22.64 14.38 -40.93
CA LYS B 200 23.87 14.65 -40.20
C LYS B 200 23.53 15.45 -38.94
N ILE B 201 24.35 15.32 -37.91
CA ILE B 201 24.11 16.01 -36.64
C ILE B 201 24.03 17.52 -36.78
N ASP B 202 24.91 18.10 -37.58
CA ASP B 202 24.90 19.55 -37.77
C ASP B 202 23.50 20.07 -38.11
N LYS B 203 22.85 19.45 -39.08
CA LYS B 203 21.49 19.85 -39.45
C LYS B 203 20.49 19.58 -38.34
N LEU B 204 20.60 18.43 -37.69
CA LEU B 204 19.65 18.09 -36.64
C LEU B 204 19.73 19.12 -35.53
N MET B 205 20.93 19.62 -35.30
CA MET B 205 21.20 20.62 -34.27
C MET B 205 20.42 21.90 -34.50
N GLU B 206 20.18 22.24 -35.76
CA GLU B 206 19.33 23.37 -36.10
C GLU B 206 17.96 23.22 -35.44
N PHE B 207 17.46 21.98 -35.38
CA PHE B 207 16.25 21.66 -34.62
C PHE B 207 16.47 21.46 -33.09
N LEU B 208 17.08 20.35 -32.70
CA LEU B 208 17.51 20.14 -31.30
C LEU B 208 18.89 20.74 -31.04
N PRO B 209 18.94 21.99 -30.53
CA PRO B 209 20.17 22.73 -30.28
C PRO B 209 20.75 22.52 -28.90
N GLY B 210 20.43 21.41 -28.24
CA GLY B 210 20.91 21.23 -26.89
C GLY B 210 19.82 21.25 -25.84
N PRO B 211 20.16 20.87 -24.61
CA PRO B 211 19.26 20.61 -23.49
C PRO B 211 18.32 21.76 -23.17
N ASP B 212 17.19 21.45 -22.55
CA ASP B 212 16.32 22.48 -21.97
C ASP B 212 15.97 22.10 -20.52
N PHE B 213 16.65 22.74 -19.56
CA PHE B 213 16.42 22.44 -18.15
C PHE B 213 15.17 23.13 -17.64
N PRO B 214 14.36 22.40 -16.85
CA PRO B 214 13.09 22.89 -16.30
C PRO B 214 13.37 24.01 -15.33
N THR B 215 14.63 24.07 -14.87
CA THR B 215 15.04 25.05 -13.88
C THR B 215 15.57 26.30 -14.57
N GLY B 216 15.34 26.39 -15.87
CA GLY B 216 15.82 27.51 -16.65
C GLY B 216 17.32 27.44 -16.81
N ALA B 217 17.99 28.56 -16.52
CA ALA B 217 19.45 28.64 -16.51
C ALA B 217 20.12 28.92 -17.85
N ILE B 218 21.43 29.16 -17.81
CA ILE B 218 22.20 29.47 -19.00
C ILE B 218 23.16 28.34 -19.32
N ILE B 219 23.18 27.92 -20.59
CA ILE B 219 24.02 26.80 -21.01
C ILE B 219 25.01 27.26 -22.04
N GLN B 220 26.28 27.12 -21.74
CA GLN B 220 27.32 27.57 -22.65
C GLN B 220 28.24 26.40 -22.94
N GLY B 221 28.39 26.08 -24.23
CA GLY B 221 29.29 25.04 -24.63
C GLY B 221 28.85 24.38 -25.92
N ARG B 222 28.52 25.19 -26.92
CA ARG B 222 28.11 24.67 -28.21
C ARG B 222 28.99 23.49 -28.63
N ASP B 223 30.30 23.69 -28.59
CA ASP B 223 31.25 22.70 -29.11
C ASP B 223 31.10 21.33 -28.47
N GLU B 224 31.20 21.27 -27.14
CA GLU B 224 31.04 20.01 -26.40
C GLU B 224 29.61 19.40 -26.50
N ILE B 225 28.60 20.24 -26.69
CA ILE B 225 27.24 19.74 -26.89
C ILE B 225 27.14 18.88 -28.14
N LYS B 226 27.77 19.35 -29.20
CA LYS B 226 27.88 18.54 -30.40
C LYS B 226 28.56 17.22 -30.04
N LYS B 227 29.69 17.30 -29.35
CA LYS B 227 30.44 16.10 -28.98
C LYS B 227 29.49 15.10 -28.33
N ALA B 228 28.69 15.61 -27.40
CA ALA B 228 27.72 14.80 -26.68
C ALA B 228 26.71 14.18 -27.63
N TYR B 229 26.10 15.01 -28.47
CA TYR B 229 25.12 14.53 -29.43
C TYR B 229 25.67 13.50 -30.43
N GLU B 230 26.94 13.64 -30.82
CA GLU B 230 27.58 12.61 -31.66
C GLU B 230 28.00 11.36 -30.86
N THR B 231 28.89 11.54 -29.90
CA THR B 231 29.48 10.44 -29.14
C THR B 231 28.59 9.82 -28.06
N GLY B 232 27.91 10.67 -27.30
CA GLY B 232 27.13 10.20 -26.17
C GLY B 232 27.66 10.72 -24.84
N LYS B 233 28.92 11.13 -24.83
CA LYS B 233 29.55 11.76 -23.67
C LYS B 233 29.97 13.19 -24.00
N GLY B 234 29.80 14.10 -23.05
CA GLY B 234 30.24 15.48 -23.21
C GLY B 234 30.13 16.27 -21.93
N ARG B 235 30.91 17.34 -21.80
CA ARG B 235 30.74 18.22 -20.64
C ARG B 235 30.36 19.63 -21.08
N VAL B 236 29.36 20.18 -20.39
CA VAL B 236 28.75 21.45 -20.74
C VAL B 236 28.81 22.36 -19.52
N VAL B 237 28.76 23.67 -19.72
CA VAL B 237 28.74 24.58 -18.58
C VAL B 237 27.37 25.19 -18.39
N VAL B 238 26.95 25.28 -17.15
CA VAL B 238 25.64 25.80 -16.81
C VAL B 238 25.79 26.89 -15.77
N ARG B 239 25.26 28.08 -16.07
CA ARG B 239 25.41 29.20 -15.15
C ARG B 239 24.06 29.76 -14.74
N SER B 240 23.89 29.93 -13.43
CA SER B 240 22.72 30.59 -12.89
C SER B 240 22.56 31.95 -13.57
N LYS B 241 21.33 32.48 -13.54
CA LYS B 241 21.00 33.67 -14.31
C LYS B 241 20.95 34.88 -13.38
N THR B 242 21.74 35.89 -13.69
CA THR B 242 22.01 36.96 -12.75
C THR B 242 21.51 38.31 -13.22
N GLU B 243 21.06 39.13 -12.26
CA GLU B 243 20.63 40.50 -12.49
C GLU B 243 21.21 41.40 -11.39
N ILE B 244 21.54 42.65 -11.70
CA ILE B 244 22.01 43.56 -10.66
C ILE B 244 21.01 44.69 -10.36
N GLU B 245 20.65 44.82 -9.10
CA GLU B 245 19.66 45.80 -8.66
C GLU B 245 20.37 46.81 -7.78
N LYS B 246 19.96 48.07 -7.90
CA LYS B 246 20.63 49.17 -7.21
C LYS B 246 19.67 49.96 -6.33
N GLN B 253 23.49 45.10 -5.55
CA GLN B 253 22.75 43.88 -5.19
C GLN B 253 22.65 42.87 -6.32
N ILE B 254 22.90 41.60 -6.01
CA ILE B 254 22.86 40.54 -7.01
C ILE B 254 21.63 39.69 -6.82
N VAL B 255 20.85 39.55 -7.88
CA VAL B 255 19.59 38.81 -7.80
C VAL B 255 19.70 37.53 -8.61
N ILE B 256 19.29 36.43 -8.01
CA ILE B 256 19.41 35.14 -8.66
C ILE B 256 18.02 34.59 -8.88
N THR B 257 17.69 34.23 -10.13
CA THR B 257 16.34 33.82 -10.42
C THR B 257 16.27 32.52 -11.22
N GLU B 258 17.40 31.86 -11.36
CA GLU B 258 17.47 30.55 -12.00
C GLU B 258 18.75 29.91 -11.52
N ILE B 259 18.73 28.62 -11.24
CA ILE B 259 19.96 27.94 -10.84
C ILE B 259 20.18 26.65 -11.64
N PRO B 260 21.40 26.13 -11.60
CA PRO B 260 21.77 24.94 -12.38
C PRO B 260 21.01 23.68 -12.00
N TYR B 261 20.30 23.12 -12.97
CA TYR B 261 19.68 21.80 -12.88
C TYR B 261 20.35 20.84 -11.90
N GLU B 262 19.52 20.12 -11.16
CA GLU B 262 19.99 19.08 -10.24
C GLU B 262 20.81 19.66 -9.10
N ILE B 263 20.65 20.96 -8.86
CA ILE B 263 21.39 21.61 -7.81
C ILE B 263 20.43 22.00 -6.67
N ASN B 264 20.92 22.00 -5.44
CA ASN B 264 20.09 22.17 -4.23
C ASN B 264 19.95 23.59 -3.66
N LYS B 265 18.98 24.36 -4.14
CA LYS B 265 18.82 25.74 -3.70
C LYS B 265 19.20 25.99 -2.23
N ALA B 266 18.75 25.13 -1.33
CA ALA B 266 19.00 25.35 0.09
C ALA B 266 20.48 25.42 0.42
N ASN B 267 21.17 24.31 0.18
CA ASN B 267 22.61 24.23 0.42
C ASN B 267 23.34 25.27 -0.39
N LEU B 268 22.93 25.45 -1.64
CA LEU B 268 23.56 26.46 -2.49
C LEU B 268 23.62 27.79 -1.76
N VAL B 269 22.53 28.16 -1.12
CA VAL B 269 22.49 29.38 -0.32
C VAL B 269 23.47 29.35 0.86
N LYS B 270 23.46 28.28 1.65
CA LYS B 270 24.40 28.18 2.77
C LYS B 270 25.84 28.34 2.27
N LYS B 271 26.20 27.58 1.24
CA LYS B 271 27.55 27.60 0.69
C LYS B 271 27.99 28.99 0.30
N ILE B 272 27.05 29.81 -0.19
CA ILE B 272 27.36 31.19 -0.52
C ILE B 272 27.66 32.03 0.71
N ASP B 273 26.75 32.00 1.69
CA ASP B 273 26.95 32.74 2.94
C ASP B 273 28.22 32.28 3.68
N ASP B 274 28.53 31.00 3.57
CA ASP B 274 29.77 30.46 4.12
C ASP B 274 30.98 31.20 3.53
N VAL B 275 30.88 31.58 2.26
CA VAL B 275 31.89 32.41 1.62
C VAL B 275 32.06 33.74 2.34
N ARG B 276 30.93 34.40 2.64
CA ARG B 276 30.98 35.63 3.39
C ARG B 276 31.64 35.48 4.76
N VAL B 277 31.13 34.56 5.58
CA VAL B 277 31.66 34.35 6.93
C VAL B 277 33.15 34.00 6.95
N ASN B 278 33.55 33.06 6.11
CA ASN B 278 34.96 32.78 5.93
C ASN B 278 35.69 33.95 5.26
N ASN B 279 34.94 35.01 4.93
CA ASN B 279 35.47 36.14 4.17
C ASN B 279 36.50 35.69 3.14
N LYS B 280 36.14 34.65 2.38
CA LYS B 280 37.04 34.08 1.39
C LYS B 280 37.20 35.01 0.20
N VAL B 281 36.27 35.95 0.04
CA VAL B 281 36.41 36.96 -0.99
C VAL B 281 36.02 38.35 -0.50
N ALA B 282 36.39 39.36 -1.28
CA ALA B 282 36.23 40.77 -0.92
C ALA B 282 34.83 41.16 -0.45
N GLY B 283 34.10 41.84 -1.32
CA GLY B 283 32.86 42.51 -0.95
C GLY B 283 31.69 41.67 -0.46
N ILE B 284 31.94 40.40 -0.15
CA ILE B 284 30.91 39.56 0.44
C ILE B 284 30.24 40.37 1.51
N ALA B 285 28.92 40.39 1.52
CA ALA B 285 28.22 41.31 2.41
C ALA B 285 27.15 40.65 3.27
N VAL B 287 24.07 37.53 2.35
CA VAL B 287 23.31 36.58 1.52
C VAL B 287 21.95 36.19 2.13
N ARG B 288 20.87 36.49 1.43
CA ARG B 288 19.50 36.20 1.92
C ARG B 288 18.67 35.45 0.87
N ASP B 289 17.81 34.53 1.31
CA ASP B 289 16.93 33.88 0.37
C ASP B 289 15.52 34.35 0.67
N GLU B 290 14.90 34.98 -0.32
CA GLU B 290 13.53 35.45 -0.15
C GLU B 290 12.68 34.85 -1.25
N SER B 291 12.34 33.58 -1.11
CA SER B 291 11.61 32.86 -2.15
C SER B 291 10.28 32.36 -1.60
N ASP B 292 9.23 32.55 -2.38
CA ASP B 292 7.92 32.08 -1.98
C ASP B 292 7.23 31.33 -3.11
N ARG B 293 6.18 30.59 -2.75
CA ARG B 293 5.33 29.91 -3.72
C ARG B 293 5.02 30.81 -4.94
N ASP B 294 5.84 30.66 -5.99
CA ASP B 294 5.75 31.41 -7.26
C ASP B 294 6.91 32.40 -7.54
N GLY B 295 8.11 31.85 -7.67
CA GLY B 295 9.27 32.65 -8.01
C GLY B 295 10.50 32.33 -7.19
N LEU B 296 11.65 32.32 -7.83
CA LEU B 296 12.90 32.09 -7.13
C LEU B 296 13.66 33.40 -7.02
N ARG B 297 14.10 33.72 -5.81
CA ARG B 297 14.85 34.95 -5.56
C ARG B 297 15.93 34.74 -4.51
N ILE B 298 17.19 34.91 -4.89
CA ILE B 298 18.28 34.88 -3.92
C ILE B 298 19.03 36.16 -4.04
N ALA B 299 19.15 36.88 -2.92
CA ALA B 299 19.71 38.21 -2.91
C ALA B 299 21.09 38.23 -2.27
N ILE B 300 22.06 38.68 -3.03
CA ILE B 300 23.41 38.87 -2.53
C ILE B 300 23.66 40.35 -2.60
N GLU B 301 23.53 41.03 -1.47
CA GLU B 301 23.56 42.49 -1.44
C GLU B 301 24.91 42.92 -0.90
N LEU B 302 25.55 43.84 -1.61
CA LEU B 302 27.00 44.02 -1.46
C LEU B 302 27.35 45.26 -0.65
N LYS B 303 28.62 45.37 -0.25
CA LYS B 303 29.02 46.30 0.79
C LYS B 303 29.50 47.65 0.22
N LYS B 304 30.80 47.91 0.30
CA LYS B 304 31.33 49.20 -0.13
C LYS B 304 32.04 49.09 -1.48
N ASP B 305 33.27 48.61 -1.45
CA ASP B 305 34.02 48.31 -2.67
C ASP B 305 33.24 47.31 -3.53
N ALA B 306 32.42 47.84 -4.43
CA ALA B 306 31.57 47.02 -5.28
C ALA B 306 32.39 46.29 -6.34
N ASN B 307 33.41 45.57 -5.89
CA ASN B 307 34.15 44.62 -6.71
C ASN B 307 33.21 43.55 -7.24
N THR B 308 31.94 43.90 -7.43
CA THR B 308 30.89 42.94 -7.75
C THR B 308 31.28 41.92 -8.84
N GLU B 309 31.87 42.39 -9.93
CA GLU B 309 32.27 41.50 -11.02
C GLU B 309 33.26 40.42 -10.56
N LEU B 310 34.25 40.83 -9.78
CA LEU B 310 35.17 39.90 -9.13
C LEU B 310 34.43 38.97 -8.16
N VAL B 311 33.49 39.51 -7.39
CA VAL B 311 32.69 38.71 -6.44
C VAL B 311 31.83 37.66 -7.15
N LEU B 312 31.11 38.09 -8.17
CA LEU B 312 30.29 37.21 -9.00
C LEU B 312 31.14 36.17 -9.70
N ASN B 313 32.19 36.62 -10.37
CA ASN B 313 33.11 35.72 -11.07
C ASN B 313 33.71 34.69 -10.10
N TYR B 314 33.99 35.12 -8.88
CA TYR B 314 34.47 34.20 -7.85
C TYR B 314 33.38 33.19 -7.50
N LEU B 315 32.19 33.69 -7.16
CA LEU B 315 31.09 32.82 -6.79
C LEU B 315 30.88 31.72 -7.82
N PHE B 316 30.92 32.08 -9.10
CA PHE B 316 30.81 31.09 -10.16
C PHE B 316 31.83 29.97 -9.99
N LYS B 317 33.11 30.35 -9.87
CA LYS B 317 34.16 29.37 -9.70
C LYS B 317 34.00 28.55 -8.41
N TYR B 318 34.05 29.26 -7.28
CA TYR B 318 34.08 28.64 -5.95
C TYR B 318 32.78 27.99 -5.40
N THR B 319 31.62 28.29 -6.00
CA THR B 319 30.36 27.64 -5.60
C THR B 319 29.58 27.04 -6.77
N ASP B 320 28.44 26.44 -6.44
CA ASP B 320 27.65 25.73 -7.44
C ASP B 320 26.65 26.64 -8.14
N LEU B 321 26.93 27.94 -8.17
CA LEU B 321 26.17 28.88 -9.01
C LEU B 321 26.46 28.63 -10.49
N GLN B 322 27.66 28.13 -10.75
CA GLN B 322 28.01 27.63 -12.07
C GLN B 322 28.66 26.28 -11.86
N ILE B 323 28.14 25.28 -12.56
CA ILE B 323 28.67 23.93 -12.52
C ILE B 323 28.77 23.46 -13.94
N ASN B 324 29.25 22.24 -14.11
CA ASN B 324 29.12 21.60 -15.41
C ASN B 324 28.21 20.40 -15.36
N TYR B 325 27.49 20.18 -16.45
CA TYR B 325 26.60 19.06 -16.56
C TYR B 325 27.23 18.10 -17.52
N ASN B 326 27.15 16.82 -17.20
CA ASN B 326 27.83 15.83 -17.99
C ASN B 326 26.86 14.95 -18.73
N PHE B 327 27.23 14.61 -19.94
CA PHE B 327 26.37 13.82 -20.78
C PHE B 327 26.92 12.43 -20.74
N ASN B 328 26.06 11.50 -20.36
CA ASN B 328 26.40 10.11 -20.48
C ASN B 328 25.15 9.41 -20.98
N MET B 329 24.94 9.43 -22.28
CA MET B 329 23.66 9.01 -22.76
C MET B 329 23.75 7.55 -23.09
N VAL B 330 23.13 6.78 -22.22
CA VAL B 330 23.17 5.35 -22.27
C VAL B 330 21.77 4.84 -22.08
N ALA B 331 21.28 4.11 -23.05
CA ALA B 331 19.97 3.51 -22.92
C ALA B 331 19.99 2.05 -23.30
N ILE B 332 18.86 1.39 -23.07
CA ILE B 332 18.75 0.02 -23.46
C ILE B 332 18.11 -0.07 -24.84
N ASP B 333 18.90 -0.53 -25.81
CA ASP B 333 18.40 -0.86 -27.15
C ASP B 333 18.69 -2.34 -27.40
N ASN B 334 17.73 -3.02 -28.00
CA ASN B 334 17.88 -4.44 -28.28
C ASN B 334 18.25 -5.24 -27.04
N PHE B 335 17.58 -4.93 -25.93
CA PHE B 335 17.81 -5.65 -24.68
C PHE B 335 19.21 -5.44 -24.13
N THR B 336 19.94 -4.45 -24.66
CA THR B 336 21.33 -4.23 -24.21
C THR B 336 21.76 -2.76 -24.04
N PRO B 337 22.77 -2.53 -23.17
CA PRO B 337 23.31 -1.19 -22.90
C PRO B 337 24.04 -0.65 -24.09
N ARG B 338 23.59 0.48 -24.61
CA ARG B 338 24.36 1.21 -25.61
C ARG B 338 24.60 2.64 -25.12
N GLN B 339 25.77 3.17 -25.42
CA GLN B 339 25.97 4.59 -25.24
C GLN B 339 25.73 5.20 -26.59
N VAL B 340 24.74 6.07 -26.66
CA VAL B 340 24.21 6.50 -27.94
C VAL B 340 24.12 8.02 -28.04
N GLY B 341 24.22 8.51 -29.27
CA GLY B 341 24.04 9.93 -29.54
C GLY B 341 22.60 10.27 -29.85
N ILE B 342 22.38 11.46 -30.40
CA ILE B 342 21.03 11.88 -30.72
C ILE B 342 20.48 11.04 -31.85
N VAL B 343 21.32 10.81 -32.86
CA VAL B 343 20.88 10.10 -34.07
C VAL B 343 20.31 8.69 -33.82
N PRO B 344 21.01 7.88 -33.03
CA PRO B 344 20.48 6.57 -32.62
C PRO B 344 19.20 6.70 -31.83
N ILE B 345 19.15 7.63 -30.88
CA ILE B 345 17.94 7.79 -30.07
C ILE B 345 16.77 8.12 -30.94
N LEU B 346 16.92 9.21 -31.69
CA LEU B 346 15.87 9.67 -32.59
C LEU B 346 15.45 8.56 -33.55
N SER B 347 16.42 7.97 -34.21
CA SER B 347 16.10 6.93 -35.17
C SER B 347 15.32 5.79 -34.53
N SER B 348 15.87 5.23 -33.46
CA SER B 348 15.26 4.08 -32.82
C SER B 348 13.86 4.41 -32.34
N TYR B 349 13.64 5.65 -31.91
CA TYR B 349 12.30 6.07 -31.51
C TYR B 349 11.37 6.03 -32.73
N ILE B 350 11.84 6.62 -33.82
CA ILE B 350 11.08 6.62 -35.08
C ILE B 350 10.68 5.22 -35.50
N ALA B 351 11.65 4.32 -35.57
CA ALA B 351 11.39 2.95 -36.00
C ALA B 351 10.41 2.27 -35.08
N HIS B 352 10.40 2.69 -33.82
CA HIS B 352 9.44 2.17 -32.86
C HIS B 352 8.06 2.60 -33.25
N ARG B 353 7.90 3.90 -33.41
CA ARG B 353 6.62 4.44 -33.77
C ARG B 353 6.10 3.73 -35.01
N ARG B 354 6.99 3.28 -35.90
CA ARG B 354 6.56 2.56 -37.10
C ARG B 354 5.90 1.25 -36.76
N GLU B 355 6.57 0.44 -35.94
CA GLU B 355 5.98 -0.80 -35.49
C GLU B 355 4.65 -0.51 -34.83
N VAL B 356 4.60 0.55 -34.02
CA VAL B 356 3.38 0.84 -33.30
C VAL B 356 2.25 1.10 -34.27
N ILE B 357 2.48 2.04 -35.18
CA ILE B 357 1.46 2.42 -36.14
C ILE B 357 0.95 1.22 -36.94
N LEU B 358 1.88 0.45 -37.51
CA LEU B 358 1.51 -0.74 -38.26
C LEU B 358 0.72 -1.75 -37.42
N ALA B 359 1.20 -2.04 -36.22
CA ALA B 359 0.53 -2.99 -35.35
C ALA B 359 -0.86 -2.49 -35.00
N ARG B 360 -0.96 -1.20 -34.71
CA ARG B 360 -2.23 -0.59 -34.41
C ARG B 360 -3.20 -0.81 -35.55
N SER B 361 -2.80 -0.37 -36.75
CA SER B 361 -3.67 -0.47 -37.90
C SER B 361 -4.09 -1.91 -38.15
N ARG B 362 -3.18 -2.86 -38.03
CA ARG B 362 -3.52 -4.26 -38.21
C ARG B 362 -4.68 -4.66 -37.29
N PHE B 363 -4.59 -4.25 -36.03
CA PHE B 363 -5.65 -4.51 -35.06
C PHE B 363 -6.95 -3.84 -35.45
N ASP B 364 -6.87 -2.57 -35.87
CA ASP B 364 -8.05 -1.80 -36.26
C ASP B 364 -8.77 -2.43 -37.45
N LYS B 365 -7.96 -2.92 -38.39
CA LYS B 365 -8.46 -3.54 -39.61
C LYS B 365 -9.26 -4.78 -39.28
N GLU B 366 -8.69 -5.69 -38.49
CA GLU B 366 -9.42 -6.90 -38.10
C GLU B 366 -10.78 -6.53 -37.50
N LYS B 367 -10.76 -5.61 -36.54
CA LYS B 367 -12.01 -5.18 -35.89
C LYS B 367 -12.98 -4.67 -36.94
N ALA B 368 -12.51 -3.83 -37.85
CA ALA B 368 -13.36 -3.34 -38.93
C ALA B 368 -13.98 -4.52 -39.70
N GLU B 369 -13.13 -5.39 -40.20
CA GLU B 369 -13.56 -6.52 -41.00
C GLU B 369 -14.60 -7.38 -40.29
N LYS B 370 -14.45 -7.57 -38.98
CA LYS B 370 -15.41 -8.37 -38.23
C LYS B 370 -16.81 -7.75 -38.22
N ARG B 371 -16.94 -6.53 -37.71
CA ARG B 371 -18.24 -5.87 -37.67
C ARG B 371 -18.79 -5.76 -39.06
N LEU B 372 -17.91 -5.52 -40.03
CA LEU B 372 -18.29 -5.43 -41.44
C LEU B 372 -18.97 -6.70 -41.89
N HIS B 373 -18.34 -7.85 -41.61
CA HIS B 373 -18.95 -9.14 -41.93
C HIS B 373 -20.31 -9.29 -41.23
N ILE B 374 -20.39 -8.85 -39.98
CA ILE B 374 -21.65 -8.84 -39.24
C ILE B 374 -22.73 -7.89 -39.83
N VAL B 375 -22.33 -6.68 -40.17
CA VAL B 375 -23.21 -5.71 -40.83
C VAL B 375 -23.68 -6.23 -42.18
N GLU B 376 -22.75 -6.79 -42.93
CA GLU B 376 -23.08 -7.38 -44.21
C GLU B 376 -24.22 -8.34 -43.93
N GLY B 377 -24.12 -9.02 -42.78
CA GLY B 377 -25.10 -10.02 -42.36
C GLY B 377 -26.48 -9.49 -42.04
N LEU B 378 -26.57 -8.56 -41.09
CA LEU B 378 -27.84 -7.95 -40.74
C LEU B 378 -28.55 -7.35 -41.95
N ILE B 379 -27.79 -6.74 -42.84
CA ILE B 379 -28.37 -6.21 -44.07
C ILE B 379 -29.12 -7.30 -44.84
N ARG B 380 -28.53 -8.48 -44.95
CA ARG B 380 -29.23 -9.59 -45.58
C ARG B 380 -30.51 -9.91 -44.80
N VAL B 381 -30.37 -10.05 -43.48
CA VAL B 381 -31.50 -10.43 -42.64
C VAL B 381 -32.71 -9.50 -42.74
N ILE B 382 -32.47 -8.19 -42.70
CA ILE B 382 -33.56 -7.23 -42.70
C ILE B 382 -34.53 -7.53 -43.87
N SER B 383 -34.04 -8.12 -44.94
CA SER B 383 -34.87 -8.56 -46.08
C SER B 383 -35.72 -9.82 -45.83
N ILE B 384 -35.22 -10.72 -44.98
CA ILE B 384 -35.89 -11.99 -44.68
C ILE B 384 -36.53 -12.00 -43.28
N LEU B 385 -36.58 -10.84 -42.63
CA LEU B 385 -36.97 -10.74 -41.23
C LEU B 385 -38.15 -11.62 -40.87
N ASP B 386 -39.21 -11.53 -41.65
CA ASP B 386 -40.39 -12.31 -41.33
C ASP B 386 -40.00 -13.78 -41.16
N GLU B 387 -39.59 -14.42 -42.25
CA GLU B 387 -39.24 -15.85 -42.25
C GLU B 387 -38.16 -16.22 -41.20
N VAL B 388 -37.21 -15.31 -40.99
CA VAL B 388 -36.16 -15.52 -40.02
C VAL B 388 -36.72 -15.70 -38.59
N ILE B 389 -37.50 -14.72 -38.15
CA ILE B 389 -38.12 -14.81 -36.83
C ILE B 389 -38.93 -16.10 -36.74
N ALA B 390 -39.75 -16.34 -37.75
CA ALA B 390 -40.60 -17.53 -37.80
C ALA B 390 -39.79 -18.79 -37.54
N LEU B 391 -38.62 -18.88 -38.18
CA LEU B 391 -37.69 -19.96 -37.93
C LEU B 391 -37.28 -20.02 -36.46
N ILE B 392 -36.85 -18.89 -35.91
CA ILE B 392 -36.34 -18.85 -34.54
C ILE B 392 -37.37 -19.38 -33.56
N ARG B 393 -38.63 -19.02 -33.78
CA ARG B 393 -39.73 -19.49 -32.95
C ARG B 393 -39.92 -21.00 -33.08
N ALA B 394 -39.92 -21.48 -34.33
CA ALA B 394 -39.96 -22.91 -34.59
C ALA B 394 -38.69 -23.65 -34.14
N SER B 395 -37.82 -22.97 -33.41
CA SER B 395 -36.58 -23.61 -32.95
C SER B 395 -36.64 -24.00 -31.48
N GLU B 396 -35.86 -25.01 -31.11
CA GLU B 396 -35.96 -25.59 -29.78
C GLU B 396 -35.13 -24.82 -28.74
N ASN B 397 -33.82 -24.72 -29.01
CA ASN B 397 -32.85 -24.09 -28.10
C ASN B 397 -32.22 -22.85 -28.75
N LYS B 398 -31.59 -21.97 -27.96
CA LYS B 398 -30.86 -20.86 -28.57
C LYS B 398 -29.89 -21.43 -29.60
N ALA B 399 -29.11 -22.40 -29.14
CA ALA B 399 -28.18 -23.11 -29.99
C ALA B 399 -28.85 -23.75 -31.21
N ASP B 400 -29.94 -24.49 -31.00
CA ASP B 400 -30.69 -25.04 -32.13
C ASP B 400 -31.13 -23.91 -33.06
N ALA B 401 -31.59 -22.83 -32.46
CA ALA B 401 -31.98 -21.64 -33.22
C ALA B 401 -30.86 -21.27 -34.20
N LYS B 402 -29.66 -21.08 -33.67
CA LYS B 402 -28.48 -20.74 -34.47
C LYS B 402 -28.23 -21.77 -35.57
N GLU B 403 -28.14 -23.04 -35.18
CA GLU B 403 -27.85 -24.14 -36.13
C GLU B 403 -28.86 -24.22 -37.29
N ASN B 404 -30.11 -23.85 -37.04
CA ASN B 404 -31.12 -23.83 -38.10
C ASN B 404 -30.90 -22.72 -39.14
N LEU B 405 -30.51 -21.52 -38.70
CA LEU B 405 -30.22 -20.43 -39.65
C LEU B 405 -29.02 -20.74 -40.51
N LYS B 406 -27.97 -21.27 -39.89
CA LYS B 406 -26.78 -21.67 -40.62
C LYS B 406 -27.13 -22.69 -41.71
N VAL B 407 -27.89 -23.73 -41.34
CA VAL B 407 -28.34 -24.73 -42.31
C VAL B 407 -29.19 -24.15 -43.44
N SER B 408 -30.29 -23.48 -43.09
CA SER B 408 -31.24 -22.92 -44.06
C SER B 408 -30.72 -21.75 -44.91
N TYR B 409 -30.54 -20.58 -44.30
CA TYR B 409 -30.06 -19.37 -44.99
C TYR B 409 -28.54 -19.24 -45.05
N ASP B 410 -27.82 -20.35 -44.92
CA ASP B 410 -26.36 -20.36 -44.87
C ASP B 410 -25.74 -19.04 -44.37
N PHE B 411 -26.17 -18.60 -43.19
CA PHE B 411 -25.50 -17.52 -42.49
C PHE B 411 -24.25 -18.12 -41.87
N THR B 412 -23.33 -17.29 -41.37
CA THR B 412 -22.14 -17.82 -40.71
C THR B 412 -22.37 -18.03 -39.22
N GLU B 413 -21.29 -18.32 -38.50
CA GLU B 413 -21.42 -18.60 -37.07
C GLU B 413 -21.66 -17.31 -36.31
N GLU B 414 -20.72 -16.37 -36.40
CA GLU B 414 -20.82 -15.09 -35.72
C GLU B 414 -22.04 -14.31 -36.18
N GLN B 415 -22.34 -14.38 -37.48
CA GLN B 415 -23.52 -13.72 -38.02
C GLN B 415 -24.75 -14.19 -37.27
N ALA B 416 -24.82 -15.50 -37.06
CA ALA B 416 -25.91 -16.12 -36.29
C ALA B 416 -26.01 -15.61 -34.84
N GLU B 417 -24.93 -15.69 -34.07
CA GLU B 417 -24.99 -15.20 -32.70
C GLU B 417 -25.53 -13.77 -32.73
N ALA B 418 -25.01 -12.94 -33.63
CA ALA B 418 -25.43 -11.54 -33.72
C ALA B 418 -26.93 -11.37 -34.02
N ILE B 419 -27.45 -12.11 -34.98
CA ILE B 419 -28.87 -12.04 -35.25
C ILE B 419 -29.66 -12.53 -34.03
N VAL B 420 -29.30 -13.70 -33.54
CA VAL B 420 -29.99 -14.32 -32.43
C VAL B 420 -30.01 -13.51 -31.12
N THR B 421 -28.86 -12.95 -30.74
CA THR B 421 -28.77 -12.17 -29.51
C THR B 421 -29.36 -10.78 -29.60
N LEU B 422 -29.56 -10.28 -30.82
CA LEU B 422 -30.26 -9.01 -31.01
C LEU B 422 -31.40 -8.92 -30.01
N GLN B 423 -31.52 -7.80 -29.30
CA GLN B 423 -32.65 -7.67 -28.40
C GLN B 423 -33.91 -7.42 -29.26
N LEU B 424 -35.02 -7.01 -28.65
CA LEU B 424 -36.27 -6.91 -29.42
C LEU B 424 -36.51 -5.55 -30.02
N TYR B 425 -36.28 -4.49 -29.23
CA TYR B 425 -36.49 -3.15 -29.73
C TYR B 425 -35.58 -2.89 -30.90
N ARG B 426 -34.60 -3.75 -31.12
CA ARG B 426 -33.74 -3.60 -32.28
C ARG B 426 -34.53 -3.78 -33.57
N LEU B 427 -35.62 -4.54 -33.50
CA LEU B 427 -36.56 -4.70 -34.61
C LEU B 427 -37.31 -3.40 -34.91
N THR B 428 -37.37 -2.53 -33.92
CA THR B 428 -37.95 -1.21 -34.08
C THR B 428 -37.21 -0.44 -35.18
N ASN B 429 -35.95 -0.81 -35.39
CA ASN B 429 -35.11 -0.19 -36.41
C ASN B 429 -34.77 -1.14 -37.58
N THR B 430 -35.72 -1.33 -38.48
CA THR B 430 -35.49 -2.08 -39.69
C THR B 430 -35.27 -1.10 -40.82
N ASP B 431 -34.01 -0.94 -41.24
CA ASP B 431 -33.63 0.14 -42.15
C ASP B 431 -32.28 -0.05 -42.82
N VAL B 432 -32.22 -0.91 -43.83
CA VAL B 432 -30.99 -1.12 -44.59
C VAL B 432 -30.19 0.13 -45.00
N VAL B 433 -30.81 1.30 -45.04
CA VAL B 433 -30.05 2.54 -45.28
C VAL B 433 -28.96 2.80 -44.23
N VAL B 434 -29.35 2.77 -42.96
CA VAL B 434 -28.43 3.05 -41.86
C VAL B 434 -27.25 2.09 -41.83
N LEU B 435 -27.55 0.80 -41.93
CA LEU B 435 -26.52 -0.21 -41.95
C LEU B 435 -25.59 0.04 -43.13
N GLN B 436 -26.17 0.34 -44.29
CA GLN B 436 -25.38 0.64 -45.49
C GLN B 436 -24.45 1.82 -45.25
N GLU B 437 -24.91 2.81 -44.47
CA GLU B 437 -24.07 3.94 -44.12
C GLU B 437 -22.81 3.51 -43.37
N GLU B 438 -22.98 2.69 -42.33
CA GLU B 438 -21.84 2.12 -41.61
C GLU B 438 -21.00 1.25 -42.53
N GLU B 439 -21.66 0.47 -43.38
CA GLU B 439 -20.93 -0.41 -44.28
C GLU B 439 -19.94 0.39 -45.13
N ALA B 440 -20.39 1.51 -45.67
CA ALA B 440 -19.50 2.39 -46.41
C ALA B 440 -18.35 2.78 -45.50
N GLU B 441 -18.71 3.24 -44.31
CA GLU B 441 -17.73 3.76 -43.38
C GLU B 441 -16.63 2.75 -43.17
N LEU B 442 -17.03 1.52 -42.88
CA LEU B 442 -16.08 0.45 -42.64
C LEU B 442 -15.21 0.23 -43.86
N ARG B 443 -15.84 0.04 -45.02
CA ARG B 443 -15.07 -0.29 -46.21
C ARG B 443 -14.00 0.78 -46.47
N GLU B 444 -14.39 2.04 -46.34
CA GLU B 444 -13.45 3.16 -46.46
C GLU B 444 -12.31 3.11 -45.42
N LYS B 445 -12.62 2.82 -44.15
CA LYS B 445 -11.56 2.65 -43.14
C LYS B 445 -10.61 1.50 -43.50
N ILE B 446 -11.18 0.35 -43.84
CA ILE B 446 -10.36 -0.81 -44.16
C ILE B 446 -9.38 -0.48 -45.26
N ALA B 447 -9.89 0.08 -46.35
CA ALA B 447 -9.05 0.42 -47.49
C ALA B 447 -7.99 1.47 -47.15
N MET B 448 -8.36 2.46 -46.34
CA MET B 448 -7.38 3.41 -45.83
C MET B 448 -6.26 2.68 -45.10
N LEU B 449 -6.64 1.82 -44.16
CA LEU B 449 -5.69 1.06 -43.34
C LEU B 449 -4.78 0.19 -44.17
N ALA B 450 -5.37 -0.60 -45.06
CA ALA B 450 -4.61 -1.53 -45.87
C ALA B 450 -3.49 -0.77 -46.56
N ALA B 451 -3.77 0.47 -46.93
CA ALA B 451 -2.75 1.36 -47.46
C ALA B 451 -1.59 1.49 -46.47
N ILE B 452 -1.83 2.11 -45.32
CA ILE B 452 -0.77 2.32 -44.33
C ILE B 452 0.07 1.07 -44.13
N ILE B 453 -0.62 -0.06 -43.98
CA ILE B 453 0.04 -1.34 -43.76
C ILE B 453 1.09 -1.68 -44.82
N GLY B 454 0.77 -1.50 -46.10
CA GLY B 454 1.71 -1.81 -47.15
C GLY B 454 2.03 -0.65 -48.09
N ASP B 455 2.26 0.53 -47.52
CA ASP B 455 2.40 1.75 -48.32
C ASP B 455 3.53 2.64 -47.88
N GLU B 456 4.55 2.04 -47.28
CA GLU B 456 5.54 2.71 -46.44
C GLU B 456 5.56 4.25 -46.30
N ARG B 457 5.42 5.01 -47.38
CA ARG B 457 5.37 6.47 -47.22
C ARG B 457 4.04 6.96 -46.61
N THR B 458 2.93 6.35 -47.01
CA THR B 458 1.64 6.67 -46.39
C THR B 458 1.74 6.45 -44.87
N MET B 459 2.49 5.42 -44.46
CA MET B 459 2.73 5.14 -43.05
C MET B 459 3.50 6.29 -42.38
N TYR B 460 4.63 6.66 -42.96
CA TYR B 460 5.50 7.72 -42.43
C TYR B 460 4.82 9.07 -42.31
N ASN B 461 3.98 9.38 -43.29
CA ASN B 461 3.18 10.59 -43.25
C ASN B 461 2.27 10.65 -42.01
N LEU B 462 1.49 9.60 -41.80
CA LEU B 462 0.69 9.46 -40.58
C LEU B 462 1.53 9.70 -39.32
N MET B 463 2.73 9.12 -39.27
CA MET B 463 3.64 9.40 -38.17
C MET B 463 3.85 10.89 -38.03
N LYS B 464 4.25 11.52 -39.14
CA LYS B 464 4.57 12.93 -39.11
C LYS B 464 3.37 13.71 -38.58
N LYS B 465 2.17 13.40 -39.07
CA LYS B 465 0.98 14.10 -38.62
C LYS B 465 0.81 13.96 -37.10
N GLU B 466 0.67 12.74 -36.61
CA GLU B 466 0.42 12.57 -35.20
C GLU B 466 1.47 13.34 -34.40
N LEU B 467 2.72 13.26 -34.83
CA LEU B 467 3.79 13.94 -34.13
C LEU B 467 3.56 15.44 -34.07
N ARG B 468 3.19 16.01 -35.21
CA ARG B 468 2.89 17.43 -35.27
C ARG B 468 1.73 17.79 -34.36
N GLU B 469 0.68 16.96 -34.37
CA GLU B 469 -0.48 17.17 -33.50
C GLU B 469 -0.06 17.19 -32.02
N VAL B 470 0.86 16.30 -31.65
CA VAL B 470 1.40 16.27 -30.29
C VAL B 470 2.21 17.53 -29.95
N LYS B 471 3.01 17.99 -30.90
CA LYS B 471 3.77 19.23 -30.71
C LYS B 471 2.81 20.40 -30.47
N LYS B 472 1.78 20.51 -31.30
CA LYS B 472 0.81 21.60 -31.15
C LYS B 472 0.18 21.59 -29.76
N LYS B 473 -0.30 20.43 -29.32
CA LYS B 473 -0.93 20.33 -28.00
C LYS B 473 0.06 20.70 -26.89
N PHE B 474 1.15 19.96 -26.78
CA PHE B 474 2.00 20.10 -25.59
C PHE B 474 3.21 21.04 -25.64
N ALA B 475 3.42 21.74 -26.73
CA ALA B 475 4.65 22.52 -26.89
C ALA B 475 4.72 23.70 -25.95
N THR B 476 5.92 23.99 -25.44
CA THR B 476 6.14 25.17 -24.58
C THR B 476 7.45 25.86 -24.86
N PRO B 477 7.50 27.18 -24.64
CA PRO B 477 8.68 28.02 -24.87
C PRO B 477 9.92 27.41 -24.21
N ARG B 478 11.11 27.81 -24.64
CA ARG B 478 12.34 27.35 -24.00
C ARG B 478 12.49 27.97 -22.64
N LEU B 479 13.07 27.22 -21.71
CA LEU B 479 13.26 27.75 -20.38
C LEU B 479 14.75 28.08 -20.21
N SER B 480 15.59 27.23 -20.79
CA SER B 480 17.05 27.37 -20.73
C SER B 480 17.62 28.11 -21.97
N SER B 481 18.65 28.92 -21.76
CA SER B 481 19.20 29.77 -22.81
C SER B 481 20.58 29.30 -23.26
N LEU B 482 20.99 29.66 -24.47
CA LEU B 482 22.22 29.13 -25.03
C LEU B 482 23.28 30.19 -25.34
N GLU B 483 24.46 30.02 -24.76
CA GLU B 483 25.61 30.90 -24.98
C GLU B 483 26.86 30.10 -25.34
N LYS C 36 15.89 20.09 14.43
CA LYS C 36 16.21 21.17 13.51
C LYS C 36 14.96 21.91 13.02
N LEU C 37 15.07 23.24 12.95
CA LEU C 37 13.96 24.15 12.75
C LEU C 37 14.15 24.94 11.45
N THR C 38 13.07 25.53 10.95
CA THR C 38 13.16 26.44 9.81
C THR C 38 12.78 27.87 10.23
N PRO C 39 13.79 28.68 10.57
CA PRO C 39 13.62 29.99 11.22
C PRO C 39 13.32 31.10 10.23
N ALA C 40 12.83 32.24 10.72
CA ALA C 40 12.50 33.36 9.85
C ALA C 40 13.73 34.20 9.55
N GLN C 41 13.68 34.95 8.45
CA GLN C 41 14.81 35.78 8.05
C GLN C 41 15.21 36.71 9.20
N SER C 42 14.34 37.66 9.52
CA SER C 42 14.60 38.63 10.59
C SER C 42 14.47 38.01 11.98
N LYS C 43 15.37 38.38 12.89
CA LYS C 43 15.24 37.99 14.28
C LYS C 43 14.70 39.18 15.07
N ASN C 44 13.38 39.21 15.18
CA ASN C 44 12.63 40.35 15.70
C ASN C 44 11.49 39.85 16.61
N PRO C 45 11.79 39.64 17.90
CA PRO C 45 10.82 39.13 18.87
C PRO C 45 9.57 39.99 19.02
N ALA C 46 9.38 40.98 18.17
CA ALA C 46 8.21 41.84 18.25
C ALA C 46 7.07 41.37 17.33
N LYS C 47 7.42 40.97 16.11
CA LYS C 47 6.45 40.42 15.16
C LYS C 47 7.08 39.26 14.39
N ASN C 48 7.12 38.10 15.02
CA ASN C 48 7.61 36.90 14.36
C ASN C 48 6.94 35.71 15.05
N GLU C 49 6.45 34.75 14.26
CA GLU C 49 5.61 33.69 14.77
C GLU C 49 6.30 32.34 14.65
N LEU C 50 6.06 31.47 15.63
CA LEU C 50 6.64 30.14 15.64
C LEU C 50 5.52 29.15 15.47
N TYR C 51 5.60 28.38 14.40
CA TYR C 51 4.53 27.48 14.04
C TYR C 51 4.93 26.07 14.40
N LEU C 52 4.18 25.49 15.34
CA LEU C 52 4.50 24.18 15.86
C LEU C 52 3.61 23.18 15.13
N VAL C 53 4.25 22.16 14.60
CA VAL C 53 3.64 21.29 13.64
C VAL C 53 3.85 19.84 14.03
N GLU C 54 3.06 18.95 13.45
CA GLU C 54 2.87 17.62 14.00
C GLU C 54 3.93 16.67 13.45
N GLY C 55 4.64 17.10 12.41
CA GLY C 55 5.64 16.27 11.78
C GLY C 55 6.38 16.87 10.58
N ASP C 56 7.33 16.11 10.04
CA ASP C 56 8.16 16.57 8.91
C ASP C 56 7.33 16.73 7.65
N SER C 57 6.43 15.79 7.39
CA SER C 57 5.58 15.88 6.20
C SER C 57 4.75 17.17 6.20
N ALA C 58 4.10 17.47 7.32
CA ALA C 58 3.38 18.73 7.45
C ALA C 58 4.36 19.90 7.41
N GLY C 59 5.54 19.68 7.98
CA GLY C 59 6.55 20.71 8.04
C GLY C 59 6.84 21.25 6.66
N GLY C 60 6.89 20.35 5.68
CA GLY C 60 7.15 20.74 4.32
C GLY C 60 6.09 21.71 3.82
N SER C 61 4.85 21.30 3.98
CA SER C 61 3.73 22.12 3.56
C SER C 61 3.84 23.49 4.20
N ALA C 62 4.12 23.53 5.49
CA ALA C 62 4.26 24.78 6.21
C ALA C 62 5.38 25.61 5.61
N LYS C 63 6.60 25.06 5.59
CA LYS C 63 7.75 25.82 5.13
C LYS C 63 7.44 26.43 3.77
N GLN C 64 6.81 25.64 2.91
CA GLN C 64 6.56 26.08 1.55
C GLN C 64 5.60 27.27 1.47
N GLY C 65 4.36 27.05 1.89
CA GLY C 65 3.40 28.14 1.93
C GLY C 65 3.61 28.92 3.21
N ARG C 66 4.17 30.10 3.11
CA ARG C 66 4.63 30.79 4.31
C ARG C 66 5.43 32.03 3.94
N ASP C 67 5.34 33.06 4.77
CA ASP C 67 6.12 34.28 4.59
C ASP C 67 7.40 34.20 5.43
N ARG C 68 8.52 33.92 4.79
CA ARG C 68 9.75 33.63 5.52
C ARG C 68 10.34 34.83 6.25
N LYS C 69 9.70 35.99 6.10
CA LYS C 69 10.15 37.21 6.76
C LYS C 69 9.95 37.09 8.28
N PHE C 70 8.77 36.64 8.70
CA PHE C 70 8.46 36.51 10.11
C PHE C 70 7.61 35.28 10.40
N GLN C 71 8.06 34.12 9.93
CA GLN C 71 7.38 32.87 10.24
C GLN C 71 8.36 31.70 10.30
N ALA C 72 8.43 31.10 11.47
CA ALA C 72 9.36 30.02 11.73
C ALA C 72 8.55 28.75 11.90
N ILE C 73 9.18 27.63 11.62
CA ILE C 73 8.45 26.37 11.60
C ILE C 73 9.23 25.27 12.31
N LEU C 74 8.60 24.66 13.30
CA LEU C 74 9.27 23.70 14.14
C LEU C 74 8.45 22.42 14.24
N PRO C 75 8.93 21.34 13.62
CA PRO C 75 8.30 20.01 13.62
C PRO C 75 8.48 19.26 14.93
N LEU C 76 7.45 18.51 15.29
CA LEU C 76 7.51 17.60 16.42
C LEU C 76 7.35 16.20 15.89
N ARG C 77 7.82 15.21 16.62
CA ARG C 77 7.70 13.83 16.18
C ARG C 77 6.43 13.23 16.80
N GLY C 78 5.29 13.56 16.22
CA GLY C 78 4.01 12.99 16.63
C GLY C 78 3.50 13.41 18.00
N LYS C 79 2.82 12.49 18.67
CA LYS C 79 2.20 12.75 19.97
C LYS C 79 3.24 13.17 21.02
N VAL C 80 2.98 14.31 21.66
CA VAL C 80 3.92 14.88 22.63
C VAL C 80 3.76 14.31 24.03
N ILE C 81 4.88 14.24 24.78
CA ILE C 81 4.87 13.74 26.15
C ILE C 81 3.81 14.42 27.02
N ASN C 82 3.03 13.61 27.73
CA ASN C 82 2.12 14.17 28.71
C ASN C 82 2.93 14.71 29.87
N THR C 83 3.09 16.02 29.88
CA THR C 83 3.93 16.70 30.86
C THR C 83 3.31 16.72 32.24
N ALA C 84 2.10 16.20 32.35
CA ALA C 84 1.40 16.21 33.63
C ALA C 84 1.23 14.80 34.14
N LYS C 85 1.91 13.85 33.52
CA LYS C 85 1.76 12.46 33.89
C LYS C 85 3.14 11.84 34.10
N ALA C 86 4.19 12.53 33.63
CA ALA C 86 5.55 12.06 33.81
C ALA C 86 6.27 12.97 34.79
N LYS C 87 7.49 12.60 35.19
CA LYS C 87 8.19 13.42 36.18
C LYS C 87 8.93 14.58 35.54
N MET C 88 10.05 14.99 36.14
CA MET C 88 10.82 16.11 35.61
C MET C 88 11.88 15.60 34.64
N ALA C 89 12.68 14.63 35.11
CA ALA C 89 13.78 14.08 34.34
C ALA C 89 13.26 13.42 33.06
N ASP C 90 12.21 12.61 33.21
CA ASP C 90 11.60 11.97 32.06
C ASP C 90 11.31 13.04 31.00
N ILE C 91 10.71 14.14 31.44
CA ILE C 91 10.37 15.27 30.57
C ILE C 91 11.56 15.94 29.89
N LEU C 92 12.39 16.61 30.69
CA LEU C 92 13.47 17.42 30.15
C LEU C 92 14.40 16.58 29.28
N LYS C 93 14.46 15.28 29.59
CA LYS C 93 15.21 14.31 28.78
C LYS C 93 14.61 14.00 27.40
N ASN C 94 13.33 14.29 27.19
CA ASN C 94 12.70 14.02 25.89
C ASN C 94 12.98 15.09 24.84
N GLU C 95 13.48 14.64 23.70
CA GLU C 95 13.97 15.54 22.67
C GLU C 95 12.99 16.63 22.31
N GLU C 96 11.74 16.26 22.03
CA GLU C 96 10.79 17.22 21.50
C GLU C 96 10.50 18.39 22.43
N ILE C 97 10.29 18.11 23.71
CA ILE C 97 10.14 19.20 24.66
C ILE C 97 11.40 20.05 24.72
N ASN C 98 12.57 19.41 24.81
CA ASN C 98 13.82 20.16 24.94
C ASN C 98 14.05 21.10 23.75
N THR C 99 13.84 20.60 22.54
CA THR C 99 13.99 21.44 21.36
C THR C 99 13.10 22.66 21.44
N MET C 100 11.86 22.47 21.90
CA MET C 100 10.93 23.58 22.05
C MET C 100 11.52 24.63 22.97
N ILE C 101 11.92 24.16 24.15
CA ILE C 101 12.42 25.06 25.17
C ILE C 101 13.54 25.92 24.60
N TYR C 102 14.51 25.28 23.93
CA TYR C 102 15.61 25.99 23.30
C TYR C 102 15.16 27.03 22.28
N THR C 103 14.41 26.62 21.26
CA THR C 103 14.08 27.56 20.18
C THR C 103 13.20 28.73 20.64
N ILE C 104 12.61 28.62 21.81
CA ILE C 104 11.72 29.67 22.30
C ILE C 104 12.46 30.69 23.15
N GLY C 105 13.53 30.25 23.80
CA GLY C 105 14.32 31.13 24.64
C GLY C 105 14.01 31.01 26.13
N ALA C 106 13.18 31.92 26.62
CA ALA C 106 12.80 32.00 28.03
C ALA C 106 13.28 30.87 28.96
N GLY C 107 12.90 29.63 28.67
CA GLY C 107 13.30 28.51 29.48
C GLY C 107 12.20 28.12 30.44
N VAL C 108 12.34 26.97 31.09
CA VAL C 108 11.30 26.48 32.00
C VAL C 108 11.19 27.30 33.31
N ASP C 111 13.34 30.21 36.99
CA ASP C 111 12.63 29.35 36.07
C ASP C 111 12.43 30.02 34.70
N PHE C 112 11.18 30.29 34.33
CA PHE C 112 10.83 30.81 33.01
C PHE C 112 11.64 32.03 32.58
N SER C 113 11.17 33.23 32.92
CA SER C 113 11.69 34.48 32.35
C SER C 113 11.09 34.66 30.96
N ILE C 114 11.24 35.83 30.36
CA ILE C 114 10.55 36.10 29.09
C ILE C 114 11.37 36.96 28.13
N GLU C 115 10.71 37.96 27.57
CA GLU C 115 11.40 39.00 26.82
C GLU C 115 11.85 40.04 27.83
N ALA C 117 13.26 36.88 24.74
CA ALA C 117 13.01 35.99 23.59
C ALA C 117 11.55 35.52 23.59
N ASN C 118 11.03 35.09 22.44
CA ASN C 118 11.77 34.97 21.19
C ASN C 118 10.81 35.14 20.00
N TYR C 119 9.51 35.04 20.31
CA TYR C 119 8.43 35.16 19.33
C TYR C 119 7.22 35.78 20.05
N ASP C 120 6.45 36.61 19.36
CA ASP C 120 5.27 37.20 19.99
C ASP C 120 4.04 36.37 19.63
N LYS C 121 4.30 35.14 19.17
CA LYS C 121 3.24 34.19 18.88
C LYS C 121 3.82 32.79 18.81
N ILE C 122 3.28 31.90 19.62
CA ILE C 122 3.60 30.50 19.47
C ILE C 122 2.30 29.80 19.07
N ILE C 123 2.29 29.25 17.87
CA ILE C 123 1.06 28.84 17.22
C ILE C 123 1.00 27.34 17.00
N ILE C 124 -0.03 26.71 17.51
CA ILE C 124 -0.09 25.29 17.48
C ILE C 124 -0.93 24.94 16.29
N MET C 125 -0.31 24.31 15.31
CA MET C 125 -0.99 24.00 14.08
C MET C 125 -0.88 22.50 13.84
N THR C 126 -1.98 21.81 14.08
CA THR C 126 -1.98 20.35 14.02
C THR C 126 -2.88 19.95 12.88
N ASP C 127 -2.73 18.72 12.42
CA ASP C 127 -3.65 18.19 11.42
C ASP C 127 -5.07 18.47 11.91
N ALA C 128 -6.03 18.39 10.99
CA ALA C 128 -7.38 18.88 11.25
C ALA C 128 -8.25 17.88 11.99
N ASP C 129 -7.82 16.62 12.05
CA ASP C 129 -8.68 15.59 12.61
C ASP C 129 -8.64 15.59 14.13
N THR C 130 -8.97 14.46 14.72
CA THR C 130 -9.12 14.35 16.15
C THR C 130 -7.82 14.02 16.85
N ASP C 131 -6.96 13.28 16.17
CA ASP C 131 -5.62 13.04 16.69
C ASP C 131 -4.87 14.36 16.81
N GLY C 132 -5.21 15.32 15.95
CA GLY C 132 -4.72 16.69 16.08
C GLY C 132 -5.20 17.33 17.36
N ALA C 133 -6.49 17.21 17.64
CA ALA C 133 -7.06 17.73 18.87
C ALA C 133 -6.43 17.13 20.12
N HIS C 134 -5.98 15.88 20.06
CA HIS C 134 -5.28 15.31 21.20
C HIS C 134 -3.96 16.02 21.43
N ILE C 135 -3.20 16.18 20.35
CA ILE C 135 -1.92 16.85 20.44
C ILE C 135 -2.10 18.27 20.95
N GLN C 136 -3.13 18.97 20.47
CA GLN C 136 -3.39 20.30 21.01
C GLN C 136 -3.51 20.23 22.53
N THR C 137 -4.28 19.26 23.00
CA THR C 137 -4.51 19.03 24.42
C THR C 137 -3.22 18.83 25.17
N LEU C 138 -2.35 17.99 24.62
CA LEU C 138 -1.04 17.74 25.20
C LEU C 138 -0.12 18.98 25.18
N LEU C 139 -0.06 19.68 24.06
CA LEU C 139 0.82 20.84 23.95
C LEU C 139 0.39 21.93 24.92
N LEU C 140 -0.92 22.14 25.03
CA LEU C 140 -1.44 23.15 25.94
C LEU C 140 -1.08 22.85 27.39
N THR C 141 -1.21 21.60 27.81
CA THR C 141 -0.87 21.32 29.21
C THR C 141 0.60 21.60 29.48
N PHE C 142 1.48 21.30 28.53
CA PHE C 142 2.89 21.61 28.71
C PHE C 142 3.12 23.09 28.93
N PHE C 143 2.58 23.91 28.03
CA PHE C 143 2.65 25.34 28.22
C PHE C 143 2.01 25.77 29.53
N TYR C 144 0.80 25.30 29.79
CA TYR C 144 0.13 25.65 31.03
C TYR C 144 0.95 25.28 32.27
N ARG C 145 1.56 24.10 32.27
CA ARG C 145 2.28 23.61 33.45
C ARG C 145 3.58 24.36 33.66
N TYR C 146 4.46 24.35 32.67
CA TYR C 146 5.75 25.04 32.79
C TYR C 146 5.72 26.52 32.37
N MET C 147 5.74 26.76 31.06
CA MET C 147 5.67 28.11 30.50
C MET C 147 4.42 28.96 30.86
N ARG C 148 3.88 28.79 32.07
CA ARG C 148 2.61 29.44 32.43
C ARG C 148 2.51 30.94 32.08
N PRO C 149 3.54 31.73 32.44
CA PRO C 149 3.50 33.16 32.17
C PRO C 149 3.19 33.40 30.70
N LEU C 150 3.76 32.56 29.84
CA LEU C 150 3.53 32.62 28.41
C LEU C 150 2.04 32.58 28.13
N VAL C 151 1.37 31.55 28.66
CA VAL C 151 -0.06 31.38 28.45
C VAL C 151 -0.87 32.50 29.07
N GLU C 152 -0.54 32.86 30.31
CA GLU C 152 -1.24 33.93 31.01
C GLU C 152 -1.11 35.22 30.21
N ALA C 153 0.07 35.41 29.61
CA ALA C 153 0.38 36.59 28.82
C ALA C 153 -0.54 36.78 27.61
N GLY C 154 -0.85 35.68 26.93
CA GLY C 154 -1.69 35.74 25.75
C GLY C 154 -0.87 35.56 24.48
N HIS C 155 0.10 34.64 24.55
CA HIS C 155 1.03 34.38 23.45
C HIS C 155 0.87 33.02 22.79
N VAL C 156 0.04 32.16 23.39
CA VAL C 156 -0.21 30.85 22.83
C VAL C 156 -1.47 30.82 21.97
N TYR C 157 -1.30 30.42 20.73
CA TYR C 157 -2.40 30.44 19.77
C TYR C 157 -2.68 29.02 19.25
N ILE C 158 -3.90 28.81 18.79
CA ILE C 158 -4.22 27.59 18.09
C ILE C 158 -4.65 27.98 16.68
N ALA C 159 -4.06 27.33 15.68
CA ALA C 159 -4.39 27.65 14.30
C ALA C 159 -5.36 26.62 13.81
N LEU C 160 -6.30 27.04 12.98
CA LEU C 160 -7.47 26.23 12.71
C LEU C 160 -7.58 25.87 11.23
N PRO C 161 -6.76 24.90 10.76
CA PRO C 161 -6.69 24.55 9.35
C PRO C 161 -7.81 23.60 8.99
N PRO C 162 -8.34 23.69 7.76
CA PRO C 162 -9.49 22.94 7.23
C PRO C 162 -9.30 21.45 7.32
N LEU C 163 -10.42 20.74 7.40
CA LEU C 163 -10.41 19.29 7.32
C LEU C 163 -10.91 18.87 5.96
N TYR C 164 -12.08 19.39 5.59
CA TYR C 164 -12.75 19.06 4.33
C TYR C 164 -12.75 20.23 3.34
N LYS C 165 -12.49 19.95 2.07
CA LYS C 165 -12.73 20.93 1.01
C LYS C 165 -13.64 20.33 -0.06
N MET C 166 -14.71 21.06 -0.38
CA MET C 166 -15.72 20.55 -1.31
C MET C 166 -15.72 21.42 -2.55
N SER C 167 -15.85 20.81 -3.72
CA SER C 167 -15.76 21.57 -4.97
C SER C 167 -16.77 21.10 -6.02
N LYS C 168 -17.37 22.05 -6.73
CA LYS C 168 -18.35 21.78 -7.79
C LYS C 168 -18.01 22.44 -9.14
N LYS C 172 -12.72 26.28 -15.57
CA LYS C 172 -12.59 27.72 -15.37
C LYS C 172 -13.57 28.22 -14.32
N LYS C 173 -14.75 27.61 -14.29
CA LYS C 173 -15.75 27.91 -13.27
C LYS C 173 -15.74 26.81 -12.21
N GLU C 174 -15.30 27.17 -11.01
CA GLU C 174 -15.25 26.25 -9.88
C GLU C 174 -15.78 26.92 -8.64
N GLU C 175 -16.58 26.19 -7.87
CA GLU C 175 -17.05 26.71 -6.59
C GLU C 175 -16.48 25.83 -5.48
N VAL C 176 -15.87 26.46 -4.49
CA VAL C 176 -15.14 25.74 -3.47
C VAL C 176 -15.39 26.29 -2.05
N ALA C 177 -15.73 25.38 -1.16
CA ALA C 177 -15.95 25.73 0.23
C ALA C 177 -15.10 24.82 1.14
N TYR C 178 -14.95 25.22 2.40
CA TYR C 178 -14.19 24.47 3.37
C TYR C 178 -15.02 24.15 4.61
N ALA C 179 -14.81 22.97 5.18
CA ALA C 179 -15.47 22.56 6.40
C ALA C 179 -14.43 22.23 7.46
N TRP C 180 -14.82 22.29 8.72
CA TRP C 180 -13.86 22.01 9.80
C TRP C 180 -14.25 20.83 10.69
N THR C 181 -15.51 20.41 10.58
CA THR C 181 -16.01 19.24 11.31
C THR C 181 -17.40 18.82 10.86
N ASP C 182 -17.52 17.53 10.57
CA ASP C 182 -18.80 16.85 10.35
C ASP C 182 -20.03 17.72 10.08
N GLY C 183 -20.51 18.42 11.10
CA GLY C 183 -21.68 19.26 10.94
C GLY C 183 -21.55 20.22 9.77
N GLU C 184 -20.43 20.92 9.73
CA GLU C 184 -20.14 21.85 8.64
C GLU C 184 -20.26 21.16 7.30
N LEU C 185 -19.82 19.90 7.27
CA LEU C 185 -19.86 19.08 6.07
C LEU C 185 -21.27 18.94 5.52
N GLU C 186 -22.23 18.59 6.38
CA GLU C 186 -23.61 18.41 5.95
C GLU C 186 -24.17 19.64 5.24
N GLU C 187 -23.97 20.81 5.86
CA GLU C 187 -24.41 22.09 5.28
C GLU C 187 -23.74 22.37 3.93
N LEU C 188 -22.42 22.14 3.88
CA LEU C 188 -21.66 22.28 2.64
C LEU C 188 -22.22 21.37 1.54
N ARG C 189 -22.50 20.11 1.89
CA ARG C 189 -23.09 19.13 0.98
C ARG C 189 -24.44 19.59 0.44
N LYS C 190 -25.29 20.13 1.33
CA LYS C 190 -26.57 20.68 0.91
C LYS C 190 -26.37 21.78 -0.13
N GLN C 191 -25.45 22.70 0.15
CA GLN C 191 -25.17 23.81 -0.76
C GLN C 191 -24.75 23.34 -2.15
N PHE C 192 -23.64 22.61 -2.22
CA PHE C 192 -23.10 22.15 -3.49
C PHE C 192 -24.02 21.22 -4.30
N GLY C 193 -25.13 20.82 -3.70
CA GLY C 193 -25.88 19.63 -4.13
C GLY C 193 -25.13 18.68 -5.03
N LYS C 194 -25.82 18.11 -6.02
CA LYS C 194 -25.23 17.07 -6.87
C LYS C 194 -23.85 17.45 -7.43
N GLY C 195 -23.10 16.45 -7.87
CA GLY C 195 -21.88 16.67 -8.62
C GLY C 195 -20.62 16.89 -7.82
N ALA C 196 -20.76 17.46 -6.63
CA ALA C 196 -19.60 17.86 -5.83
C ALA C 196 -18.63 16.74 -5.48
N THR C 197 -17.33 17.02 -5.57
CA THR C 197 -16.33 16.13 -4.98
C THR C 197 -15.84 16.70 -3.64
N LEU C 198 -15.59 15.81 -2.70
CA LEU C 198 -15.18 16.20 -1.37
C LEU C 198 -13.82 15.60 -1.08
N GLN C 199 -12.96 16.42 -0.51
CA GLN C 199 -11.59 16.02 -0.26
C GLN C 199 -11.37 16.21 1.23
N ARG C 200 -10.66 15.28 1.85
CA ARG C 200 -10.43 15.36 3.29
C ARG C 200 -8.97 15.30 3.58
N TYR C 201 -8.45 16.36 4.20
CA TYR C 201 -7.03 16.46 4.50
C TYR C 201 -6.76 15.65 5.74
N LYS C 202 -6.42 14.40 5.51
CA LYS C 202 -6.15 13.48 6.60
C LYS C 202 -4.70 13.67 6.96
N GLY C 203 -4.36 14.88 7.40
CA GLY C 203 -2.97 15.26 7.57
C GLY C 203 -2.59 16.48 6.76
N LEU C 204 -1.72 17.32 7.29
CA LEU C 204 -1.45 18.64 6.71
C LEU C 204 -0.66 18.57 5.40
N GLY C 205 0.30 17.65 5.33
CA GLY C 205 1.06 17.46 4.10
C GLY C 205 0.23 17.06 2.89
N GLU C 206 -1.09 17.00 3.07
CA GLU C 206 -1.96 16.54 2.01
C GLU C 206 -2.57 17.71 1.25
N MET C 207 -2.50 18.91 1.81
CA MET C 207 -2.94 20.09 1.05
C MET C 207 -1.75 20.84 0.50
N ASN C 208 -1.97 21.67 -0.51
CA ASN C 208 -0.85 22.34 -1.18
C ASN C 208 -0.42 23.62 -0.48
N ALA C 209 0.54 24.31 -1.07
CA ALA C 209 1.16 25.45 -0.44
C ALA C 209 0.19 26.61 -0.42
N ASP C 210 -0.27 26.96 -1.62
CA ASP C 210 -1.19 28.07 -1.82
C ASP C 210 -2.38 27.92 -0.87
N GLN C 211 -2.91 26.70 -0.80
CA GLN C 211 -4.05 26.40 0.06
C GLN C 211 -3.76 26.70 1.54
N LEU C 212 -2.71 26.10 2.09
CA LEU C 212 -2.37 26.28 3.50
C LEU C 212 -2.23 27.75 3.80
N TRP C 213 -1.58 28.46 2.88
CA TRP C 213 -1.41 29.90 3.06
C TRP C 213 -2.76 30.61 3.07
N GLU C 214 -3.48 30.55 1.94
CA GLU C 214 -4.71 31.31 1.76
C GLU C 214 -5.73 31.06 2.89
N THR C 215 -5.82 29.82 3.35
CA THR C 215 -6.76 29.48 4.40
C THR C 215 -6.29 29.78 5.82
N THR C 216 -5.11 29.29 6.20
CA THR C 216 -4.79 29.23 7.62
C THR C 216 -3.50 29.88 8.13
N MET C 217 -2.71 30.52 7.26
CA MET C 217 -1.49 31.18 7.74
C MET C 217 -1.41 32.68 7.46
N ASN C 218 -1.84 33.08 6.28
CA ASN C 218 -1.87 34.50 5.91
C ASN C 218 -2.78 35.30 6.85
N PRO C 219 -2.18 36.21 7.64
CA PRO C 219 -2.89 36.99 8.66
C PRO C 219 -4.07 37.78 8.10
N GLU C 220 -4.00 38.21 6.85
CA GLU C 220 -5.09 38.98 6.26
C GLU C 220 -6.40 38.19 6.24
N THR C 221 -6.33 36.92 5.84
CA THR C 221 -7.54 36.12 5.65
C THR C 221 -7.66 34.92 6.59
N ARG C 222 -6.66 34.73 7.44
CA ARG C 222 -6.65 33.64 8.41
C ARG C 222 -7.44 34.02 9.64
N THR C 223 -7.72 33.05 10.49
CA THR C 223 -8.18 33.35 11.84
C THR C 223 -7.55 32.42 12.87
N LEU C 224 -7.15 32.99 14.01
CA LEU C 224 -6.41 32.28 15.04
C LEU C 224 -7.19 32.25 16.34
N ILE C 225 -6.90 31.25 17.16
CA ILE C 225 -7.50 31.19 18.48
C ILE C 225 -6.47 31.64 19.49
N ARG C 226 -6.91 32.45 20.44
CA ARG C 226 -5.97 33.02 21.38
C ARG C 226 -6.30 32.47 22.76
N VAL C 227 -5.34 31.78 23.36
CA VAL C 227 -5.64 31.01 24.53
C VAL C 227 -5.23 31.80 25.74
N THR C 228 -6.20 32.01 26.62
CA THR C 228 -5.98 32.76 27.83
C THR C 228 -6.53 31.93 28.96
N ILE C 229 -6.05 32.18 30.17
CA ILE C 229 -6.60 31.49 31.31
C ILE C 229 -7.38 32.48 32.19
N GLU C 230 -8.63 32.14 32.49
CA GLU C 230 -9.56 33.09 33.10
C GLU C 230 -9.91 32.71 34.52
N ASP C 231 -9.37 31.59 34.98
CA ASP C 231 -9.21 31.40 36.40
C ASP C 231 -7.74 31.06 36.56
N LEU C 232 -7.38 30.33 37.60
CA LEU C 232 -6.17 29.53 37.56
C LEU C 232 -6.65 28.21 38.12
N ALA C 233 -7.42 28.33 39.19
CA ALA C 233 -7.95 27.20 39.94
C ALA C 233 -8.75 26.27 39.05
N ARG C 234 -9.60 26.85 38.20
CA ARG C 234 -10.41 26.08 37.26
C ARG C 234 -9.51 25.33 36.28
N ALA C 235 -8.53 26.05 35.73
CA ALA C 235 -7.61 25.43 34.78
C ALA C 235 -6.92 24.24 35.43
N GLU C 236 -6.30 24.46 36.58
CA GLU C 236 -5.62 23.41 37.30
C GLU C 236 -6.59 22.24 37.49
N ARG C 237 -7.79 22.55 38.00
CA ARG C 237 -8.80 21.54 38.28
C ARG C 237 -9.03 20.71 37.05
N ARG C 238 -9.34 21.38 35.95
CA ARG C 238 -9.66 20.70 34.71
C ARG C 238 -8.50 19.91 34.13
N VAL C 239 -7.36 20.55 33.97
CA VAL C 239 -6.21 19.89 33.39
C VAL C 239 -5.91 18.60 34.15
N ASN C 240 -5.84 18.70 35.47
CA ASN C 240 -5.53 17.53 36.27
C ASN C 240 -6.48 16.34 36.12
N VAL C 241 -7.75 16.59 35.82
CA VAL C 241 -8.67 15.48 35.58
C VAL C 241 -8.41 14.83 34.24
N LEU C 242 -8.54 15.64 33.19
CA LEU C 242 -8.40 15.12 31.85
C LEU C 242 -7.00 14.54 31.67
N MET C 243 -6.01 15.41 31.81
CA MET C 243 -4.60 15.07 31.58
C MET C 243 -3.93 14.35 32.73
N GLY C 244 -4.65 14.22 33.84
CA GLY C 244 -4.05 13.75 35.08
C GLY C 244 -3.42 12.37 35.04
N ASP C 245 -3.37 11.72 36.20
CA ASP C 245 -2.80 10.41 36.29
C ASP C 245 -3.79 9.41 36.90
N LYS C 246 -4.92 9.94 37.35
CA LYS C 246 -5.81 9.20 38.24
C LYS C 246 -6.88 8.32 37.56
N VAL C 247 -7.26 8.64 36.32
CA VAL C 247 -8.24 7.84 35.58
C VAL C 247 -9.65 7.89 36.16
N GLU C 248 -9.82 7.34 37.35
CA GLU C 248 -11.13 7.22 37.97
C GLU C 248 -12.02 8.46 37.80
N PRO C 249 -11.47 9.67 37.99
CA PRO C 249 -12.19 10.93 37.77
C PRO C 249 -12.41 11.26 36.30
N ARG C 250 -11.34 11.14 35.52
CA ARG C 250 -11.44 11.26 34.07
C ARG C 250 -12.65 10.46 33.57
N ARG C 251 -12.69 9.16 33.87
CA ARG C 251 -13.80 8.33 33.40
C ARG C 251 -15.15 8.98 33.69
N LYS C 252 -15.34 9.41 34.94
CA LYS C 252 -16.61 10.01 35.34
C LYS C 252 -16.88 11.23 34.46
N TRP C 253 -15.86 12.08 34.34
CA TRP C 253 -15.97 13.28 33.52
C TRP C 253 -16.45 12.95 32.11
N ILE C 254 -15.95 11.85 31.57
CA ILE C 254 -16.44 11.34 30.30
C ILE C 254 -17.91 11.00 30.37
N GLU C 255 -18.27 10.04 31.22
CA GLU C 255 -19.65 9.56 31.29
C GLU C 255 -20.62 10.73 31.36
N ASP C 256 -20.37 11.62 32.31
CA ASP C 256 -21.27 12.72 32.61
C ASP C 256 -21.33 13.79 31.52
N ASN C 257 -20.28 13.91 30.72
CA ASN C 257 -20.17 15.08 29.84
C ASN C 257 -19.95 14.76 28.37
N VAL C 258 -19.31 13.64 28.09
CA VAL C 258 -19.19 13.17 26.71
C VAL C 258 -20.56 12.73 26.25
N LYS C 259 -21.10 13.44 25.27
CA LYS C 259 -22.42 13.12 24.73
C LYS C 259 -22.29 12.09 23.60
N PHE C 260 -22.44 10.81 23.93
CA PHE C 260 -22.34 9.74 22.92
C PHE C 260 -23.65 9.67 22.17
N THR C 261 -24.34 10.81 22.07
CA THR C 261 -25.74 10.86 21.61
C THR C 261 -26.42 9.50 21.47
N LYS D 36 21.89 -9.56 17.20
CA LYS D 36 21.42 -10.69 18.00
C LYS D 36 21.02 -11.88 17.12
N LEU D 37 21.39 -13.06 17.59
CA LEU D 37 21.35 -14.31 16.83
C LEU D 37 20.41 -15.32 17.49
N THR D 38 20.00 -16.33 16.74
CA THR D 38 19.22 -17.43 17.30
C THR D 38 20.01 -18.74 17.23
N PRO D 39 20.72 -19.08 18.32
CA PRO D 39 21.72 -20.15 18.38
C PRO D 39 21.11 -21.51 18.60
N ALA D 40 21.87 -22.57 18.32
CA ALA D 40 21.36 -23.93 18.51
C ALA D 40 21.49 -24.39 19.95
N GLN D 41 20.70 -25.38 20.33
CA GLN D 41 20.72 -25.88 21.70
C GLN D 41 22.14 -26.29 22.08
N SER D 42 22.64 -27.35 21.44
CA SER D 42 23.98 -27.86 21.72
C SER D 42 25.07 -26.98 21.13
N LYS D 43 26.16 -26.80 21.88
CA LYS D 43 27.34 -26.11 21.35
C LYS D 43 28.38 -27.16 21.00
N ASN D 44 28.34 -27.58 19.75
CA ASN D 44 29.10 -28.72 19.24
C ASN D 44 29.64 -28.39 17.84
N PRO D 45 30.83 -27.76 17.78
CA PRO D 45 31.46 -27.34 16.52
C PRO D 45 31.71 -28.48 15.54
N ALA D 46 31.20 -29.67 15.81
CA ALA D 46 31.41 -30.80 14.91
C ALA D 46 30.26 -30.96 13.92
N LYS D 47 29.03 -30.82 14.40
CA LYS D 47 27.84 -30.87 13.54
C LYS D 47 26.83 -29.81 14.00
N ASN D 48 27.05 -28.58 13.59
CA ASN D 48 26.11 -27.51 13.87
C ASN D 48 26.30 -26.46 12.78
N GLU D 49 25.19 -25.95 12.24
CA GLU D 49 25.24 -25.10 11.06
C GLU D 49 24.78 -23.68 11.37
N LEU D 50 25.40 -22.71 10.72
CA LEU D 50 25.07 -21.31 10.90
C LEU D 50 24.46 -20.80 9.63
N TYR D 51 23.22 -20.36 9.72
CA TYR D 51 22.46 -19.98 8.54
C TYR D 51 22.42 -18.48 8.48
N LEU D 52 23.00 -17.94 7.43
CA LEU D 52 23.11 -16.49 7.27
C LEU D 52 22.02 -16.07 6.34
N VAL D 53 21.28 -15.06 6.76
CA VAL D 53 20.01 -14.73 6.17
C VAL D 53 19.96 -13.23 5.90
N GLU D 54 19.03 -12.84 5.04
CA GLU D 54 19.09 -11.55 4.39
C GLU D 54 18.42 -10.49 5.26
N GLY D 55 17.66 -10.94 6.26
CA GLY D 55 16.96 -10.03 7.15
C GLY D 55 16.09 -10.66 8.24
N ASP D 56 15.46 -9.82 9.04
CA ASP D 56 14.64 -10.26 10.17
C ASP D 56 13.41 -11.00 9.71
N SER D 57 12.75 -10.49 8.66
CA SER D 57 11.55 -11.14 8.13
C SER D 57 11.86 -12.60 7.70
N ALA D 58 12.93 -12.78 6.93
CA ALA D 58 13.36 -14.12 6.56
C ALA D 58 13.81 -14.90 7.79
N GLY D 59 14.43 -14.18 8.72
CA GLY D 59 14.93 -14.79 9.94
C GLY D 59 13.83 -15.55 10.64
N GLY D 60 12.64 -14.95 10.66
CA GLY D 60 11.50 -15.58 11.31
C GLY D 60 11.21 -16.93 10.67
N SER D 61 11.08 -16.92 9.36
CA SER D 61 10.82 -18.13 8.61
C SER D 61 11.87 -19.18 8.92
N ALA D 62 13.12 -18.77 8.93
CA ALA D 62 14.20 -19.68 9.26
C ALA D 62 14.03 -20.24 10.66
N LYS D 63 14.01 -19.36 11.65
CA LYS D 63 13.94 -19.80 13.04
C LYS D 63 12.83 -20.81 13.20
N GLN D 64 11.68 -20.52 12.60
CA GLN D 64 10.52 -21.36 12.77
C GLN D 64 10.69 -22.76 12.18
N GLY D 65 10.87 -22.86 10.87
CA GLY D 65 11.12 -24.15 10.25
C GLY D 65 12.60 -24.45 10.37
N ARG D 66 12.96 -25.39 11.24
CA ARG D 66 14.36 -25.55 11.61
C ARG D 66 14.50 -26.51 12.76
N ASP D 67 15.61 -27.26 12.77
CA ASP D 67 15.91 -28.18 13.86
C ASP D 67 16.84 -27.48 14.87
N ARG D 68 16.27 -27.04 15.99
CA ARG D 68 17.02 -26.19 16.91
C ARG D 68 18.17 -26.91 17.62
N LYS D 69 18.31 -28.21 17.36
CA LYS D 69 19.38 -29.00 17.97
C LYS D 69 20.75 -28.56 17.43
N PHE D 70 20.85 -28.41 16.11
CA PHE D 70 22.11 -28.01 15.49
C PHE D 70 21.88 -27.07 14.30
N GLN D 71 21.12 -26.00 14.51
CA GLN D 71 20.93 -24.99 13.46
C GLN D 71 20.74 -23.62 14.07
N ALA D 72 21.66 -22.72 13.72
CA ALA D 72 21.69 -21.38 14.27
C ALA D 72 21.34 -20.44 13.13
N ILE D 73 20.79 -19.29 13.48
CA ILE D 73 20.30 -18.38 12.48
C ILE D 73 20.71 -16.94 12.77
N LEU D 74 21.36 -16.32 11.79
CA LEU D 74 21.94 -15.01 11.99
C LEU D 74 21.53 -14.08 10.85
N PRO D 75 20.68 -13.10 11.17
CA PRO D 75 20.18 -12.10 10.23
C PRO D 75 21.19 -11.02 9.92
N LEU D 76 21.17 -10.57 8.67
CA LEU D 76 21.95 -9.42 8.23
C LEU D 76 20.97 -8.34 7.82
N ARG D 77 21.41 -7.08 7.87
CA ARG D 77 20.55 -5.99 7.48
C ARG D 77 20.79 -5.66 6.00
N GLY D 78 20.22 -6.49 5.12
CA GLY D 78 20.26 -6.26 3.70
C GLY D 78 21.61 -6.44 3.01
N LYS D 79 21.85 -5.65 1.97
CA LYS D 79 23.10 -5.73 1.20
C LYS D 79 24.33 -5.52 2.06
N VAL D 80 25.27 -6.45 1.99
CA VAL D 80 26.48 -6.44 2.82
C VAL D 80 27.61 -5.59 2.22
N ILE D 81 28.42 -4.98 3.09
CA ILE D 81 29.55 -4.15 2.67
C ILE D 81 30.44 -4.87 1.66
N ASN D 82 30.75 -4.20 0.55
CA ASN D 82 31.74 -4.75 -0.35
C ASN D 82 33.11 -4.67 0.30
N THR D 83 33.56 -5.81 0.81
CA THR D 83 34.80 -5.92 1.57
C THR D 83 36.03 -5.76 0.70
N ALA D 84 35.82 -5.65 -0.60
CA ALA D 84 36.93 -5.53 -1.54
C ALA D 84 36.94 -4.16 -2.19
N LYS D 85 36.15 -3.25 -1.67
CA LYS D 85 36.03 -1.92 -2.25
C LYS D 85 36.22 -0.86 -1.15
N ALA D 86 36.11 -1.29 0.11
CA ALA D 86 36.31 -0.38 1.24
C ALA D 86 37.61 -0.72 1.95
N LYS D 87 38.02 0.10 2.91
CA LYS D 87 39.29 -0.15 3.58
C LYS D 87 39.15 -1.15 4.72
N MET D 88 39.98 -1.02 5.75
CA MET D 88 39.93 -1.93 6.87
C MET D 88 38.99 -1.38 7.94
N ALA D 89 39.22 -0.13 8.34
CA ALA D 89 38.46 0.52 9.38
C ALA D 89 36.99 0.60 9.00
N ASP D 90 36.74 1.06 7.77
CA ASP D 90 35.38 1.15 7.28
C ASP D 90 34.69 -0.19 7.50
N ILE D 91 35.37 -1.27 7.14
CA ILE D 91 34.86 -2.63 7.29
C ILE D 91 34.59 -3.05 8.74
N LEU D 92 35.65 -3.19 9.53
CA LEU D 92 35.53 -3.73 10.87
C LEU D 92 34.57 -2.90 11.72
N LYS D 93 34.46 -1.61 11.38
CA LYS D 93 33.49 -0.71 12.01
C LYS D 93 32.00 -0.97 11.63
N ASN D 94 31.74 -1.69 10.54
CA ASN D 94 30.37 -2.00 10.15
C ASN D 94 29.75 -3.16 10.93
N GLU D 95 28.59 -2.90 11.52
CA GLU D 95 27.97 -3.84 12.44
C GLU D 95 27.85 -5.24 11.88
N GLU D 96 27.33 -5.36 10.66
CA GLU D 96 27.01 -6.68 10.14
C GLU D 96 28.20 -7.60 9.97
N ILE D 97 29.29 -7.07 9.44
CA ILE D 97 30.52 -7.86 9.39
C ILE D 97 31.01 -8.23 10.79
N ASN D 98 31.03 -7.25 11.70
CA ASN D 98 31.54 -7.50 13.05
C ASN D 98 30.75 -8.60 13.76
N THR D 99 29.43 -8.54 13.68
CA THR D 99 28.60 -9.55 14.30
C THR D 99 28.95 -10.93 13.76
N MET D 100 29.19 -11.02 12.46
CA MET D 100 29.57 -12.30 11.84
C MET D 100 30.83 -12.81 12.49
N ILE D 101 31.83 -11.96 12.48
CA ILE D 101 33.14 -12.34 12.98
C ILE D 101 33.02 -12.92 14.39
N TYR D 102 32.31 -12.21 15.26
CA TYR D 102 32.07 -12.68 16.62
C TYR D 102 31.38 -14.04 16.70
N THR D 103 30.21 -14.18 16.08
CA THR D 103 29.44 -15.42 16.24
C THR D 103 30.12 -16.64 15.63
N ILE D 104 31.14 -16.41 14.80
CA ILE D 104 31.81 -17.52 14.15
C ILE D 104 33.02 -17.99 14.93
N GLY D 105 33.64 -17.08 15.67
CA GLY D 105 34.79 -17.41 16.48
C GLY D 105 36.11 -17.01 15.84
N ALA D 106 36.77 -17.98 15.22
CA ALA D 106 38.08 -17.80 14.57
C ALA D 106 38.65 -16.37 14.53
N GLY D 107 37.93 -15.44 13.90
CA GLY D 107 38.41 -14.06 13.81
C GLY D 107 39.03 -13.81 12.46
N VAL D 108 39.31 -12.54 12.14
CA VAL D 108 39.88 -12.18 10.83
C VAL D 108 41.35 -12.62 10.69
N ASP D 111 46.00 -13.61 12.70
CA ASP D 111 44.77 -13.31 11.96
C ASP D 111 43.68 -14.36 12.27
N PHE D 112 43.27 -15.09 11.25
CA PHE D 112 42.14 -16.01 11.34
C PHE D 112 42.23 -16.98 12.53
N SER D 113 42.86 -18.13 12.31
CA SER D 113 42.79 -19.26 13.25
C SER D 113 41.46 -19.99 13.03
N ILE D 114 41.28 -21.16 13.62
CA ILE D 114 40.10 -21.95 13.31
C ILE D 114 39.56 -22.73 14.52
N GLU D 115 39.27 -24.00 14.29
CA GLU D 115 38.97 -24.94 15.36
C GLU D 115 40.31 -25.47 15.85
N ALA D 117 36.57 -22.94 16.98
CA ALA D 117 35.19 -22.53 16.75
C ALA D 117 34.84 -22.57 15.25
N ASN D 118 33.56 -22.63 14.90
CA ASN D 118 32.44 -22.63 15.83
C ASN D 118 31.25 -23.37 15.21
N TYR D 119 31.35 -23.63 13.91
CA TYR D 119 30.34 -24.36 13.15
C TYR D 119 31.07 -25.11 12.02
N ASP D 120 30.59 -26.30 11.66
CA ASP D 120 31.21 -27.03 10.57
C ASP D 120 30.46 -26.76 9.27
N LYS D 121 29.67 -25.69 9.28
CA LYS D 121 28.98 -25.23 8.09
C LYS D 121 28.54 -23.80 8.29
N ILE D 122 28.94 -22.93 7.36
CA ILE D 122 28.40 -21.60 7.33
C ILE D 122 27.65 -21.48 6.02
N ILE D 123 26.34 -21.29 6.11
CA ILE D 123 25.45 -21.47 4.98
C ILE D 123 24.76 -20.19 4.58
N ILE D 124 24.92 -19.80 3.33
CA ILE D 124 24.44 -18.52 2.91
C ILE D 124 23.12 -18.80 2.27
N MET D 125 22.06 -18.29 2.89
CA MET D 125 20.72 -18.55 2.43
C MET D 125 20.05 -17.21 2.20
N THR D 126 19.91 -16.86 0.93
CA THR D 126 19.37 -15.57 0.56
C THR D 126 18.07 -15.78 -0.17
N ASP D 127 17.27 -14.73 -0.25
CA ASP D 127 16.05 -14.80 -1.03
C ASP D 127 16.41 -15.37 -2.41
N ALA D 128 15.40 -15.84 -3.13
CA ALA D 128 15.65 -16.64 -4.32
C ALA D 128 15.92 -15.81 -5.56
N ASP D 129 15.64 -14.51 -5.50
CA ASP D 129 15.73 -13.71 -6.71
C ASP D 129 17.16 -13.29 -6.99
N THR D 130 17.32 -12.21 -7.72
CA THR D 130 18.61 -11.78 -8.20
C THR D 130 19.33 -10.88 -7.21
N ASP D 131 18.56 -10.11 -6.46
CA ASP D 131 19.14 -9.33 -5.38
C ASP D 131 19.77 -10.27 -4.35
N GLY D 132 19.21 -11.48 -4.24
CA GLY D 132 19.81 -12.53 -3.43
C GLY D 132 21.17 -12.93 -3.98
N ALA D 133 21.23 -13.15 -5.28
CA ALA D 133 22.49 -13.47 -5.95
C ALA D 133 23.54 -12.40 -5.77
N HIS D 134 23.14 -11.15 -5.68
CA HIS D 134 24.12 -10.10 -5.42
C HIS D 134 24.72 -10.27 -4.04
N ILE D 135 23.85 -10.48 -3.05
CA ILE D 135 24.30 -10.65 -1.69
C ILE D 135 25.21 -11.86 -1.59
N GLN D 136 24.87 -12.94 -2.27
CA GLN D 136 25.77 -14.10 -2.27
C GLN D 136 27.16 -13.68 -2.73
N THR D 137 27.20 -12.91 -3.80
CA THR D 137 28.43 -12.39 -4.39
C THR D 137 29.24 -11.61 -3.38
N LEU D 138 28.56 -10.71 -2.67
CA LEU D 138 29.20 -9.93 -1.63
C LEU D 138 29.69 -10.77 -0.43
N LEU D 139 28.85 -11.68 0.05
CA LEU D 139 29.23 -12.50 1.21
C LEU D 139 30.42 -13.36 0.89
N LEU D 140 30.43 -13.94 -0.32
CA LEU D 140 31.54 -14.77 -0.72
C LEU D 140 32.85 -14.00 -0.77
N THR D 141 32.84 -12.80 -1.32
CA THR D 141 34.11 -12.07 -1.37
C THR D 141 34.64 -11.79 0.02
N PHE D 142 33.75 -11.49 0.98
CA PHE D 142 34.20 -11.27 2.34
C PHE D 142 34.91 -12.50 2.91
N PHE D 143 34.26 -13.65 2.80
CA PHE D 143 34.89 -14.88 3.22
C PHE D 143 36.18 -15.13 2.45
N TYR D 144 36.13 -15.01 1.14
CA TYR D 144 37.32 -15.21 0.33
C TYR D 144 38.47 -14.29 0.73
N ARG D 145 38.16 -13.01 0.97
CA ARG D 145 39.20 -12.03 1.29
C ARG D 145 39.81 -12.26 2.67
N TYR D 146 38.98 -12.23 3.70
CA TYR D 146 39.47 -12.43 5.07
C TYR D 146 39.54 -13.90 5.52
N MET D 147 38.39 -14.46 5.88
CA MET D 147 38.28 -15.86 6.29
C MET D 147 38.73 -16.92 5.28
N ARG D 148 39.73 -16.62 4.45
CA ARG D 148 40.14 -17.53 3.36
C ARG D 148 40.27 -19.00 3.74
N PRO D 149 40.99 -19.29 4.83
CA PRO D 149 41.16 -20.69 5.24
C PRO D 149 39.82 -21.39 5.32
N LEU D 150 38.83 -20.67 5.82
CA LEU D 150 37.47 -21.18 5.93
C LEU D 150 37.01 -21.69 4.57
N VAL D 151 37.12 -20.83 3.57
CA VAL D 151 36.68 -21.17 2.22
C VAL D 151 37.51 -22.29 1.61
N GLU D 152 38.83 -22.19 1.77
CA GLU D 152 39.74 -23.20 1.23
C GLU D 152 39.43 -24.55 1.87
N ALA D 153 39.08 -24.50 3.15
CA ALA D 153 38.72 -25.69 3.93
C ALA D 153 37.54 -26.47 3.37
N GLY D 154 36.51 -25.75 2.93
CA GLY D 154 35.31 -26.38 2.43
C GLY D 154 34.17 -26.28 3.42
N HIS D 155 34.07 -25.13 4.06
CA HIS D 155 33.06 -24.90 5.09
C HIS D 155 31.98 -23.88 4.72
N VAL D 156 32.17 -23.21 3.59
CA VAL D 156 31.19 -22.23 3.13
C VAL D 156 30.24 -22.83 2.13
N TYR D 157 28.95 -22.73 2.44
CA TYR D 157 27.92 -23.34 1.61
C TYR D 157 26.95 -22.28 1.07
N ILE D 158 26.30 -22.61 -0.04
CA ILE D 158 25.21 -21.78 -0.50
C ILE D 158 23.97 -22.64 -0.50
N ALA D 159 22.90 -22.13 0.09
CA ALA D 159 21.66 -22.88 0.17
C ALA D 159 20.74 -22.37 -0.92
N LEU D 160 19.98 -23.28 -1.52
CA LEU D 160 19.32 -22.99 -2.78
C LEU D 160 17.80 -23.09 -2.66
N PRO D 161 17.17 -22.07 -2.05
CA PRO D 161 15.73 -22.09 -1.77
C PRO D 161 14.96 -21.69 -3.01
N PRO D 162 13.77 -22.26 -3.22
CA PRO D 162 12.88 -22.07 -4.38
C PRO D 162 12.51 -20.63 -4.61
N LEU D 163 12.22 -20.31 -5.87
CA LEU D 163 11.70 -19.01 -6.22
C LEU D 163 10.23 -19.15 -6.52
N TYR D 164 9.90 -20.09 -7.41
CA TYR D 164 8.53 -20.34 -7.85
C TYR D 164 7.97 -21.67 -7.34
N LYS D 165 6.71 -21.67 -6.91
CA LYS D 165 5.99 -22.91 -6.65
C LYS D 165 4.68 -22.94 -7.43
N MET D 166 4.47 -24.02 -8.17
CA MET D 166 3.32 -24.12 -9.05
C MET D 166 2.43 -25.24 -8.55
N SER D 167 1.12 -25.04 -8.59
CA SER D 167 0.19 -26.04 -8.04
C SER D 167 -1.06 -26.21 -8.89
N LYS D 168 -1.50 -27.46 -9.07
CA LYS D 168 -2.72 -27.81 -9.84
C LYS D 168 -3.74 -28.66 -9.05
N GLU D 174 -3.66 -32.61 -4.85
CA GLU D 174 -2.90 -31.43 -5.28
C GLU D 174 -1.58 -31.89 -5.88
N GLU D 175 -1.18 -31.28 -6.98
CA GLU D 175 0.13 -31.55 -7.56
C GLU D 175 0.97 -30.28 -7.49
N VAL D 176 2.18 -30.40 -6.96
CA VAL D 176 3.01 -29.25 -6.68
C VAL D 176 4.48 -29.45 -7.06
N ALA D 177 4.99 -28.49 -7.82
CA ALA D 177 6.38 -28.51 -8.23
C ALA D 177 7.05 -27.18 -7.86
N TYR D 178 8.38 -27.16 -7.90
CA TYR D 178 9.13 -25.97 -7.59
C TYR D 178 10.10 -25.63 -8.70
N ALA D 179 10.30 -24.34 -8.93
CA ALA D 179 11.24 -23.85 -9.93
C ALA D 179 12.25 -22.94 -9.26
N TRP D 180 13.43 -22.78 -9.88
CA TRP D 180 14.47 -21.95 -9.29
C TRP D 180 14.87 -20.76 -10.15
N THR D 181 14.48 -20.80 -11.43
CA THR D 181 14.75 -19.70 -12.36
C THR D 181 14.01 -19.87 -13.68
N ASP D 182 13.32 -18.82 -14.08
CA ASP D 182 12.74 -18.65 -15.42
C ASP D 182 12.61 -19.91 -16.29
N GLY D 183 13.74 -20.41 -16.77
CA GLY D 183 13.72 -21.60 -17.61
C GLY D 183 12.92 -22.73 -16.98
N GLU D 184 13.24 -23.03 -15.73
CA GLU D 184 12.56 -24.08 -14.98
C GLU D 184 11.05 -23.83 -15.00
N LEU D 185 10.68 -22.56 -14.91
CA LEU D 185 9.29 -22.15 -14.90
C LEU D 185 8.56 -22.62 -16.16
N GLU D 186 9.14 -22.37 -17.33
CA GLU D 186 8.51 -22.75 -18.60
C GLU D 186 8.15 -24.23 -18.63
N GLU D 187 9.12 -25.08 -18.28
CA GLU D 187 8.92 -26.53 -18.23
C GLU D 187 7.85 -26.93 -17.22
N LEU D 188 7.88 -26.32 -16.05
CA LEU D 188 6.85 -26.54 -15.03
C LEU D 188 5.45 -26.18 -15.56
N ARG D 189 5.36 -25.03 -16.22
CA ARG D 189 4.12 -24.55 -16.85
C ARG D 189 3.58 -25.55 -17.88
N LYS D 190 4.48 -26.07 -18.73
CA LYS D 190 4.11 -27.09 -19.70
C LYS D 190 3.51 -28.31 -19.00
N GLN D 191 4.17 -28.77 -17.95
CA GLN D 191 3.71 -29.93 -17.20
C GLN D 191 2.30 -29.74 -16.63
N PHE D 192 2.13 -28.75 -15.76
CA PHE D 192 0.86 -28.49 -15.11
C PHE D 192 -0.31 -28.16 -16.04
N GLY D 193 0.00 -27.97 -17.33
CA GLY D 193 -0.87 -27.25 -18.24
C GLY D 193 -1.94 -26.38 -17.60
N LYS D 194 -3.13 -26.36 -18.18
CA LYS D 194 -4.18 -25.45 -17.74
C LYS D 194 -4.42 -25.50 -16.22
N GLY D 195 -5.04 -24.46 -15.69
CA GLY D 195 -5.54 -24.48 -14.33
C GLY D 195 -4.56 -24.06 -13.24
N ALA D 196 -3.28 -24.31 -13.48
CA ALA D 196 -2.26 -24.10 -12.45
C ALA D 196 -2.17 -22.66 -11.91
N THR D 197 -1.99 -22.54 -10.60
CA THR D 197 -1.61 -21.26 -10.03
C THR D 197 -0.12 -21.27 -9.70
N LEU D 198 0.53 -20.13 -9.90
CA LEU D 198 1.96 -20.01 -9.69
C LEU D 198 2.20 -18.96 -8.64
N GLN D 199 3.10 -19.27 -7.72
CA GLN D 199 3.39 -18.42 -6.60
C GLN D 199 4.88 -18.11 -6.66
N ARG D 200 5.26 -16.88 -6.36
CA ARG D 200 6.66 -16.52 -6.43
C ARG D 200 7.09 -15.92 -5.12
N TYR D 201 8.07 -16.56 -4.49
CA TYR D 201 8.56 -16.13 -3.20
C TYR D 201 9.50 -14.98 -3.43
N LYS D 202 8.94 -13.78 -3.38
CA LYS D 202 9.70 -12.57 -3.59
C LYS D 202 10.29 -12.18 -2.25
N GLY D 203 11.13 -13.05 -1.70
CA GLY D 203 11.59 -12.91 -0.33
C GLY D 203 11.25 -14.13 0.51
N LEU D 204 12.13 -14.48 1.44
CA LEU D 204 12.02 -15.76 2.15
C LEU D 204 10.88 -15.80 3.17
N GLY D 205 10.62 -14.67 3.83
CA GLY D 205 9.51 -14.57 4.77
C GLY D 205 8.15 -14.78 4.13
N GLU D 206 8.13 -15.10 2.84
CA GLU D 206 6.88 -15.24 2.11
C GLU D 206 6.46 -16.71 2.01
N MET D 207 7.37 -17.64 2.29
CA MET D 207 6.97 -19.05 2.33
C MET D 207 6.84 -19.50 3.77
N ASN D 208 6.13 -20.59 4.00
CA ASN D 208 5.85 -21.01 5.37
C ASN D 208 6.97 -21.86 5.97
N ALA D 209 6.74 -22.35 7.18
CA ALA D 209 7.78 -23.03 7.94
C ALA D 209 8.04 -24.39 7.34
N ASP D 210 6.96 -25.16 7.23
CA ASP D 210 7.02 -26.51 6.70
C ASP D 210 7.70 -26.50 5.35
N GLN D 211 7.32 -25.53 4.51
CA GLN D 211 7.91 -25.40 3.17
C GLN D 211 9.43 -25.19 3.21
N LEU D 212 9.89 -24.16 3.91
CA LEU D 212 11.31 -23.85 3.98
C LEU D 212 12.07 -25.07 4.45
N TRP D 213 11.50 -25.76 5.43
CA TRP D 213 12.15 -26.97 5.94
C TRP D 213 12.22 -28.04 4.86
N GLU D 214 11.06 -28.51 4.42
CA GLU D 214 10.97 -29.64 3.48
C GLU D 214 11.82 -29.44 2.22
N THR D 215 11.85 -28.22 1.71
CA THR D 215 12.62 -27.92 0.52
C THR D 215 14.11 -27.68 0.73
N THR D 216 14.45 -26.76 1.64
CA THR D 216 15.82 -26.23 1.62
C THR D 216 16.67 -26.28 2.89
N MET D 217 16.15 -26.84 3.99
CA MET D 217 16.95 -26.93 5.21
C MET D 217 17.17 -28.34 5.75
N ASN D 218 16.14 -29.17 5.71
CA ASN D 218 16.24 -30.55 6.13
C ASN D 218 17.26 -31.32 5.30
N PRO D 219 18.36 -31.75 5.92
CA PRO D 219 19.48 -32.42 5.24
C PRO D 219 19.06 -33.65 4.45
N GLU D 220 18.04 -34.36 4.92
CA GLU D 220 17.59 -35.56 4.22
C GLU D 220 17.15 -35.26 2.78
N THR D 221 16.38 -34.18 2.59
CA THR D 221 15.79 -33.88 1.28
C THR D 221 16.29 -32.59 0.65
N ARG D 222 17.17 -31.88 1.35
CA ARG D 222 17.73 -30.62 0.86
C ARG D 222 18.91 -30.90 -0.02
N THR D 223 19.37 -29.87 -0.72
CA THR D 223 20.67 -29.93 -1.37
C THR D 223 21.43 -28.61 -1.23
N LEU D 224 22.72 -28.72 -0.96
CA LEU D 224 23.57 -27.56 -0.67
C LEU D 224 24.68 -27.43 -1.69
N ILE D 225 25.18 -26.22 -1.86
CA ILE D 225 26.32 -26.00 -2.72
C ILE D 225 27.54 -25.81 -1.85
N ARG D 226 28.64 -26.44 -2.24
CA ARG D 226 29.82 -26.42 -1.41
C ARG D 226 30.89 -25.66 -2.15
N VAL D 227 31.36 -24.56 -1.56
CA VAL D 227 32.19 -23.64 -2.30
C VAL D 227 33.63 -23.91 -1.97
N THR D 228 34.39 -24.18 -3.01
CA THR D 228 35.80 -24.48 -2.88
C THR D 228 36.53 -23.60 -3.84
N ILE D 229 37.80 -23.35 -3.59
CA ILE D 229 38.59 -22.58 -4.53
C ILE D 229 39.64 -23.51 -5.18
N GLU D 230 39.66 -23.52 -6.51
CA GLU D 230 40.41 -24.51 -7.26
C GLU D 230 41.58 -23.90 -8.00
N ASP D 231 41.73 -22.59 -7.88
CA ASP D 231 43.03 -21.99 -8.08
C ASP D 231 43.25 -21.18 -6.82
N LEU D 232 44.06 -20.12 -6.89
CA LEU D 232 43.90 -19.01 -5.96
C LEU D 232 43.96 -17.82 -6.88
N ALA D 233 44.90 -17.88 -7.79
CA ALA D 233 45.18 -16.83 -8.75
C ALA D 233 43.95 -16.47 -9.57
N ARG D 234 43.23 -17.49 -10.04
CA ARG D 234 42.00 -17.30 -10.80
C ARG D 234 40.97 -16.59 -9.95
N ALA D 235 40.80 -17.07 -8.71
CA ALA D 235 39.83 -16.47 -7.80
C ALA D 235 40.13 -15.01 -7.60
N GLU D 236 41.37 -14.71 -7.20
CA GLU D 236 41.79 -13.34 -7.02
C GLU D 236 41.48 -12.53 -8.28
N ARG D 237 41.91 -13.05 -9.43
CA ARG D 237 41.74 -12.38 -10.70
C ARG D 237 40.28 -12.01 -10.87
N ARG D 238 39.43 -13.02 -10.74
CA ARG D 238 37.99 -12.83 -10.97
C ARG D 238 37.35 -11.89 -9.97
N VAL D 239 37.54 -12.17 -8.70
CA VAL D 239 36.92 -11.35 -7.67
C VAL D 239 37.28 -9.88 -7.89
N ASN D 240 38.56 -9.60 -8.09
CA ASN D 240 38.99 -8.21 -8.26
C ASN D 240 38.36 -7.47 -9.44
N VAL D 241 37.99 -8.18 -10.51
CA VAL D 241 37.29 -7.52 -11.61
C VAL D 241 35.86 -7.21 -11.26
N LEU D 242 35.11 -8.26 -10.93
CA LEU D 242 33.70 -8.10 -10.65
C LEU D 242 33.52 -7.18 -9.46
N MET D 243 34.05 -7.62 -8.32
CA MET D 243 33.90 -6.93 -7.04
C MET D 243 34.85 -5.76 -6.85
N GLY D 244 35.77 -5.58 -7.77
CA GLY D 244 36.86 -4.63 -7.62
C GLY D 244 36.46 -3.19 -7.39
N ASP D 245 37.36 -2.28 -7.74
CA ASP D 245 37.09 -0.86 -7.57
C ASP D 245 37.23 -0.12 -8.90
N LYS D 246 37.70 -0.84 -9.92
CA LYS D 246 38.17 -0.20 -11.14
C LYS D 246 37.12 0.07 -12.25
N VAL D 247 36.01 -0.67 -12.25
CA VAL D 247 34.94 -0.45 -13.23
C VAL D 247 35.33 -0.78 -14.66
N GLU D 248 36.26 0.00 -15.21
CA GLU D 248 36.64 -0.14 -16.62
C GLU D 248 36.75 -1.61 -17.10
N PRO D 249 37.38 -2.48 -16.29
CA PRO D 249 37.48 -3.91 -16.59
C PRO D 249 36.16 -4.66 -16.41
N ARG D 250 35.53 -4.44 -15.26
CA ARG D 250 34.20 -4.97 -15.03
C ARG D 250 33.34 -4.74 -16.26
N ARG D 251 33.22 -3.50 -16.71
CA ARG D 251 32.37 -3.22 -17.87
C ARG D 251 32.67 -4.15 -19.02
N LYS D 252 33.96 -4.29 -19.35
CA LYS D 252 34.36 -5.12 -20.47
C LYS D 252 33.88 -6.54 -20.22
N TRP D 253 34.16 -7.04 -19.01
CA TRP D 253 33.76 -8.38 -18.61
C TRP D 253 32.27 -8.60 -18.86
N ILE D 254 31.47 -7.58 -18.58
CA ILE D 254 30.05 -7.60 -18.91
C ILE D 254 29.82 -7.73 -20.40
N GLU D 255 30.28 -6.75 -21.17
CA GLU D 255 30.02 -6.73 -22.60
C GLU D 255 30.33 -8.08 -23.21
N ASP D 256 31.54 -8.57 -22.95
CA ASP D 256 32.07 -9.79 -23.55
C ASP D 256 31.37 -11.06 -23.11
N ASN D 257 30.79 -11.06 -21.91
CA ASN D 257 30.35 -12.32 -21.31
C ASN D 257 28.88 -12.36 -20.89
N VAL D 258 28.34 -11.21 -20.50
CA VAL D 258 26.92 -11.07 -20.24
C VAL D 258 26.15 -11.23 -21.54
N LYS D 259 25.48 -12.36 -21.68
CA LYS D 259 24.65 -12.60 -22.86
C LYS D 259 23.28 -11.90 -22.77
N PHE D 260 23.16 -10.70 -23.32
CA PHE D 260 21.90 -9.97 -23.30
C PHE D 260 21.00 -10.52 -24.39
N THR D 261 21.17 -11.80 -24.71
CA THR D 261 20.58 -12.41 -25.91
C THR D 261 19.94 -11.42 -26.88
#